data_9L9A
#
_entry.id   9L9A
#
_cell.length_a   1.00
_cell.length_b   1.00
_cell.length_c   1.00
_cell.angle_alpha   90.00
_cell.angle_beta   90.00
_cell.angle_gamma   90.00
#
_symmetry.space_group_name_H-M   'P 1'
#
loop_
_entity.id
_entity.type
_entity.pdbx_description
1 polymer 'Spike glycoprotein E1'
2 polymer 'Spike glycoprotein E2'
3 polymer 'Very low-density lipoprotein receptor'
4 non-polymer 'CALCIUM ION'
#
loop_
_entity_poly.entity_id
_entity_poly.type
_entity_poly.pdbx_seq_one_letter_code
_entity_poly.pdbx_strand_id
1 'polypeptide(L)'
;FEHATTVPNVPGIPYKALVERAGYAPLNLEITVVSSELTPSTNKEYVTCKFHTVIPSPQVKCCGSLECKASSKADYTCRV
FGGVYPFMWGGAQCFCDSENTQLSEAYVEFAPDCTIDHAVALKVHTAALKVGLRIVYGNTTAHLDTFVNGVTPGSSRDLK
VIAGPISAAFSPFDHKVVIRKGLVYNYDFPEYGAMKPGAFGDIQASSLDATDIVARTDIRLLKPSVKNIHVPYTQAVSGY
EMWKNNSGRPLQETAPFGCKIEVEPLRASNCAYGHIPISIDIPDAAFVRSSESPTILEVSCTVADCIYSADFGGSLTLQY
KADREGHCPVHSHSTTAVLKEATTHVTATGSITLHFSTSSPQANFIVSLCGKKTTCNAECKPPADHIIGEPHKVDQEFQA
AVSKTSWNWLL
;
A,G
2 'polypeptide(L)'
;ITDDFTLTSPYLGFCPYCRHSAPCFSPIKIENVWDESDDGSIRIQVSAQFGYNQAGTADVTKFRYMSYDHDHDIKEDSME
KIAISTSGPCRRLGHKGYFLLAQCPPGDSVTVSITSGASENSCTVEKKIRRKFVGREEYLFPPVQGKLVKCHVYDRLKET
SAGYITMHRPGPHAYKSYLKEASGEVYIKPPSGKNVTYECKCGDYSTGIVSTQTKMNGCTKARQCIAYKLDQTKWVFNSP
DLIRHTDHSVQGKLHIPFRLTPTVCPVPLAHTPTVTKWFKGITLHLTATRPTLLTTRKLGLRADATAEWITGTTSRNFSV
GREGLEYVWGNHEPVRVWAQESAPGDPHGWPHEIIIHYYHRHPVYTVIV
;
B,H
3 'polypeptide(L)'
;KTCAESDFVCNNGQCVPSRWKCDGDPDCEDGSDESPEQCHMRTCRIHEISCGAHSTQCIPVSWRCDGENDCDSGEDEENC
GN
;
M
#
# COMPACT_ATOMS: atom_id res chain seq x y z
N PHE A 1 27.49 -43.51 38.79
CA PHE A 1 28.49 -43.79 37.76
C PHE A 1 28.50 -42.72 36.69
N GLU A 2 29.64 -42.04 36.54
CA GLU A 2 29.76 -40.99 35.55
C GLU A 2 29.74 -41.56 34.14
N HIS A 3 29.45 -40.69 33.17
CA HIS A 3 29.40 -41.08 31.77
C HIS A 3 29.68 -39.86 30.92
N ALA A 4 30.90 -39.76 30.40
CA ALA A 4 31.27 -38.64 29.54
C ALA A 4 30.50 -38.71 28.22
N THR A 5 30.04 -37.55 27.77
CA THR A 5 29.26 -37.48 26.54
C THR A 5 29.48 -36.12 25.89
N THR A 6 29.23 -36.07 24.58
CA THR A 6 29.24 -34.83 23.82
C THR A 6 27.87 -34.62 23.21
N VAL A 7 27.28 -33.45 23.46
CA VAL A 7 25.92 -33.15 23.04
C VAL A 7 25.98 -31.91 22.14
N PRO A 8 25.44 -31.97 20.92
CA PRO A 8 25.41 -30.76 20.08
C PRO A 8 24.46 -29.73 20.66
N ASN A 9 24.86 -28.46 20.53
CA ASN A 9 24.06 -27.35 21.05
C ASN A 9 23.07 -26.91 19.97
N VAL A 10 21.99 -27.69 19.87
CA VAL A 10 20.87 -27.34 18.99
C VAL A 10 19.59 -27.45 19.81
N PRO A 11 19.05 -26.34 20.32
CA PRO A 11 17.90 -26.42 21.22
C PRO A 11 16.68 -27.04 20.55
N GLY A 12 15.96 -27.86 21.31
CA GLY A 12 14.73 -28.45 20.84
C GLY A 12 14.82 -29.92 20.50
N ILE A 13 15.91 -30.33 19.86
CA ILE A 13 16.05 -31.71 19.39
C ILE A 13 16.78 -32.53 20.45
N PRO A 14 16.46 -33.82 20.59
CA PRO A 14 17.13 -34.63 21.61
C PRO A 14 18.42 -35.25 21.12
N TYR A 15 19.08 -36.02 21.98
CA TYR A 15 20.29 -36.76 21.62
C TYR A 15 20.28 -38.06 22.41
N LYS A 16 19.85 -39.14 21.76
CA LYS A 16 19.78 -40.43 22.41
C LYS A 16 21.17 -40.97 22.72
N ALA A 17 21.28 -41.68 23.85
CA ALA A 17 22.52 -42.32 24.24
C ALA A 17 22.19 -43.49 25.14
N LEU A 18 23.11 -44.45 25.21
CA LEU A 18 22.96 -45.63 26.04
C LEU A 18 24.16 -45.74 26.97
N VAL A 19 23.90 -45.92 28.26
CA VAL A 19 24.94 -46.10 29.27
C VAL A 19 24.85 -47.53 29.77
N GLU A 20 26.00 -48.23 29.77
CA GLU A 20 26.04 -49.64 30.13
C GLU A 20 27.20 -49.88 31.08
N ARG A 21 26.93 -50.64 32.14
CA ARG A 21 27.97 -51.09 33.06
C ARG A 21 27.90 -52.61 33.19
N ALA A 22 29.06 -53.22 33.34
CA ALA A 22 29.15 -54.67 33.42
C ALA A 22 28.40 -55.18 34.64
N GLY A 23 27.64 -56.26 34.46
CA GLY A 23 26.85 -56.80 35.56
C GLY A 23 25.61 -56.00 35.88
N TYR A 24 25.21 -55.06 35.02
CA TYR A 24 24.05 -54.23 35.25
C TYR A 24 23.24 -54.11 33.97
N ALA A 25 21.93 -53.96 34.13
CA ALA A 25 21.06 -53.78 32.97
C ALA A 25 21.33 -52.44 32.31
N PRO A 26 21.31 -52.37 30.98
CA PRO A 26 21.52 -51.08 30.30
C PRO A 26 20.40 -50.10 30.63
N LEU A 27 20.76 -48.81 30.66
CA LEU A 27 19.83 -47.74 30.97
C LEU A 27 19.83 -46.73 29.83
N ASN A 28 18.62 -46.34 29.39
CA ASN A 28 18.50 -45.33 28.37
C ASN A 28 18.87 -43.96 28.93
N LEU A 29 19.32 -43.07 28.05
CA LEU A 29 19.72 -41.73 28.46
C LEU A 29 19.49 -40.77 27.30
N GLU A 30 18.71 -39.72 27.53
CA GLU A 30 18.46 -38.69 26.54
C GLU A 30 18.72 -37.33 27.16
N ILE A 31 19.31 -36.43 26.37
CA ILE A 31 19.66 -35.09 26.83
C ILE A 31 19.07 -34.08 25.88
N THR A 32 18.28 -33.14 26.40
CA THR A 32 17.58 -32.17 25.59
C THR A 32 17.83 -30.77 26.15
N VAL A 33 18.12 -29.83 25.25
CA VAL A 33 18.33 -28.44 25.62
C VAL A 33 17.06 -27.65 25.29
N VAL A 34 16.53 -26.94 26.28
CA VAL A 34 15.29 -26.19 26.10
C VAL A 34 15.51 -24.68 26.16
N SER A 35 16.66 -24.21 26.62
CA SER A 35 16.92 -22.78 26.70
C SER A 35 18.42 -22.56 26.85
N SER A 36 18.95 -21.57 26.13
CA SER A 36 20.38 -21.27 26.17
C SER A 36 20.55 -19.79 25.87
N GLU A 37 20.75 -18.99 26.92
CA GLU A 37 20.98 -17.57 26.79
C GLU A 37 22.38 -17.23 27.28
N LEU A 38 23.09 -16.43 26.49
CA LEU A 38 24.41 -15.95 26.86
C LEU A 38 24.31 -14.49 27.27
N THR A 39 24.72 -14.18 28.50
CA THR A 39 24.53 -12.86 29.08
C THR A 39 25.88 -12.17 29.24
N PRO A 40 26.20 -11.18 28.41
CA PRO A 40 27.45 -10.44 28.61
C PRO A 40 27.38 -9.55 29.84
N SER A 41 28.56 -9.22 30.37
CA SER A 41 28.69 -8.35 31.52
C SER A 41 28.71 -6.90 31.05
N THR A 42 27.63 -6.18 31.33
CA THR A 42 27.44 -4.84 30.81
C THR A 42 27.94 -3.79 31.79
N ASN A 43 28.16 -2.57 31.28
CA ASN A 43 28.56 -1.45 32.12
C ASN A 43 28.13 -0.16 31.41
N LYS A 44 27.02 0.42 31.86
CA LYS A 44 26.58 1.70 31.31
C LYS A 44 27.59 2.79 31.63
N GLU A 45 27.73 3.75 30.71
CA GLU A 45 28.61 4.87 30.98
C GLU A 45 27.89 6.21 30.81
N TYR A 46 26.88 6.27 29.95
CA TYR A 46 26.04 7.47 29.86
C TYR A 46 24.79 7.15 29.04
N VAL A 47 23.83 8.06 29.11
CA VAL A 47 22.61 8.01 28.31
C VAL A 47 22.44 9.35 27.61
N THR A 48 21.68 9.34 26.53
CA THR A 48 21.48 10.55 25.75
C THR A 48 20.09 10.57 25.13
N CYS A 49 19.62 11.78 24.84
CA CYS A 49 18.34 11.98 24.16
C CYS A 49 18.47 13.25 23.33
N LYS A 50 17.33 13.74 22.84
CA LYS A 50 17.33 14.95 22.02
C LYS A 50 17.39 16.17 22.91
N PHE A 51 18.43 16.99 22.74
CA PHE A 51 18.56 18.18 23.57
C PHE A 51 17.53 19.22 23.20
N HIS A 52 17.09 19.97 24.20
CA HIS A 52 16.09 21.03 24.02
C HIS A 52 16.75 22.34 24.43
N THR A 53 17.08 23.16 23.43
CA THR A 53 17.75 24.42 23.70
C THR A 53 16.80 25.39 24.42
N VAL A 54 17.26 25.93 25.53
CA VAL A 54 16.51 26.95 26.27
C VAL A 54 17.31 28.24 26.26
N ILE A 55 16.62 29.36 26.08
CA ILE A 55 17.25 30.66 26.02
C ILE A 55 16.61 31.56 27.05
N PRO A 56 17.30 31.88 28.15
CA PRO A 56 16.70 32.74 29.16
C PRO A 56 16.54 34.17 28.66
N SER A 57 15.67 34.91 29.34
CA SER A 57 15.39 36.28 28.93
C SER A 57 16.67 37.11 28.96
N PRO A 58 17.00 37.81 27.87
CA PRO A 58 18.26 38.56 27.83
C PRO A 58 18.22 39.75 28.78
N GLN A 59 19.30 39.92 29.54
CA GLN A 59 19.41 41.06 30.44
C GLN A 59 20.10 42.22 29.74
N VAL A 60 19.52 43.40 29.85
CA VAL A 60 20.06 44.60 29.23
C VAL A 60 20.31 45.64 30.30
N LYS A 61 21.41 46.37 30.15
CA LYS A 61 21.77 47.46 31.05
C LYS A 61 21.87 48.74 30.23
N CYS A 62 21.15 49.77 30.67
CA CYS A 62 21.06 51.00 29.91
C CYS A 62 22.35 51.79 30.09
N CYS A 63 23.29 51.54 29.19
CA CYS A 63 24.63 52.14 29.18
C CYS A 63 25.32 52.01 30.53
N GLY A 64 25.55 50.75 30.89
CA GLY A 64 26.46 50.41 31.97
C GLY A 64 27.26 49.19 31.58
N SER A 65 28.41 49.03 32.21
CA SER A 65 29.30 47.92 31.89
C SER A 65 28.66 46.60 32.32
N LEU A 66 28.74 45.60 31.45
CA LEU A 66 28.16 44.30 31.72
C LEU A 66 29.07 43.19 31.22
N GLU A 67 29.22 42.14 32.02
CA GLU A 67 29.98 40.96 31.64
C GLU A 67 29.49 39.80 32.50
N CYS A 68 29.42 38.61 31.91
CA CYS A 68 28.89 37.45 32.61
C CYS A 68 30.02 36.68 33.28
N LYS A 69 29.64 35.63 33.99
CA LYS A 69 30.56 34.70 34.63
C LYS A 69 30.40 33.31 34.00
N ALA A 70 31.26 32.39 34.43
CA ALA A 70 31.26 31.03 33.92
C ALA A 70 30.47 30.14 34.87
N SER A 71 29.53 29.38 34.31
CA SER A 71 28.68 28.49 35.08
C SER A 71 28.88 27.05 34.63
N SER A 72 28.26 26.13 35.36
CA SER A 72 28.38 24.71 35.10
C SER A 72 27.24 24.16 34.24
N LYS A 73 26.40 25.03 33.71
CA LYS A 73 25.34 24.58 32.81
C LYS A 73 25.93 24.01 31.53
N ALA A 74 25.16 23.14 30.88
CA ALA A 74 25.65 22.45 29.69
C ALA A 74 25.78 23.44 28.53
N ASP A 75 26.98 23.50 27.96
CA ASP A 75 27.25 24.31 26.76
C ASP A 75 26.85 25.77 26.97
N TYR A 76 27.21 26.32 28.13
CA TYR A 76 26.97 27.73 28.40
C TYR A 76 27.72 28.59 27.39
N THR A 77 27.11 29.72 27.02
CA THR A 77 27.73 30.62 26.05
C THR A 77 27.25 32.04 26.29
N CYS A 78 28.20 32.96 26.49
CA CYS A 78 27.93 34.37 26.63
C CYS A 78 28.41 35.15 25.42
N ARG A 79 27.66 36.18 25.06
CA ARG A 79 28.11 37.13 24.05
C ARG A 79 27.53 38.49 24.40
N VAL A 80 28.40 39.47 24.62
CA VAL A 80 27.98 40.82 24.99
C VAL A 80 28.07 41.72 23.77
N PHE A 81 27.04 42.52 23.56
CA PHE A 81 26.96 43.40 22.41
C PHE A 81 26.87 44.86 22.87
N GLY A 82 27.33 45.76 22.01
CA GLY A 82 27.31 47.17 22.32
C GLY A 82 26.60 48.00 21.26
N GLY A 83 25.87 49.01 21.69
CA GLY A 83 25.14 49.87 20.77
C GLY A 83 23.85 49.25 20.27
N VAL A 84 22.90 49.01 21.19
CA VAL A 84 21.62 48.41 20.84
C VAL A 84 20.50 49.38 21.19
N TYR A 85 19.26 48.98 20.93
CA TYR A 85 18.10 49.78 21.29
C TYR A 85 16.86 48.89 21.30
N PRO A 86 16.64 48.12 22.37
CA PRO A 86 15.49 47.21 22.41
C PRO A 86 14.17 47.96 22.29
N PHE A 87 13.21 47.33 21.60
CA PHE A 87 11.89 47.90 21.38
C PHE A 87 10.86 46.86 21.82
N MET A 88 10.19 47.11 22.93
CA MET A 88 9.11 46.26 23.39
C MET A 88 7.78 46.86 22.95
N TRP A 89 6.68 46.33 23.49
CA TRP A 89 5.36 46.87 23.15
C TRP A 89 5.28 48.34 23.49
N GLY A 90 5.74 48.72 24.68
CA GLY A 90 6.00 50.11 24.97
C GLY A 90 7.45 50.43 24.63
N GLY A 91 7.65 51.15 23.54
CA GLY A 91 8.97 51.26 22.96
C GLY A 91 9.97 52.01 23.83
N ALA A 92 11.21 52.03 23.36
CA ALA A 92 12.32 52.72 24.02
C ALA A 92 12.53 52.19 25.44
N GLN A 93 12.92 50.91 25.52
CA GLN A 93 13.13 50.28 26.81
C GLN A 93 14.23 50.96 27.61
N CYS A 94 15.35 51.29 26.96
CA CYS A 94 16.44 51.99 27.62
C CYS A 94 16.44 53.47 27.31
N PHE A 95 16.82 54.26 28.31
CA PHE A 95 16.86 55.72 28.21
C PHE A 95 18.11 56.23 27.55
N CYS A 96 19.14 55.40 27.40
CA CYS A 96 20.48 55.83 27.05
C CYS A 96 20.77 55.42 25.61
N ASP A 97 21.21 56.36 24.80
CA ASP A 97 21.29 56.17 23.36
C ASP A 97 22.68 55.68 22.94
N SER A 98 22.70 54.59 22.15
CA SER A 98 23.89 54.08 21.48
C SER A 98 25.03 53.74 22.43
N GLU A 99 24.72 53.49 23.70
CA GLU A 99 25.75 53.07 24.65
C GLU A 99 25.30 51.93 25.55
N ASN A 100 24.03 51.54 25.50
CA ASN A 100 23.56 50.41 26.29
C ASN A 100 24.08 49.10 25.73
N THR A 101 24.22 48.11 26.62
CA THR A 101 24.75 46.81 26.26
C THR A 101 23.80 45.71 26.72
N GLN A 102 23.67 44.68 25.91
CA GLN A 102 22.92 43.48 26.27
C GLN A 102 23.81 42.27 26.08
N LEU A 103 23.53 41.22 26.84
CA LEU A 103 24.28 39.97 26.76
C LEU A 103 23.32 38.83 26.48
N SER A 104 23.74 37.91 25.63
CA SER A 104 22.94 36.75 25.30
C SER A 104 23.20 35.62 26.30
N GLU A 105 22.47 34.53 26.13
CA GLU A 105 22.58 33.37 27.01
C GLU A 105 21.87 32.17 26.40
N ALA A 106 22.50 31.00 26.46
CA ALA A 106 21.89 29.80 25.90
C ALA A 106 22.59 28.58 26.50
N TYR A 107 21.79 27.63 26.98
CA TYR A 107 22.31 26.37 27.48
C TYR A 107 21.28 25.28 27.21
N VAL A 108 21.77 24.06 26.96
CA VAL A 108 20.94 22.96 26.53
C VAL A 108 20.53 22.12 27.73
N GLU A 109 19.38 21.45 27.60
CA GLU A 109 18.85 20.59 28.65
C GLU A 109 18.13 19.40 28.00
N PHE A 110 17.91 18.37 28.80
CA PHE A 110 17.14 17.22 28.31
C PHE A 110 15.70 17.61 28.06
N ALA A 111 15.13 17.08 26.98
CA ALA A 111 13.77 17.39 26.61
C ALA A 111 12.80 16.89 27.68
N PRO A 112 11.69 17.59 27.89
CA PRO A 112 10.71 17.13 28.90
C PRO A 112 10.14 15.76 28.62
N ASP A 113 10.02 15.38 27.34
CA ASP A 113 9.41 14.11 26.97
C ASP A 113 10.43 13.09 26.46
N CYS A 114 11.73 13.31 26.71
CA CYS A 114 12.74 12.36 26.29
C CYS A 114 13.03 11.31 27.35
N THR A 115 12.20 11.24 28.41
CA THR A 115 12.30 10.18 29.38
C THR A 115 11.83 8.83 28.84
N ILE A 116 11.22 8.80 27.66
CA ILE A 116 10.69 7.57 27.10
C ILE A 116 11.52 7.04 25.92
N ASP A 117 12.35 7.87 25.29
CA ASP A 117 13.16 7.44 24.15
C ASP A 117 14.62 7.74 24.37
N HIS A 118 15.09 7.67 25.61
CA HIS A 118 16.50 7.86 25.91
C HIS A 118 17.31 6.69 25.37
N ALA A 119 18.45 7.00 24.76
CA ALA A 119 19.36 5.99 24.22
C ALA A 119 20.42 5.69 25.26
N VAL A 120 20.59 4.41 25.57
CA VAL A 120 21.55 3.97 26.58
C VAL A 120 22.78 3.42 25.88
N ALA A 121 23.96 3.82 26.36
CA ALA A 121 25.23 3.37 25.80
C ALA A 121 25.85 2.33 26.73
N LEU A 122 26.26 1.20 26.17
CA LEU A 122 26.76 0.09 26.97
C LEU A 122 28.09 -0.40 26.42
N LYS A 123 28.90 -0.99 27.30
CA LYS A 123 30.14 -1.64 26.94
C LYS A 123 30.09 -3.05 27.50
N VAL A 124 30.28 -4.05 26.63
CA VAL A 124 30.04 -5.44 26.99
C VAL A 124 31.28 -6.27 26.65
N HIS A 125 31.58 -7.25 27.50
CA HIS A 125 32.69 -8.17 27.29
C HIS A 125 32.48 -9.41 28.12
N THR A 126 33.24 -10.46 27.80
CA THR A 126 33.25 -11.73 28.54
C THR A 126 31.84 -12.32 28.59
N ALA A 127 31.41 -12.76 27.42
CA ALA A 127 30.08 -13.36 27.26
C ALA A 127 30.08 -14.77 27.84
N ALA A 128 29.29 -14.98 28.88
CA ALA A 128 29.13 -16.30 29.48
C ALA A 128 28.12 -17.11 28.66
N LEU A 129 27.65 -18.22 29.20
CA LEU A 129 26.65 -19.03 28.51
C LEU A 129 25.94 -19.92 29.52
N LYS A 130 24.64 -19.70 29.71
CA LYS A 130 23.83 -20.45 30.65
C LYS A 130 22.78 -21.26 29.89
N VAL A 131 22.66 -22.55 30.23
CA VAL A 131 21.80 -23.47 29.51
C VAL A 131 20.87 -24.16 30.48
N GLY A 132 19.60 -24.27 30.12
CA GLY A 132 18.64 -25.05 30.88
C GLY A 132 18.47 -26.45 30.34
N LEU A 133 19.03 -27.43 31.03
CA LEU A 133 19.03 -28.81 30.57
C LEU A 133 17.71 -29.50 30.90
N ARG A 134 17.54 -30.69 30.32
CA ARG A 134 16.42 -31.57 30.65
C ARG A 134 16.85 -32.97 30.30
N ILE A 135 16.98 -33.84 31.29
CA ILE A 135 17.47 -35.20 31.09
C ILE A 135 16.51 -36.18 31.74
N VAL A 136 16.28 -37.31 31.06
CA VAL A 136 15.46 -38.39 31.59
C VAL A 136 16.25 -39.69 31.45
N TYR A 137 15.96 -40.65 32.33
CA TYR A 137 16.61 -41.95 32.28
C TYR A 137 15.79 -42.91 33.12
N GLY A 138 15.39 -44.03 32.53
CA GLY A 138 14.70 -45.07 33.28
C GLY A 138 13.47 -44.61 34.03
N ASN A 139 12.51 -44.03 33.31
CA ASN A 139 11.16 -43.62 33.72
C ASN A 139 11.11 -42.43 34.67
N THR A 140 12.23 -41.79 35.00
CA THR A 140 12.21 -40.60 35.83
C THR A 140 12.76 -39.41 35.06
N THR A 141 12.13 -38.26 35.25
CA THR A 141 12.48 -37.03 34.55
C THR A 141 13.22 -36.09 35.49
N ALA A 142 14.14 -35.32 34.92
CA ALA A 142 14.93 -34.35 35.68
C ALA A 142 15.00 -33.04 34.91
N HIS A 143 14.67 -31.95 35.59
CA HIS A 143 14.76 -30.60 35.03
C HIS A 143 15.78 -29.83 35.85
N LEU A 144 16.76 -29.23 35.16
CA LEU A 144 17.83 -28.52 35.85
C LEU A 144 18.42 -27.48 34.94
N ASP A 145 19.18 -26.56 35.54
CA ASP A 145 19.89 -25.52 34.81
C ASP A 145 21.34 -25.49 35.29
N THR A 146 22.25 -25.17 34.37
CA THR A 146 23.66 -25.14 34.70
C THR A 146 24.38 -24.19 33.75
N PHE A 147 25.59 -23.81 34.14
CA PHE A 147 26.42 -22.94 33.33
C PHE A 147 27.19 -23.76 32.31
N VAL A 148 28.14 -23.12 31.63
CA VAL A 148 28.96 -23.78 30.62
C VAL A 148 30.41 -23.94 31.06
N ASN A 149 30.85 -23.23 32.09
CA ASN A 149 32.22 -23.35 32.55
C ASN A 149 32.46 -24.75 33.13
N GLY A 150 33.73 -25.16 33.08
CA GLY A 150 34.10 -26.53 33.39
C GLY A 150 34.18 -26.89 34.85
N VAL A 151 33.90 -25.97 35.76
CA VAL A 151 34.04 -26.20 37.19
C VAL A 151 32.68 -26.28 37.88
N THR A 152 31.88 -25.23 37.77
CA THR A 152 30.65 -25.14 38.55
C THR A 152 29.58 -26.08 38.01
N PRO A 153 29.11 -27.04 38.80
CA PRO A 153 27.99 -27.89 38.36
C PRO A 153 26.64 -27.32 38.75
N GLY A 154 25.67 -27.34 37.83
CA GLY A 154 24.33 -26.95 38.19
C GLY A 154 23.59 -28.13 38.77
N SER A 155 23.54 -28.19 40.10
CA SER A 155 23.08 -29.38 40.79
C SER A 155 21.57 -29.43 40.89
N SER A 156 21.01 -30.61 40.66
CA SER A 156 19.61 -30.88 40.94
C SER A 156 19.51 -31.44 42.36
N ARG A 157 18.34 -31.96 42.72
CA ARG A 157 18.18 -32.55 44.05
C ARG A 157 19.02 -33.80 44.20
N ASP A 158 19.08 -34.64 43.16
CA ASP A 158 19.93 -35.83 43.16
C ASP A 158 21.06 -35.77 42.15
N LEU A 159 20.97 -34.95 41.12
CA LEU A 159 21.91 -35.01 40.00
C LEU A 159 23.15 -34.17 40.27
N LYS A 160 24.19 -34.44 39.48
CA LYS A 160 25.43 -33.65 39.49
C LYS A 160 25.96 -33.67 38.06
N VAL A 161 25.63 -32.62 37.31
CA VAL A 161 26.01 -32.50 35.90
C VAL A 161 27.03 -31.39 35.77
N ILE A 162 28.19 -31.72 35.22
CA ILE A 162 29.26 -30.75 34.99
C ILE A 162 29.35 -30.52 33.49
N ALA A 163 28.88 -29.37 33.03
CA ALA A 163 28.95 -29.03 31.61
C ALA A 163 30.35 -28.51 31.28
N GLY A 164 31.05 -29.22 30.40
CA GLY A 164 32.41 -28.87 30.07
C GLY A 164 32.48 -27.61 29.25
N PRO A 165 33.70 -27.09 29.06
CA PRO A 165 33.87 -25.88 28.25
C PRO A 165 33.40 -26.11 26.82
N ILE A 166 32.77 -25.08 26.25
CA ILE A 166 32.23 -25.17 24.90
C ILE A 166 33.36 -24.91 23.91
N SER A 167 33.44 -25.77 22.88
CA SER A 167 34.53 -25.67 21.92
C SER A 167 34.52 -24.33 21.19
N ALA A 168 33.46 -24.07 20.43
CA ALA A 168 33.34 -22.80 19.75
C ALA A 168 33.01 -21.69 20.74
N ALA A 169 33.35 -20.46 20.36
CA ALA A 169 33.09 -19.30 21.21
C ALA A 169 32.88 -18.08 20.33
N PHE A 170 31.76 -17.40 20.54
CA PHE A 170 31.49 -16.16 19.81
C PHE A 170 30.52 -15.33 20.64
N SER A 171 30.42 -14.06 20.27
CA SER A 171 29.45 -13.16 20.88
C SER A 171 28.86 -12.24 19.82
N PRO A 172 27.54 -12.27 19.61
CA PRO A 172 26.95 -11.36 18.62
C PRO A 172 27.12 -9.90 18.96
N PHE A 173 27.35 -9.58 20.23
CA PHE A 173 27.60 -8.20 20.63
C PHE A 173 29.03 -7.81 20.33
N ASP A 174 29.22 -6.62 19.79
CA ASP A 174 30.56 -6.09 19.57
C ASP A 174 31.06 -5.45 20.86
N HIS A 175 32.17 -4.72 20.78
CA HIS A 175 32.75 -4.12 21.97
C HIS A 175 31.83 -3.05 22.57
N LYS A 176 31.20 -2.26 21.72
CA LYS A 176 30.29 -1.21 22.14
C LYS A 176 28.91 -1.44 21.55
N VAL A 177 27.87 -1.15 22.34
CA VAL A 177 26.50 -1.43 21.95
C VAL A 177 25.59 -0.40 22.59
N VAL A 178 24.65 0.12 21.82
CA VAL A 178 23.67 1.09 22.31
C VAL A 178 22.32 0.42 22.41
N ILE A 179 21.44 1.02 23.21
CA ILE A 179 20.11 0.49 23.49
C ILE A 179 19.11 1.63 23.45
N ARG A 180 17.96 1.41 22.82
CA ARG A 180 16.87 2.38 22.88
C ARG A 180 15.56 1.69 22.57
N LYS A 181 14.55 1.93 23.40
CA LYS A 181 13.18 1.45 23.18
C LYS A 181 13.15 -0.06 22.91
N GLY A 182 13.99 -0.80 23.62
CA GLY A 182 13.98 -2.25 23.54
C GLY A 182 14.66 -2.85 22.35
N LEU A 183 15.28 -2.05 21.48
CA LEU A 183 15.99 -2.54 20.31
C LEU A 183 17.49 -2.42 20.55
N VAL A 184 18.22 -3.50 20.29
CA VAL A 184 19.64 -3.58 20.57
C VAL A 184 20.39 -3.37 19.26
N TYR A 185 21.13 -2.27 19.17
CA TYR A 185 21.89 -1.92 17.98
C TYR A 185 23.34 -2.34 18.15
N ASN A 186 24.20 -1.89 17.24
CA ASN A 186 25.63 -2.16 17.33
C ASN A 186 26.37 -0.94 16.79
N TYR A 187 26.82 -0.07 17.68
CA TYR A 187 27.46 1.18 17.33
C TYR A 187 28.77 1.32 18.10
N ASP A 188 29.54 2.36 17.77
CA ASP A 188 30.76 2.70 18.50
C ASP A 188 30.65 4.18 18.89
N PHE A 189 30.02 4.43 20.03
CA PHE A 189 29.75 5.78 20.47
C PHE A 189 31.02 6.49 20.91
N PRO A 190 31.04 7.82 20.87
CA PRO A 190 32.15 8.56 21.47
C PRO A 190 32.20 8.32 22.98
N GLU A 191 33.41 8.26 23.52
CA GLU A 191 33.58 8.02 24.94
C GLU A 191 33.14 9.24 25.75
N TYR A 192 32.96 9.02 27.05
CA TYR A 192 32.48 10.08 27.93
C TYR A 192 33.44 11.26 27.93
N GLY A 193 32.87 12.47 27.83
CA GLY A 193 33.65 13.69 27.89
C GLY A 193 34.24 14.15 26.58
N ALA A 194 34.08 13.38 25.50
CA ALA A 194 34.61 13.75 24.18
C ALA A 194 33.47 13.67 23.19
N MET A 195 32.73 14.77 23.04
CA MET A 195 31.56 14.81 22.18
C MET A 195 31.94 15.28 20.78
N LYS A 196 31.02 15.10 19.84
CA LYS A 196 31.18 15.57 18.48
C LYS A 196 29.88 16.20 18.01
N PRO A 197 29.90 17.45 17.55
CA PRO A 197 28.65 18.14 17.20
C PRO A 197 27.99 17.50 15.99
N GLY A 198 26.73 17.09 16.15
CA GLY A 198 25.95 16.52 15.07
C GLY A 198 26.00 15.03 14.94
N ALA A 199 26.76 14.34 15.80
CA ALA A 199 26.84 12.88 15.79
C ALA A 199 26.12 12.34 17.02
N PHE A 200 26.19 11.02 17.20
CA PHE A 200 25.62 10.41 18.38
C PHE A 200 26.35 10.88 19.63
N GLY A 201 25.64 10.86 20.75
CA GLY A 201 26.21 11.36 21.99
C GLY A 201 26.46 12.85 21.97
N ASP A 202 25.55 13.63 21.39
CA ASP A 202 25.70 15.08 21.38
C ASP A 202 25.65 15.65 22.79
N ILE A 203 24.76 15.12 23.63
CA ILE A 203 24.60 15.56 25.01
C ILE A 203 24.66 14.34 25.91
N GLN A 204 25.49 14.43 26.95
CA GLN A 204 25.80 13.29 27.80
C GLN A 204 25.31 13.54 29.22
N ALA A 205 24.95 12.46 29.90
CA ALA A 205 24.53 12.55 31.29
C ALA A 205 24.69 11.18 31.94
N SER A 206 25.11 11.17 33.21
CA SER A 206 25.27 9.90 33.92
C SER A 206 23.91 9.25 34.18
N SER A 207 22.91 10.05 34.53
CA SER A 207 21.56 9.57 34.79
C SER A 207 20.57 10.43 34.04
N LEU A 208 19.30 10.00 34.06
CA LEU A 208 18.27 10.73 33.33
C LEU A 208 17.97 12.08 33.97
N ASP A 209 17.94 12.12 35.30
CA ASP A 209 17.66 13.36 36.03
C ASP A 209 18.90 13.98 36.65
N ALA A 210 20.09 13.46 36.33
CA ALA A 210 21.32 13.97 36.92
C ALA A 210 21.60 15.39 36.46
N THR A 211 22.25 16.16 37.33
CA THR A 211 22.57 17.55 37.06
C THR A 211 23.93 17.76 36.42
N ASP A 212 24.73 16.69 36.25
CA ASP A 212 26.05 16.80 35.64
C ASP A 212 26.03 16.63 34.12
N ILE A 213 25.14 17.36 33.44
CA ILE A 213 25.01 17.24 32.00
C ILE A 213 26.15 17.96 31.31
N VAL A 214 26.80 17.28 30.37
CA VAL A 214 27.85 17.86 29.56
C VAL A 214 27.49 17.67 28.09
N ALA A 215 27.57 18.75 27.32
CA ALA A 215 27.19 18.71 25.91
C ALA A 215 28.02 19.71 25.13
N ARG A 216 28.07 19.48 23.82
CA ARG A 216 28.75 20.39 22.90
C ARG A 216 27.98 20.38 21.59
N THR A 217 27.27 21.48 21.31
CA THR A 217 26.50 21.64 20.09
C THR A 217 26.91 22.90 19.34
N ASP A 218 28.11 23.39 19.63
CA ASP A 218 28.76 24.54 18.97
C ASP A 218 27.77 25.63 18.57
N ILE A 219 26.94 26.03 19.54
CA ILE A 219 26.08 27.18 19.34
C ILE A 219 26.94 28.44 19.18
N ARG A 220 26.44 29.39 18.41
CA ARG A 220 27.12 30.67 18.23
C ARG A 220 26.07 31.76 18.07
N LEU A 221 26.14 32.77 18.93
CA LEU A 221 25.17 33.84 18.93
C LEU A 221 25.48 34.83 17.82
N LEU A 222 24.54 35.74 17.59
CA LEU A 222 24.67 36.76 16.56
C LEU A 222 24.30 38.12 17.13
N LYS A 223 24.92 39.16 16.59
CA LYS A 223 24.62 40.51 17.03
C LYS A 223 23.26 40.93 16.48
N PRO A 224 22.29 41.25 17.33
CA PRO A 224 20.96 41.62 16.82
C PRO A 224 20.99 42.89 15.99
N SER A 225 20.17 42.92 14.95
CA SER A 225 20.08 44.08 14.07
C SER A 225 18.63 44.38 13.70
N VAL A 226 17.70 44.05 14.58
CA VAL A 226 16.28 44.29 14.34
C VAL A 226 15.80 45.36 15.32
N LYS A 227 14.70 46.01 14.95
CA LYS A 227 14.20 47.14 15.74
C LYS A 227 13.77 46.71 17.13
N ASN A 228 13.04 45.60 17.24
CA ASN A 228 12.57 45.13 18.53
C ASN A 228 13.66 44.31 19.20
N ILE A 229 13.32 43.62 20.29
CA ILE A 229 14.28 42.86 21.07
C ILE A 229 14.01 41.37 20.89
N HIS A 230 15.03 40.64 20.46
CA HIS A 230 15.03 39.19 20.44
C HIS A 230 16.46 38.74 20.22
N VAL A 231 16.88 37.72 20.95
CA VAL A 231 18.25 37.21 20.88
C VAL A 231 18.31 36.14 19.80
N PRO A 232 19.03 36.36 18.70
CA PRO A 232 19.13 35.34 17.66
C PRO A 232 20.24 34.34 17.96
N TYR A 233 20.07 33.14 17.40
CA TYR A 233 21.01 32.07 17.64
C TYR A 233 20.97 31.09 16.48
N THR A 234 22.10 30.43 16.26
CA THR A 234 22.21 29.36 15.28
C THR A 234 22.72 28.10 15.99
N GLN A 235 22.15 26.96 15.65
CA GLN A 235 22.44 25.71 16.32
C GLN A 235 22.70 24.62 15.29
N ALA A 236 23.60 23.70 15.64
CA ALA A 236 23.84 22.54 14.81
C ALA A 236 22.66 21.58 14.90
N VAL A 237 22.50 20.76 13.86
CA VAL A 237 21.42 19.79 13.84
C VAL A 237 21.59 18.81 14.99
N SER A 238 20.46 18.41 15.58
CA SER A 238 20.49 17.47 16.69
C SER A 238 21.15 16.17 16.28
N GLY A 239 22.07 15.68 17.10
CA GLY A 239 22.84 14.50 16.72
C GLY A 239 22.10 13.20 16.93
N TYR A 240 21.37 13.09 18.04
CA TYR A 240 20.66 11.85 18.33
C TYR A 240 19.58 11.58 17.29
N GLU A 241 18.84 12.61 16.88
CA GLU A 241 17.85 12.44 15.82
C GLU A 241 18.51 12.07 14.51
N MET A 242 19.65 12.68 14.19
CA MET A 242 20.35 12.37 12.95
C MET A 242 20.79 10.91 12.94
N TRP A 243 21.27 10.40 14.09
CA TRP A 243 21.58 8.98 14.19
C TRP A 243 20.32 8.14 14.01
N LYS A 244 19.21 8.58 14.60
CA LYS A 244 17.96 7.83 14.49
C LYS A 244 17.49 7.72 13.05
N ASN A 245 17.77 8.74 12.22
CA ASN A 245 17.30 8.73 10.85
C ASN A 245 17.90 7.56 10.06
N ASN A 246 19.21 7.37 10.16
CA ASN A 246 19.90 6.31 9.43
C ASN A 246 20.49 5.30 10.41
N SER A 247 19.68 4.89 11.39
CA SER A 247 20.13 3.96 12.41
C SER A 247 20.57 2.63 11.80
N GLY A 248 19.84 2.14 10.81
CA GLY A 248 20.17 0.88 10.18
C GLY A 248 19.42 -0.27 10.80
N ARG A 249 19.71 -1.46 10.29
CA ARG A 249 19.05 -2.66 10.76
C ARG A 249 19.53 -3.02 12.15
N PRO A 250 18.63 -3.19 13.12
CA PRO A 250 19.05 -3.54 14.48
C PRO A 250 19.63 -4.95 14.53
N LEU A 251 20.32 -5.23 15.63
CA LEU A 251 20.92 -6.54 15.83
C LEU A 251 19.87 -7.63 16.05
N GLN A 252 18.62 -7.26 16.31
CA GLN A 252 17.57 -8.26 16.45
C GLN A 252 17.32 -9.02 15.16
N GLU A 253 17.70 -8.46 14.02
CA GLU A 253 17.51 -9.09 12.72
C GLU A 253 18.82 -9.21 11.95
N THR A 254 19.95 -9.19 12.64
CA THR A 254 21.24 -9.28 11.98
C THR A 254 22.20 -10.28 12.64
N ALA A 255 22.02 -10.58 13.92
CA ALA A 255 22.94 -11.47 14.61
C ALA A 255 22.92 -12.86 13.98
N PRO A 256 24.08 -13.49 13.79
CA PRO A 256 24.11 -14.81 13.16
C PRO A 256 23.68 -15.91 14.11
N PHE A 257 23.65 -17.15 13.62
CA PHE A 257 23.29 -18.35 14.36
C PHE A 257 21.87 -18.31 14.92
N GLY A 258 21.04 -17.36 14.46
CA GLY A 258 19.65 -17.35 14.84
C GLY A 258 19.36 -16.90 16.26
N CYS A 259 20.25 -16.15 16.89
CA CYS A 259 19.98 -15.63 18.23
C CYS A 259 18.93 -14.54 18.16
N LYS A 260 17.99 -14.57 19.10
CA LYS A 260 17.02 -13.49 19.28
C LYS A 260 17.40 -12.74 20.56
N ILE A 261 17.71 -11.46 20.42
CA ILE A 261 18.31 -10.68 21.50
C ILE A 261 17.22 -10.03 22.33
N GLU A 262 17.18 -10.36 23.61
CA GLU A 262 16.32 -9.68 24.56
C GLU A 262 17.03 -8.44 25.11
N VAL A 263 16.26 -7.57 25.77
CA VAL A 263 16.78 -6.24 26.06
C VAL A 263 16.91 -5.98 27.57
N GLU A 264 16.06 -6.61 28.39
CA GLU A 264 16.05 -6.24 29.80
C GLU A 264 17.33 -6.61 30.51
N PRO A 265 17.82 -7.87 30.47
CA PRO A 265 19.19 -8.15 30.92
C PRO A 265 20.21 -8.24 29.80
N LEU A 266 19.85 -7.88 28.57
CA LEU A 266 20.71 -7.98 27.39
C LEU A 266 21.15 -9.43 27.15
N ARG A 267 20.16 -10.28 26.86
CA ARG A 267 20.40 -11.69 26.60
C ARG A 267 20.55 -11.94 25.10
N ALA A 268 20.88 -13.19 24.76
CA ALA A 268 20.96 -13.66 23.38
C ALA A 268 20.38 -15.06 23.29
N SER A 269 19.20 -15.23 23.88
CA SER A 269 18.66 -16.56 24.17
C SER A 269 18.37 -17.37 22.92
N ASN A 270 18.44 -18.70 23.08
CA ASN A 270 17.87 -19.67 22.16
C ASN A 270 18.49 -19.57 20.75
N CYS A 271 19.78 -19.88 20.69
CA CYS A 271 20.43 -20.08 19.40
C CYS A 271 21.44 -21.22 19.49
N ALA A 272 21.78 -21.76 18.32
CA ALA A 272 22.50 -23.02 18.20
C ALA A 272 23.86 -22.81 17.55
N TYR A 273 24.89 -23.36 18.17
CA TYR A 273 26.24 -23.37 17.60
C TYR A 273 27.12 -24.25 18.46
N GLY A 274 28.08 -24.91 17.82
CA GLY A 274 29.11 -25.64 18.54
C GLY A 274 28.59 -26.88 19.24
N HIS A 275 29.52 -27.55 19.92
CA HIS A 275 29.23 -28.75 20.70
C HIS A 275 29.66 -28.53 22.14
N ILE A 276 28.73 -28.72 23.07
CA ILE A 276 29.00 -28.58 24.50
C ILE A 276 29.10 -29.96 25.11
N PRO A 277 30.26 -30.36 25.64
CA PRO A 277 30.36 -31.66 26.31
C PRO A 277 29.94 -31.57 27.77
N ILE A 278 29.37 -32.66 28.26
CA ILE A 278 28.90 -32.75 29.63
C ILE A 278 29.41 -34.04 30.27
N SER A 279 29.41 -34.05 31.59
CA SER A 279 29.80 -35.23 32.38
C SER A 279 28.72 -35.42 33.44
N ILE A 280 27.86 -36.41 33.24
CA ILE A 280 26.71 -36.65 34.11
C ILE A 280 26.99 -37.84 35.00
N ASP A 281 26.72 -37.70 36.30
CA ASP A 281 26.90 -38.76 37.28
C ASP A 281 25.52 -39.30 37.64
N ILE A 282 25.19 -40.46 37.10
CA ILE A 282 23.89 -41.09 37.37
C ILE A 282 23.91 -41.70 38.77
N PRO A 283 22.95 -41.39 39.63
CA PRO A 283 22.90 -42.03 40.95
C PRO A 283 22.69 -43.53 40.83
N ASP A 284 23.25 -44.27 41.79
CA ASP A 284 23.21 -45.73 41.74
C ASP A 284 21.80 -46.27 41.90
N ALA A 285 20.88 -45.48 42.46
CA ALA A 285 19.55 -45.98 42.75
C ALA A 285 18.77 -46.34 41.49
N ALA A 286 19.09 -45.68 40.38
CA ALA A 286 18.34 -45.90 39.15
C ALA A 286 18.66 -47.23 38.47
N PHE A 287 19.84 -47.80 38.73
CA PHE A 287 20.25 -49.02 38.06
C PHE A 287 19.52 -50.23 38.62
N VAL A 288 19.70 -51.37 37.95
CA VAL A 288 19.07 -52.62 38.36
C VAL A 288 19.92 -53.78 37.85
N ARG A 289 19.89 -54.89 38.60
CA ARG A 289 20.71 -56.04 38.29
C ARG A 289 20.32 -56.65 36.95
N SER A 290 21.28 -57.34 36.31
CA SER A 290 21.04 -57.99 35.04
C SER A 290 20.12 -59.20 35.15
N SER A 291 19.86 -59.69 36.36
CA SER A 291 18.96 -60.82 36.54
C SER A 291 17.49 -60.42 36.43
N GLU A 292 17.20 -59.13 36.36
CA GLU A 292 15.81 -58.66 36.27
C GLU A 292 15.42 -58.20 34.88
N SER A 293 16.39 -57.79 34.06
CA SER A 293 16.07 -57.39 32.69
C SER A 293 15.69 -58.61 31.87
N PRO A 294 14.66 -58.51 31.03
CA PRO A 294 14.27 -59.65 30.19
C PRO A 294 15.38 -60.04 29.22
N THR A 295 15.47 -61.34 28.96
CA THR A 295 16.43 -61.90 28.02
C THR A 295 15.72 -62.26 26.72
N ILE A 296 16.37 -61.99 25.59
CA ILE A 296 15.77 -62.15 24.28
C ILE A 296 16.71 -62.97 23.40
N LEU A 297 16.12 -63.81 22.55
CA LEU A 297 16.87 -64.66 21.63
C LEU A 297 16.36 -64.46 20.22
N GLU A 298 17.29 -64.53 19.25
CA GLU A 298 16.98 -64.47 17.82
C GLU A 298 16.24 -63.17 17.48
N VAL A 299 16.96 -62.07 17.63
CA VAL A 299 16.45 -60.76 17.25
C VAL A 299 16.82 -60.51 15.80
N SER A 300 15.82 -60.21 14.98
CA SER A 300 16.01 -59.99 13.54
C SER A 300 15.37 -58.66 13.14
N CYS A 301 16.06 -57.91 12.30
CA CYS A 301 15.62 -56.59 11.88
C CYS A 301 15.33 -56.58 10.39
N THR A 302 14.11 -56.14 10.04
CA THR A 302 13.69 -55.98 8.66
C THR A 302 13.31 -54.52 8.45
N VAL A 303 13.76 -53.94 7.35
CA VAL A 303 13.65 -52.51 7.11
C VAL A 303 12.62 -52.27 6.02
N ALA A 304 11.67 -51.37 6.28
CA ALA A 304 10.74 -50.91 5.26
C ALA A 304 11.34 -49.71 4.52
N ASP A 305 10.66 -49.31 3.45
CA ASP A 305 11.17 -48.21 2.61
C ASP A 305 11.35 -46.95 3.44
N CYS A 306 12.52 -46.34 3.32
CA CYS A 306 12.89 -45.17 4.12
C CYS A 306 13.23 -44.00 3.23
N ILE A 307 13.46 -42.85 3.88
CA ILE A 307 13.98 -41.65 3.24
C ILE A 307 14.87 -40.94 4.26
N TYR A 308 16.08 -40.58 3.84
CA TYR A 308 16.99 -39.85 4.73
C TYR A 308 16.59 -38.38 4.70
N SER A 309 15.76 -37.99 5.67
CA SER A 309 15.23 -36.65 5.73
C SER A 309 15.22 -36.20 7.18
N ALA A 310 14.88 -34.92 7.39
CA ALA A 310 14.87 -34.37 8.74
C ALA A 310 13.84 -35.07 9.62
N ASP A 311 12.64 -35.31 9.09
CA ASP A 311 11.59 -35.95 9.86
C ASP A 311 11.85 -37.45 9.98
N PHE A 312 11.05 -38.10 10.82
CA PHE A 312 11.18 -39.54 11.04
C PHE A 312 10.61 -40.31 9.85
N GLY A 313 11.45 -40.55 8.84
CA GLY A 313 11.00 -41.23 7.65
C GLY A 313 11.11 -42.74 7.72
N GLY A 314 12.28 -43.23 8.10
CA GLY A 314 12.54 -44.66 8.12
C GLY A 314 11.67 -45.47 9.06
N SER A 315 11.11 -46.56 8.56
CA SER A 315 10.35 -47.50 9.36
C SER A 315 11.22 -48.70 9.74
N LEU A 316 10.80 -49.39 10.79
CA LEU A 316 11.57 -50.51 11.32
C LEU A 316 10.62 -51.55 11.92
N THR A 317 11.11 -52.78 12.01
CA THR A 317 10.38 -53.84 12.68
C THR A 317 11.37 -54.87 13.19
N LEU A 318 11.00 -55.54 14.27
CA LEU A 318 11.84 -56.54 14.92
C LEU A 318 11.06 -57.81 15.20
N GLN A 319 11.76 -58.93 15.19
CA GLN A 319 11.21 -60.22 15.60
C GLN A 319 12.12 -60.83 16.66
N TYR A 320 11.52 -61.43 17.67
CA TYR A 320 12.27 -61.92 18.82
C TYR A 320 11.46 -62.98 19.53
N LYS A 321 12.10 -63.63 20.50
CA LYS A 321 11.44 -64.56 21.42
C LYS A 321 12.00 -64.32 22.81
N ALA A 322 11.24 -63.61 23.64
CA ALA A 322 11.66 -63.36 25.01
C ALA A 322 11.15 -64.44 25.94
N ASP A 323 11.50 -64.34 27.22
CA ASP A 323 11.12 -65.33 28.21
C ASP A 323 10.19 -64.79 29.29
N ARG A 324 10.17 -63.48 29.52
CA ARG A 324 9.31 -62.91 30.56
C ARG A 324 8.93 -61.50 30.17
N GLU A 325 7.81 -61.03 30.74
CA GLU A 325 7.32 -59.71 30.45
C GLU A 325 8.24 -58.64 31.06
N GLY A 326 8.37 -57.53 30.36
CA GLY A 326 9.18 -56.44 30.84
C GLY A 326 9.36 -55.37 29.78
N HIS A 327 10.05 -54.31 30.18
CA HIS A 327 10.36 -53.17 29.31
C HIS A 327 11.87 -53.09 29.12
N CYS A 328 12.30 -53.06 27.86
CA CYS A 328 13.71 -53.17 27.53
C CYS A 328 14.11 -51.98 26.67
N PRO A 329 15.04 -51.14 27.10
CA PRO A 329 15.47 -50.00 26.28
C PRO A 329 16.02 -50.44 24.94
N VAL A 330 15.80 -49.61 23.93
CA VAL A 330 16.34 -49.82 22.59
C VAL A 330 17.10 -48.58 22.17
N HIS A 331 18.12 -48.78 21.34
CA HIS A 331 19.05 -47.73 20.95
C HIS A 331 19.98 -48.30 19.89
N SER A 332 20.36 -47.47 18.93
CA SER A 332 21.21 -47.88 17.81
C SER A 332 22.60 -47.30 17.97
N HIS A 333 23.61 -48.14 17.74
CA HIS A 333 25.00 -47.78 18.01
C HIS A 333 25.68 -47.10 16.82
N SER A 334 24.92 -46.41 15.98
CA SER A 334 25.47 -45.66 14.86
C SER A 334 25.33 -44.17 15.12
N THR A 335 26.32 -43.41 14.66
CA THR A 335 26.38 -41.97 14.88
C THR A 335 25.59 -41.18 13.84
N THR A 336 24.93 -41.86 12.89
CA THR A 336 24.16 -41.17 11.86
C THR A 336 22.76 -41.77 11.71
N ALA A 337 22.21 -42.33 12.79
CA ALA A 337 20.86 -42.90 12.75
C ALA A 337 20.27 -42.80 14.15
N VAL A 338 19.40 -41.81 14.34
CA VAL A 338 18.79 -41.56 15.64
C VAL A 338 17.40 -42.18 15.66
N LEU A 339 17.10 -42.90 16.74
CA LEU A 339 15.81 -43.59 16.87
C LEU A 339 14.73 -42.60 17.31
N LYS A 340 13.56 -43.13 17.66
CA LYS A 340 12.42 -42.33 18.10
C LYS A 340 12.05 -42.58 19.55
N GLU A 341 11.93 -43.83 19.96
CA GLU A 341 11.56 -44.18 21.32
C GLU A 341 12.65 -45.01 21.97
N ALA A 342 12.82 -44.83 23.27
CA ALA A 342 13.83 -45.56 24.03
C ALA A 342 13.25 -46.79 24.73
N THR A 343 12.24 -46.59 25.56
CA THR A 343 11.62 -47.67 26.31
C THR A 343 10.49 -48.31 25.49
N THR A 344 10.46 -49.63 25.48
CA THR A 344 9.40 -50.36 24.79
C THR A 344 9.06 -51.60 25.59
N HIS A 345 7.79 -52.02 25.49
CA HIS A 345 7.31 -53.18 26.21
C HIS A 345 7.52 -54.44 25.38
N VAL A 346 8.08 -55.47 26.00
CA VAL A 346 8.48 -56.69 25.31
C VAL A 346 7.62 -57.84 25.81
N THR A 347 6.89 -58.47 24.90
CA THR A 347 6.10 -59.65 25.21
C THR A 347 6.89 -60.91 24.85
N ALA A 348 6.23 -62.07 24.86
CA ALA A 348 6.92 -63.33 24.63
C ALA A 348 7.49 -63.41 23.21
N THR A 349 6.64 -63.27 22.20
CA THR A 349 7.05 -63.44 20.81
C THR A 349 6.40 -62.40 19.91
N GLY A 350 6.40 -61.14 20.35
CA GLY A 350 5.79 -60.06 19.59
C GLY A 350 6.74 -59.43 18.60
N SER A 351 6.26 -58.35 17.97
CA SER A 351 7.02 -57.57 17.01
C SER A 351 6.84 -56.09 17.32
N ILE A 352 7.94 -55.34 17.26
CA ILE A 352 7.96 -53.92 17.59
C ILE A 352 8.20 -53.12 16.32
N THR A 353 7.46 -52.04 16.15
CA THR A 353 7.63 -51.12 15.02
C THR A 353 8.27 -49.84 15.53
N LEU A 354 9.34 -49.42 14.87
CA LEU A 354 10.13 -48.27 15.28
C LEU A 354 10.12 -47.20 14.20
N HIS A 355 10.84 -46.11 14.48
CA HIS A 355 11.05 -45.04 13.52
C HIS A 355 12.43 -44.45 13.74
N PHE A 356 13.01 -43.88 12.68
CA PHE A 356 14.34 -43.31 12.76
C PHE A 356 14.49 -42.26 11.67
N SER A 357 15.59 -41.51 11.73
CA SER A 357 15.86 -40.41 10.80
C SER A 357 17.33 -40.50 10.38
N THR A 358 17.58 -41.19 9.27
CA THR A 358 18.93 -41.38 8.78
C THR A 358 19.38 -40.15 7.98
N SER A 359 20.69 -40.05 7.80
CA SER A 359 21.28 -39.07 6.89
C SER A 359 22.20 -39.73 5.86
N SER A 360 22.04 -41.04 5.65
CA SER A 360 22.86 -41.81 4.74
C SER A 360 21.97 -42.55 3.75
N PRO A 361 22.41 -42.70 2.49
CA PRO A 361 21.59 -43.39 1.49
C PRO A 361 21.27 -44.83 1.86
N GLN A 362 22.18 -45.52 2.55
CA GLN A 362 21.99 -46.91 2.95
C GLN A 362 21.93 -47.01 4.46
N ALA A 363 21.11 -47.92 4.96
CA ALA A 363 20.93 -48.10 6.40
C ALA A 363 21.71 -49.33 6.88
N ASN A 364 23.03 -49.15 6.98
CA ASN A 364 23.89 -50.14 7.61
C ASN A 364 24.24 -49.68 9.03
N PHE A 365 23.28 -49.85 9.92
CA PHE A 365 23.43 -49.41 11.30
C PHE A 365 23.01 -50.54 12.24
N ILE A 366 23.70 -50.62 13.37
CA ILE A 366 23.48 -51.67 14.36
C ILE A 366 22.43 -51.20 15.35
N VAL A 367 21.42 -52.03 15.58
CA VAL A 367 20.36 -51.75 16.54
C VAL A 367 20.56 -52.66 17.74
N SER A 368 20.67 -52.05 18.92
CA SER A 368 20.88 -52.79 20.16
C SER A 368 19.60 -52.73 20.98
N LEU A 369 18.90 -53.85 21.08
CA LEU A 369 17.68 -53.95 21.87
C LEU A 369 18.00 -54.74 23.13
N CYS A 370 18.00 -54.05 24.26
CA CYS A 370 18.17 -54.68 25.58
C CYS A 370 19.44 -55.53 25.65
N GLY A 371 20.51 -55.05 25.03
CA GLY A 371 21.79 -55.73 25.10
C GLY A 371 22.14 -56.51 23.84
N LYS A 372 21.16 -57.20 23.26
CA LYS A 372 21.41 -57.96 22.04
C LYS A 372 21.60 -57.01 20.86
N LYS A 373 22.65 -57.25 20.10
CA LYS A 373 23.01 -56.40 18.97
C LYS A 373 22.72 -57.12 17.67
N THR A 374 22.09 -56.43 16.72
CA THR A 374 21.81 -56.97 15.41
C THR A 374 22.12 -55.93 14.34
N THR A 375 22.52 -56.40 13.17
CA THR A 375 22.78 -55.53 12.03
C THR A 375 21.82 -55.88 10.90
N CYS A 376 21.30 -54.86 10.23
CA CYS A 376 20.42 -55.04 9.09
C CYS A 376 20.74 -53.97 8.06
N ASN A 377 20.82 -54.40 6.80
CA ASN A 377 21.21 -53.53 5.70
C ASN A 377 20.02 -53.34 4.77
N ALA A 378 19.95 -52.15 4.15
CA ALA A 378 18.85 -51.85 3.26
C ALA A 378 19.27 -50.72 2.32
N GLU A 379 18.30 -50.22 1.56
CA GLU A 379 18.53 -49.27 0.50
C GLU A 379 17.26 -48.47 0.26
N CYS A 380 17.35 -47.14 0.32
CA CYS A 380 16.16 -46.34 0.11
C CYS A 380 16.53 -44.98 -0.48
N LYS A 381 15.52 -44.33 -1.06
CA LYS A 381 15.55 -43.21 -1.99
C LYS A 381 15.62 -41.87 -1.27
N PRO A 382 16.04 -40.82 -1.97
CA PRO A 382 16.02 -39.46 -1.40
C PRO A 382 14.59 -38.99 -1.17
N PRO A 383 14.39 -38.01 -0.29
CA PRO A 383 13.03 -37.53 -0.02
C PRO A 383 12.44 -36.77 -1.19
N ALA A 384 11.11 -36.77 -1.24
CA ALA A 384 10.39 -36.12 -2.34
C ALA A 384 10.28 -34.62 -2.12
N ASP A 385 9.59 -34.21 -1.06
CA ASP A 385 9.52 -32.79 -0.73
C ASP A 385 10.85 -32.32 -0.16
N HIS A 386 11.23 -31.10 -0.51
CA HIS A 386 12.56 -30.60 -0.20
C HIS A 386 12.54 -29.28 0.58
N ILE A 387 11.51 -29.08 1.39
CA ILE A 387 11.45 -27.97 2.34
C ILE A 387 10.67 -28.42 3.56
N ILE A 388 11.29 -28.38 4.74
CA ILE A 388 10.64 -28.77 5.98
C ILE A 388 10.84 -27.66 7.01
N GLY A 389 9.92 -27.60 7.97
CA GLY A 389 10.01 -26.64 9.04
C GLY A 389 10.60 -27.21 10.32
N GLU A 390 11.28 -28.35 10.21
CA GLU A 390 11.86 -29.03 11.35
C GLU A 390 13.37 -29.20 11.14
N PRO A 391 14.19 -28.82 12.12
CA PRO A 391 15.63 -28.93 11.94
C PRO A 391 16.09 -30.38 11.87
N HIS A 392 17.25 -30.57 11.24
CA HIS A 392 17.79 -31.91 11.04
C HIS A 392 18.24 -32.52 12.37
N LYS A 393 18.29 -33.85 12.38
CA LYS A 393 18.63 -34.59 13.59
C LYS A 393 20.10 -34.99 13.67
N VAL A 394 20.73 -35.33 12.55
CA VAL A 394 22.10 -35.79 12.52
C VAL A 394 22.87 -35.05 11.42
N ASP A 395 24.18 -35.27 11.38
CA ASP A 395 25.06 -34.60 10.45
C ASP A 395 25.35 -35.47 9.25
N GLN A 396 25.94 -34.85 8.22
CA GLN A 396 26.33 -35.59 7.02
C GLN A 396 27.47 -36.56 7.32
N GLU A 397 28.51 -36.07 8.00
CA GLU A 397 29.65 -36.86 8.47
C GLU A 397 30.56 -37.29 7.32
N PHE A 398 30.15 -37.02 6.08
CA PHE A 398 30.96 -37.17 4.87
C PHE A 398 31.51 -38.58 4.68
N GLN A 399 31.06 -39.56 5.47
CA GLN A 399 31.52 -40.93 5.34
C GLN A 399 30.40 -41.84 4.87
N ALA A 400 29.31 -41.92 5.63
CA ALA A 400 28.17 -42.75 5.25
C ALA A 400 27.30 -42.12 4.18
N ALA A 401 27.58 -40.87 3.80
CA ALA A 401 26.78 -40.20 2.78
C ALA A 401 26.98 -40.80 1.39
N VAL A 402 27.97 -41.67 1.20
CA VAL A 402 28.24 -42.31 -0.07
C VAL A 402 27.63 -43.71 -0.05
N SER A 403 26.86 -44.04 -1.09
CA SER A 403 26.14 -45.29 -1.14
C SER A 403 27.10 -46.47 -1.30
N LYS A 404 26.62 -47.65 -0.87
CA LYS A 404 27.41 -48.87 -1.01
C LYS A 404 27.65 -49.20 -2.48
N THR A 405 26.65 -48.97 -3.32
CA THR A 405 26.83 -49.23 -4.75
C THR A 405 27.92 -48.35 -5.34
N SER A 406 27.94 -47.06 -4.98
CA SER A 406 29.02 -46.19 -5.42
C SER A 406 30.35 -46.66 -4.87
N TRP A 407 30.37 -47.15 -3.62
CA TRP A 407 31.61 -47.59 -3.01
C TRP A 407 32.21 -48.79 -3.77
N ASN A 408 31.39 -49.81 -4.03
CA ASN A 408 31.91 -50.96 -4.75
C ASN A 408 32.07 -50.69 -6.25
N TRP A 409 31.48 -49.61 -6.76
CA TRP A 409 31.79 -49.19 -8.13
C TRP A 409 33.16 -48.53 -8.21
N LEU A 410 33.49 -47.69 -7.24
CA LEU A 410 34.80 -47.04 -7.23
C LEU A 410 35.91 -48.06 -6.98
N LEU A 411 35.72 -48.93 -5.99
CA LEU A 411 36.75 -49.91 -5.64
C LEU A 411 36.59 -51.20 -6.45
N ILE B 1 7.21 21.90 44.09
CA ILE B 1 6.36 22.30 42.97
C ILE B 1 5.23 23.19 43.48
N THR B 2 4.65 23.99 42.59
CA THR B 2 3.55 24.87 42.92
C THR B 2 2.38 24.61 41.98
N ASP B 3 1.16 24.75 42.51
CA ASP B 3 -0.04 24.54 41.73
C ASP B 3 -1.04 25.69 41.81
N ASP B 4 -0.96 26.55 42.83
CA ASP B 4 -1.81 27.73 42.86
C ASP B 4 -1.50 28.61 41.66
N PHE B 5 -2.55 29.17 41.05
CA PHE B 5 -2.43 29.77 39.74
C PHE B 5 -2.96 31.21 39.73
N THR B 6 -3.09 31.84 40.90
CA THR B 6 -3.65 33.18 41.00
C THR B 6 -2.59 34.27 41.00
N LEU B 7 -1.31 33.93 41.00
CA LEU B 7 -0.24 34.92 41.10
C LEU B 7 0.71 34.88 39.92
N THR B 8 0.29 34.31 38.79
CA THR B 8 1.04 34.36 37.55
C THR B 8 0.16 34.97 36.46
N SER B 9 0.80 35.57 35.47
CA SER B 9 0.09 36.31 34.43
C SER B 9 0.62 35.95 33.05
N PRO B 10 -0.22 36.07 32.02
CA PRO B 10 0.27 35.89 30.64
C PRO B 10 1.20 37.02 30.23
N TYR B 11 1.68 36.98 28.99
CA TYR B 11 2.61 37.99 28.51
C TYR B 11 2.56 38.06 26.99
N LEU B 12 3.09 39.16 26.46
CA LEU B 12 3.16 39.36 25.02
C LEU B 12 4.42 38.73 24.45
N GLY B 13 4.34 38.33 23.19
CA GLY B 13 5.49 37.75 22.51
C GLY B 13 5.58 38.25 21.09
N PHE B 14 6.78 38.13 20.53
CA PHE B 14 7.04 38.55 19.16
C PHE B 14 6.74 37.37 18.23
N CYS B 15 5.49 37.23 17.85
CA CYS B 15 5.09 36.17 16.94
C CYS B 15 5.71 36.42 15.57
N PRO B 16 6.36 35.41 14.97
CA PRO B 16 6.97 35.62 13.65
C PRO B 16 5.95 35.93 12.57
N TYR B 17 4.68 35.58 12.78
CA TYR B 17 3.59 35.94 11.88
C TYR B 17 2.52 36.70 12.65
N CYS B 18 1.43 36.99 11.96
CA CYS B 18 0.25 37.63 12.54
C CYS B 18 -0.89 37.46 11.53
N ARG B 19 -2.00 38.15 11.77
CA ARG B 19 -3.10 38.08 10.83
C ARG B 19 -2.71 38.62 9.46
N HIS B 20 -1.94 39.71 9.43
CA HIS B 20 -1.52 40.36 8.19
C HIS B 20 -0.19 39.84 7.66
N SER B 21 0.30 38.72 8.19
CA SER B 21 1.55 38.10 7.73
C SER B 21 2.72 39.07 7.87
N ALA B 22 2.95 39.53 9.08
CA ALA B 22 4.05 40.44 9.40
C ALA B 22 4.60 40.08 10.77
N PRO B 23 5.87 40.42 11.04
CA PRO B 23 6.39 40.28 12.41
C PRO B 23 5.57 41.11 13.37
N CYS B 24 4.97 40.45 14.36
CA CYS B 24 3.84 40.99 15.09
C CYS B 24 3.98 40.75 16.58
N PHE B 25 3.37 41.63 17.37
CA PHE B 25 3.28 41.47 18.81
C PHE B 25 1.90 40.94 19.15
N SER B 26 1.83 39.69 19.62
CA SER B 26 0.56 39.04 19.84
C SER B 26 0.51 38.41 21.22
N PRO B 27 -0.67 38.33 21.83
CA PRO B 27 -0.82 37.65 23.11
C PRO B 27 -0.94 36.13 23.01
N ILE B 28 -0.80 35.56 21.81
CA ILE B 28 -0.94 34.12 21.62
C ILE B 28 0.37 33.58 21.06
N LYS B 29 1.48 34.22 21.43
CA LYS B 29 2.79 33.75 21.01
C LYS B 29 3.04 32.35 21.57
N ILE B 30 3.60 31.48 20.74
CA ILE B 30 3.88 30.10 21.10
C ILE B 30 5.39 29.89 21.14
N GLU B 31 5.84 29.05 22.07
CA GLU B 31 7.26 28.79 22.27
C GLU B 31 7.71 27.47 21.65
N ASN B 32 7.07 26.37 22.04
CA ASN B 32 7.51 25.05 21.64
C ASN B 32 6.33 24.22 21.16
N VAL B 33 6.63 23.23 20.32
CA VAL B 33 5.66 22.26 19.85
C VAL B 33 6.32 20.89 19.90
N TRP B 34 5.63 19.90 20.44
CA TRP B 34 6.16 18.55 20.58
C TRP B 34 5.27 17.57 19.83
N ASP B 35 5.90 16.67 19.06
CA ASP B 35 5.18 15.69 18.26
C ASP B 35 5.83 14.32 18.40
N GLU B 36 6.14 13.92 19.64
CA GLU B 36 6.78 12.64 19.91
C GLU B 36 5.79 11.58 20.35
N SER B 37 4.57 11.59 19.80
CA SER B 37 3.55 10.61 20.12
C SER B 37 3.25 9.75 18.91
N ASP B 38 2.95 8.47 19.15
CA ASP B 38 2.63 7.53 18.10
C ASP B 38 1.15 7.56 17.72
N ASP B 39 0.47 8.67 17.99
CA ASP B 39 -0.94 8.83 17.68
C ASP B 39 -1.24 10.04 16.79
N GLY B 40 -0.29 10.95 16.62
CA GLY B 40 -0.53 12.19 15.90
C GLY B 40 -0.84 13.38 16.78
N SER B 41 -0.90 13.19 18.10
CA SER B 41 -1.21 14.28 19.01
C SER B 41 -0.05 15.28 19.06
N ILE B 42 -0.37 16.49 19.51
CA ILE B 42 0.59 17.58 19.58
C ILE B 42 0.34 18.35 20.86
N ARG B 43 1.42 18.67 21.58
CA ARG B 43 1.34 19.54 22.76
C ARG B 43 1.85 20.93 22.37
N ILE B 44 1.00 21.93 22.49
CA ILE B 44 1.31 23.30 22.10
C ILE B 44 1.36 24.16 23.35
N GLN B 45 2.44 24.93 23.50
CA GLN B 45 2.57 25.88 24.58
C GLN B 45 2.37 27.28 24.04
N VAL B 46 1.41 28.02 24.61
CA VAL B 46 1.12 29.37 24.18
C VAL B 46 1.46 30.34 25.30
N SER B 47 1.30 31.64 25.04
CA SER B 47 1.56 32.68 26.02
C SER B 47 0.30 33.20 26.68
N ALA B 48 -0.83 32.52 26.48
CA ALA B 48 -2.10 32.92 27.07
C ALA B 48 -2.64 31.75 27.88
N GLN B 49 -2.75 31.94 29.20
CA GLN B 49 -3.14 30.86 30.08
C GLN B 49 -4.57 30.40 29.78
N PHE B 50 -4.74 29.10 29.62
CA PHE B 50 -6.03 28.50 29.31
C PHE B 50 -6.68 27.91 30.55
N GLY B 51 -7.99 27.74 30.48
CA GLY B 51 -8.73 27.02 31.50
C GLY B 51 -8.71 27.66 32.87
N TYR B 52 -8.50 28.98 32.95
CA TYR B 52 -8.50 29.67 34.22
C TYR B 52 -9.18 31.02 34.08
N ASN B 53 -9.77 31.48 35.19
CA ASN B 53 -10.57 32.70 35.21
C ASN B 53 -9.61 33.89 35.34
N GLN B 54 -10.16 35.10 35.47
CA GLN B 54 -9.32 36.30 35.58
C GLN B 54 -8.45 36.25 36.82
N ALA B 55 -9.04 35.88 37.96
CA ALA B 55 -8.29 35.76 39.20
C ALA B 55 -7.65 34.39 39.38
N GLY B 56 -7.91 33.44 38.48
CA GLY B 56 -7.32 32.13 38.59
C GLY B 56 -8.12 31.17 39.43
N THR B 57 -9.45 31.30 39.39
CA THR B 57 -10.34 30.44 40.15
C THR B 57 -10.66 29.13 39.44
N ALA B 58 -9.89 28.78 38.41
CA ALA B 58 -9.96 27.49 37.73
C ALA B 58 -11.36 27.23 37.14
N ASP B 59 -11.71 28.07 36.18
CA ASP B 59 -12.94 27.88 35.41
C ASP B 59 -12.62 27.13 34.13
N VAL B 60 -13.51 26.21 33.75
CA VAL B 60 -13.24 25.31 32.64
C VAL B 60 -13.15 26.07 31.32
N THR B 61 -14.09 26.99 31.07
CA THR B 61 -14.27 27.59 29.76
C THR B 61 -13.87 29.06 29.71
N LYS B 62 -12.77 29.42 30.37
CA LYS B 62 -12.27 30.77 30.32
C LYS B 62 -10.74 30.74 30.19
N PHE B 63 -10.19 31.82 29.65
CA PHE B 63 -8.74 31.91 29.45
C PHE B 63 -8.32 33.37 29.48
N ARG B 64 -7.11 33.61 29.99
CA ARG B 64 -6.58 34.96 30.09
C ARG B 64 -6.16 35.47 28.71
N TYR B 65 -6.15 36.80 28.57
CA TYR B 65 -6.02 37.39 27.24
C TYR B 65 -4.88 38.40 27.15
N MET B 66 -4.66 39.17 28.23
CA MET B 66 -3.57 40.15 28.30
C MET B 66 -3.70 41.17 27.16
N SER B 67 -4.71 42.03 27.34
CA SER B 67 -5.11 43.01 26.32
C SER B 67 -3.97 43.90 25.83
N TYR B 68 -4.19 44.52 24.67
CA TYR B 68 -3.17 45.31 24.00
C TYR B 68 -2.95 46.67 24.66
N ASP B 69 -4.03 47.35 25.03
CA ASP B 69 -3.98 48.78 25.32
C ASP B 69 -3.14 49.07 26.56
N HIS B 70 -2.76 50.34 26.70
CA HIS B 70 -1.98 50.79 27.84
C HIS B 70 -2.80 50.64 29.13
N ASP B 71 -2.12 50.83 30.26
CA ASP B 71 -2.65 50.42 31.56
C ASP B 71 -3.07 48.96 31.51
N HIS B 72 -2.14 48.12 31.04
CA HIS B 72 -2.46 46.74 30.67
C HIS B 72 -2.98 45.95 31.87
N ASP B 73 -4.08 45.24 31.65
CA ASP B 73 -4.61 44.32 32.65
C ASP B 73 -4.82 42.96 32.02
N ILE B 74 -5.43 42.04 32.77
CA ILE B 74 -5.71 40.69 32.28
C ILE B 74 -7.22 40.56 32.19
N LYS B 75 -7.73 40.36 30.96
CA LYS B 75 -9.14 40.09 30.74
C LYS B 75 -9.29 38.68 30.17
N GLU B 76 -10.54 38.30 29.91
CA GLU B 76 -10.84 36.94 29.50
C GLU B 76 -11.86 36.95 28.37
N ASP B 77 -11.93 35.82 27.67
CA ASP B 77 -12.92 35.58 26.63
C ASP B 77 -13.37 34.13 26.71
N SER B 78 -14.48 33.83 26.05
CA SER B 78 -14.99 32.47 26.03
C SER B 78 -14.02 31.54 25.32
N MET B 79 -13.96 30.30 25.80
CA MET B 79 -13.01 29.33 25.26
C MET B 79 -13.40 28.82 23.88
N GLU B 80 -14.67 28.95 23.49
CA GLU B 80 -15.08 28.49 22.17
C GLU B 80 -14.43 29.27 21.04
N LYS B 81 -13.94 30.49 21.32
CA LYS B 81 -13.31 31.29 20.28
C LYS B 81 -11.95 30.75 19.87
N ILE B 82 -11.31 29.94 20.70
CA ILE B 82 -10.01 29.39 20.36
C ILE B 82 -10.18 28.29 19.31
N ALA B 83 -9.21 28.21 18.40
CA ALA B 83 -9.24 27.20 17.34
C ALA B 83 -7.86 27.11 16.71
N ILE B 84 -7.30 25.91 16.66
CA ILE B 84 -5.96 25.70 16.13
C ILE B 84 -6.06 24.88 14.85
N SER B 85 -5.06 25.03 13.99
CA SER B 85 -5.06 24.37 12.69
C SER B 85 -3.64 24.17 12.21
N THR B 86 -3.46 23.14 11.37
CA THR B 86 -2.18 22.86 10.73
C THR B 86 -2.24 23.06 9.22
N SER B 87 -3.13 22.35 8.55
CA SER B 87 -3.48 22.56 7.15
C SER B 87 -4.97 22.73 6.97
N GLY B 88 -5.77 21.99 7.75
CA GLY B 88 -7.17 22.26 7.92
C GLY B 88 -7.47 22.33 9.40
N PRO B 89 -8.72 22.62 9.75
CA PRO B 89 -9.08 22.66 11.18
C PRO B 89 -8.86 21.29 11.81
N CYS B 90 -8.40 21.28 13.06
CA CYS B 90 -8.14 20.04 13.77
C CYS B 90 -8.67 20.15 15.19
N ARG B 91 -8.99 19.00 15.76
CA ARG B 91 -9.68 18.93 17.04
C ARG B 91 -8.75 19.34 18.19
N ARG B 92 -9.36 19.59 19.34
CA ARG B 92 -8.64 19.90 20.57
C ARG B 92 -9.04 18.87 21.62
N LEU B 93 -8.06 18.34 22.34
CA LEU B 93 -8.31 17.27 23.30
C LEU B 93 -8.19 17.70 24.76
N GLY B 94 -7.49 18.79 25.05
CA GLY B 94 -7.34 19.22 26.42
C GLY B 94 -6.68 20.59 26.48
N HIS B 95 -6.71 21.17 27.67
CA HIS B 95 -6.14 22.49 27.89
C HIS B 95 -5.90 22.69 29.38
N LYS B 96 -4.73 23.22 29.73
CA LYS B 96 -4.42 23.54 31.12
C LYS B 96 -3.26 24.52 31.13
N GLY B 97 -3.47 25.70 31.71
CA GLY B 97 -2.40 26.67 31.80
C GLY B 97 -1.92 27.10 30.44
N TYR B 98 -0.59 27.11 30.28
CA TYR B 98 0.02 27.53 29.02
C TYR B 98 -0.16 26.50 27.91
N PHE B 99 -0.39 25.24 28.26
CA PHE B 99 -0.34 24.14 27.30
C PHE B 99 -1.74 23.68 26.93
N LEU B 100 -1.90 23.29 25.66
CA LEU B 100 -3.14 22.72 25.16
C LEU B 100 -2.81 21.61 24.17
N LEU B 101 -3.51 20.49 24.31
CA LEU B 101 -3.28 19.34 23.47
C LEU B 101 -3.92 19.54 22.10
N ALA B 102 -3.66 18.60 21.19
CA ALA B 102 -4.15 18.71 19.82
C ALA B 102 -4.07 17.35 19.14
N GLN B 103 -4.66 17.29 17.96
CA GLN B 103 -4.49 16.16 17.04
C GLN B 103 -4.83 16.71 15.66
N CYS B 104 -3.83 16.80 14.79
CA CYS B 104 -4.01 17.52 13.55
C CYS B 104 -3.46 16.74 12.36
N PRO B 105 -4.04 16.96 11.18
CA PRO B 105 -3.55 16.27 9.98
C PRO B 105 -2.15 16.73 9.62
N PRO B 106 -1.38 15.89 8.93
CA PRO B 106 0.00 16.27 8.60
C PRO B 106 0.03 17.51 7.71
N GLY B 107 1.00 18.36 7.96
CA GLY B 107 1.16 19.59 7.21
C GLY B 107 2.58 20.11 7.33
N ASP B 108 2.71 21.43 7.32
CA ASP B 108 4.01 22.06 7.40
C ASP B 108 4.07 23.22 8.37
N SER B 109 2.96 23.60 9.01
CA SER B 109 2.96 24.69 9.97
C SER B 109 1.88 24.45 11.00
N VAL B 110 2.05 25.06 12.17
CA VAL B 110 1.11 24.94 13.27
C VAL B 110 0.56 26.32 13.58
N THR B 111 -0.78 26.44 13.57
CA THR B 111 -1.45 27.71 13.76
C THR B 111 -2.38 27.61 14.97
N VAL B 112 -2.32 28.64 15.82
CA VAL B 112 -3.28 28.81 16.90
C VAL B 112 -3.84 30.22 16.80
N SER B 113 -5.16 30.36 16.85
CA SER B 113 -5.77 31.63 16.57
C SER B 113 -7.08 31.78 17.34
N ILE B 114 -7.52 33.02 17.48
CA ILE B 114 -8.82 33.36 18.05
C ILE B 114 -9.76 33.66 16.89
N THR B 115 -10.89 32.96 16.85
CA THR B 115 -11.77 33.03 15.70
C THR B 115 -12.45 34.40 15.60
N SER B 116 -13.27 34.74 16.59
CA SER B 116 -14.04 35.96 16.58
C SER B 116 -13.65 36.85 17.76
N GLY B 117 -14.41 37.91 17.97
CA GLY B 117 -14.17 38.84 19.06
C GLY B 117 -13.67 40.18 18.56
N ALA B 118 -13.37 41.05 19.52
CA ALA B 118 -12.88 42.39 19.19
C ALA B 118 -11.55 42.32 18.45
N SER B 119 -10.65 41.43 18.89
CA SER B 119 -9.33 41.29 18.29
C SER B 119 -9.16 39.86 17.81
N GLU B 120 -8.67 39.72 16.57
CA GLU B 120 -8.35 38.42 15.99
C GLU B 120 -6.86 38.36 15.72
N ASN B 121 -6.20 37.34 16.24
CA ASN B 121 -4.76 37.16 16.07
C ASN B 121 -4.46 35.71 15.77
N SER B 122 -3.24 35.46 15.31
CA SER B 122 -2.81 34.12 14.95
C SER B 122 -1.31 34.00 15.20
N CYS B 123 -0.81 32.77 15.13
CA CYS B 123 0.61 32.52 15.31
C CYS B 123 0.96 31.23 14.58
N THR B 124 1.91 31.32 13.65
CA THR B 124 2.34 30.17 12.87
C THR B 124 3.84 29.98 13.06
N VAL B 125 4.26 28.74 13.24
CA VAL B 125 5.67 28.38 13.38
C VAL B 125 5.96 27.23 12.43
N GLU B 126 7.08 27.31 11.73
CA GLU B 126 7.45 26.24 10.80
C GLU B 126 7.85 25.01 11.59
N LYS B 127 7.12 23.91 11.38
CA LYS B 127 7.42 22.65 12.04
C LYS B 127 6.84 21.53 11.19
N LYS B 128 7.69 20.61 10.77
CA LYS B 128 7.29 19.54 9.86
C LYS B 128 6.68 18.40 10.68
N ILE B 129 5.35 18.32 10.68
CA ILE B 129 4.63 17.21 11.29
C ILE B 129 4.10 16.33 10.16
N ARG B 130 4.53 15.07 10.14
CA ARG B 130 4.16 14.15 9.08
C ARG B 130 3.59 12.88 9.69
N ARG B 131 2.71 12.23 8.94
CA ARG B 131 2.04 11.04 9.42
C ARG B 131 3.04 9.95 9.80
N LYS B 132 2.83 9.33 10.95
CA LYS B 132 3.71 8.27 11.44
C LYS B 132 2.87 7.08 11.86
N PHE B 133 3.40 5.89 11.64
CA PHE B 133 2.74 4.64 11.99
C PHE B 133 3.46 3.97 13.16
N VAL B 134 3.01 2.78 13.51
CA VAL B 134 3.54 2.03 14.64
C VAL B 134 4.00 0.67 14.14
N GLY B 135 5.22 0.28 14.50
CA GLY B 135 5.75 -0.98 14.02
C GLY B 135 5.95 -0.94 12.52
N ARG B 136 5.70 -2.07 11.88
CA ARG B 136 5.81 -2.20 10.43
C ARG B 136 4.41 -2.15 9.81
N GLU B 137 4.33 -2.39 8.50
CA GLU B 137 3.08 -2.37 7.76
C GLU B 137 2.40 -1.00 7.87
N GLU B 138 3.05 -0.02 7.23
CA GLU B 138 2.53 1.34 7.16
C GLU B 138 1.04 1.33 6.82
N TYR B 139 0.25 2.02 7.63
CA TYR B 139 -1.19 2.10 7.48
C TYR B 139 -1.62 3.56 7.50
N LEU B 140 -2.90 3.78 7.30
CA LEU B 140 -3.42 5.14 7.28
C LEU B 140 -4.55 5.35 8.28
N PHE B 141 -5.38 4.34 8.51
CA PHE B 141 -6.31 4.30 9.63
C PHE B 141 -6.08 3.06 10.47
N PRO B 142 -6.23 3.15 11.78
CA PRO B 142 -6.09 1.96 12.64
C PRO B 142 -7.16 0.93 12.30
N PRO B 143 -6.76 -0.30 12.03
CA PRO B 143 -7.73 -1.33 11.65
C PRO B 143 -8.62 -1.72 12.81
N VAL B 144 -9.78 -2.28 12.45
CA VAL B 144 -10.73 -2.75 13.47
C VAL B 144 -10.14 -3.92 14.25
N GLN B 145 -9.56 -4.89 13.53
CA GLN B 145 -8.98 -6.07 14.14
C GLN B 145 -7.54 -6.22 13.70
N GLY B 146 -6.65 -6.43 14.66
CA GLY B 146 -5.25 -6.63 14.33
C GLY B 146 -4.46 -7.01 15.56
N LYS B 147 -3.17 -7.24 15.35
CA LYS B 147 -2.27 -7.57 16.43
C LYS B 147 -2.08 -6.36 17.34
N LEU B 148 -1.90 -6.62 18.63
CA LEU B 148 -1.71 -5.55 19.59
C LEU B 148 -0.23 -5.35 19.86
N VAL B 149 0.22 -4.12 19.69
CA VAL B 149 1.62 -3.77 19.90
C VAL B 149 1.68 -2.56 20.82
N LYS B 150 2.85 -2.34 21.41
CA LYS B 150 3.02 -1.32 22.44
C LYS B 150 3.21 0.04 21.80
N CYS B 151 2.31 0.97 22.11
CA CYS B 151 2.35 2.33 21.60
C CYS B 151 2.87 3.29 22.67
N HIS B 152 2.83 4.58 22.36
CA HIS B 152 3.21 5.63 23.30
C HIS B 152 2.41 6.87 22.94
N VAL B 153 1.36 7.15 23.72
CA VAL B 153 0.46 8.25 23.41
C VAL B 153 0.46 9.22 24.58
N TYR B 154 0.12 10.47 24.28
CA TYR B 154 -0.08 11.46 25.32
C TYR B 154 -1.33 11.14 26.11
N ASP B 155 -1.35 11.55 27.38
CA ASP B 155 -2.49 11.33 28.26
C ASP B 155 -3.33 12.60 28.26
N ARG B 156 -4.55 12.51 27.72
CA ARG B 156 -5.40 13.69 27.59
C ARG B 156 -5.91 14.20 28.93
N LEU B 157 -5.82 13.41 29.99
CA LEU B 157 -6.23 13.87 31.31
C LEU B 157 -5.26 14.95 31.80
N LYS B 158 -5.81 16.04 32.32
CA LYS B 158 -5.00 17.21 32.66
C LYS B 158 -4.10 16.99 33.87
N GLU B 159 -4.49 16.11 34.78
CA GLU B 159 -3.76 15.92 36.04
C GLU B 159 -2.67 14.85 35.92
N THR B 160 -1.80 15.00 34.94
CA THR B 160 -0.68 14.08 34.74
C THR B 160 0.58 14.91 34.52
N SER B 161 1.55 14.76 35.43
CA SER B 161 2.76 15.58 35.42
C SER B 161 3.77 14.96 34.46
N ALA B 162 4.34 15.79 33.57
CA ALA B 162 5.29 15.30 32.58
C ALA B 162 6.67 15.93 32.69
N GLY B 163 6.79 17.10 33.31
CA GLY B 163 8.07 17.77 33.32
C GLY B 163 8.22 18.84 34.39
N TYR B 164 8.95 19.91 34.05
CA TYR B 164 9.35 20.90 35.04
C TYR B 164 9.62 22.22 34.31
N ILE B 165 8.78 23.22 34.55
CA ILE B 165 8.90 24.53 33.91
C ILE B 165 8.97 25.59 35.01
N THR B 166 9.79 26.60 34.77
CA THR B 166 10.08 27.62 35.77
C THR B 166 9.44 28.96 35.42
N MET B 167 9.34 29.82 36.43
CA MET B 167 8.95 31.21 36.24
C MET B 167 9.95 32.12 36.95
N HIS B 168 9.77 33.42 36.72
CA HIS B 168 10.63 34.44 37.30
C HIS B 168 9.81 35.70 37.55
N ARG B 169 10.34 36.58 38.37
CA ARG B 169 9.66 37.84 38.66
C ARG B 169 9.65 38.72 37.41
N PRO B 170 8.59 39.49 37.20
CA PRO B 170 8.49 40.29 35.97
C PRO B 170 9.53 41.39 35.92
N GLY B 171 9.94 41.73 34.70
CA GLY B 171 10.89 42.79 34.48
C GLY B 171 10.22 44.12 34.22
N PRO B 172 11.02 45.16 34.01
CA PRO B 172 10.44 46.47 33.68
C PRO B 172 9.69 46.42 32.36
N HIS B 173 8.60 47.20 32.29
CA HIS B 173 7.71 47.23 31.13
C HIS B 173 7.48 48.69 30.77
N ALA B 174 8.35 49.25 29.94
CA ALA B 174 8.28 50.67 29.60
C ALA B 174 7.08 50.95 28.72
N TYR B 175 6.69 52.23 28.68
CA TYR B 175 5.56 52.67 27.87
C TYR B 175 5.87 54.02 27.24
N LYS B 176 5.55 54.16 25.96
CA LYS B 176 5.71 55.44 25.27
C LYS B 176 4.61 56.43 25.65
N SER B 177 3.40 55.94 25.92
CA SER B 177 2.25 56.79 26.23
C SER B 177 2.35 57.46 27.58
N TYR B 178 3.47 57.35 28.30
CA TYR B 178 3.63 58.00 29.59
C TYR B 178 4.47 59.26 29.49
N LEU B 179 4.80 59.71 28.28
CA LEU B 179 5.65 60.87 28.06
C LEU B 179 4.95 61.86 27.15
N LYS B 180 5.11 63.15 27.43
CA LYS B 180 4.49 64.22 26.68
C LYS B 180 5.56 65.17 26.14
N GLU B 181 5.44 65.52 24.87
CA GLU B 181 6.32 66.49 24.21
C GLU B 181 5.47 67.68 23.80
N ALA B 182 5.34 68.64 24.72
CA ALA B 182 4.54 69.84 24.47
C ALA B 182 5.38 71.06 24.12
N SER B 183 6.49 71.27 24.81
CA SER B 183 7.36 72.42 24.57
C SER B 183 8.78 72.00 24.90
N GLY B 184 9.66 72.99 25.11
CA GLY B 184 11.05 72.70 25.41
C GLY B 184 11.28 72.17 26.81
N GLU B 185 10.48 71.16 27.20
CA GLU B 185 10.62 70.51 28.49
C GLU B 185 9.93 69.16 28.41
N VAL B 186 10.22 68.30 29.38
CA VAL B 186 9.74 66.93 29.40
C VAL B 186 8.66 66.80 30.45
N TYR B 187 7.51 66.26 30.04
CA TYR B 187 6.39 65.97 30.93
C TYR B 187 6.15 64.47 30.98
N ILE B 188 5.84 63.97 32.17
CA ILE B 188 5.44 62.59 32.35
C ILE B 188 4.07 62.57 33.01
N LYS B 189 3.36 61.46 32.83
CA LYS B 189 2.06 61.33 33.44
C LYS B 189 1.78 59.87 33.76
N PRO B 190 1.30 59.56 34.96
CA PRO B 190 0.88 58.20 35.27
C PRO B 190 -0.61 58.02 35.04
N PRO B 191 -1.08 56.79 34.92
CA PRO B 191 -2.52 56.56 34.82
C PRO B 191 -3.23 56.96 36.11
N SER B 192 -4.56 56.93 36.06
CA SER B 192 -5.37 57.35 37.19
C SER B 192 -5.19 56.38 38.36
N GLY B 193 -4.49 56.82 39.39
CA GLY B 193 -4.29 56.03 40.59
C GLY B 193 -3.06 55.17 40.62
N LYS B 194 -2.29 55.12 39.54
CA LYS B 194 -1.09 54.29 39.48
C LYS B 194 0.15 55.13 39.75
N ASN B 195 1.14 54.50 40.37
CA ASN B 195 2.40 55.16 40.73
C ASN B 195 3.52 54.54 39.90
N VAL B 196 3.85 55.19 38.79
CA VAL B 196 4.93 54.72 37.92
C VAL B 196 6.25 55.05 38.59
N THR B 197 7.34 54.46 38.09
CA THR B 197 8.68 54.73 38.58
C THR B 197 9.48 55.31 37.41
N TYR B 198 9.36 56.62 37.23
CA TYR B 198 10.10 57.31 36.19
C TYR B 198 11.58 57.35 36.55
N GLU B 199 12.42 57.31 35.52
CA GLU B 199 13.86 57.48 35.71
C GLU B 199 14.51 57.65 34.35
N CYS B 200 15.39 58.64 34.21
CA CYS B 200 16.12 58.85 32.97
C CYS B 200 17.35 59.72 33.27
N LYS B 201 18.29 59.72 32.32
CA LYS B 201 19.55 60.45 32.48
C LYS B 201 19.72 61.44 31.33
N CYS B 202 19.57 62.74 31.63
CA CYS B 202 20.01 63.81 30.73
C CYS B 202 20.57 64.91 31.65
N GLY B 203 21.89 64.89 31.82
CA GLY B 203 22.56 65.76 32.76
C GLY B 203 23.08 65.02 33.97
N ASP B 204 22.26 64.10 34.49
CA ASP B 204 22.67 63.17 35.54
C ASP B 204 21.55 62.17 35.77
N TYR B 205 21.92 61.03 36.36
CA TYR B 205 20.95 59.97 36.60
C TYR B 205 20.02 60.35 37.74
N SER B 206 18.73 60.03 37.56
CA SER B 206 17.73 60.36 38.57
C SER B 206 16.57 59.37 38.46
N THR B 207 15.85 59.22 39.58
CA THR B 207 14.69 58.34 39.66
C THR B 207 13.60 59.06 40.45
N GLY B 208 12.60 58.31 40.87
CA GLY B 208 11.55 58.84 41.70
C GLY B 208 10.22 58.17 41.41
N ILE B 209 9.30 58.30 42.36
CA ILE B 209 7.96 57.75 42.26
C ILE B 209 6.96 58.87 42.42
N VAL B 210 6.07 59.02 41.44
CA VAL B 210 5.08 60.10 41.42
C VAL B 210 3.69 59.51 41.24
N SER B 211 2.69 60.39 41.32
CA SER B 211 1.30 59.99 41.14
C SER B 211 0.55 60.82 40.11
N THR B 212 0.95 62.06 39.85
CA THR B 212 0.30 62.90 38.85
C THR B 212 1.32 63.44 37.87
N GLN B 213 0.91 64.38 37.01
CA GLN B 213 1.83 65.02 36.09
C GLN B 213 2.90 65.77 36.85
N THR B 214 4.17 65.39 36.66
CA THR B 214 5.28 65.94 37.42
C THR B 214 6.28 66.59 36.48
N LYS B 215 6.84 67.72 36.93
CA LYS B 215 7.83 68.44 36.16
C LYS B 215 9.17 67.71 36.19
N MET B 216 10.05 68.08 35.27
CA MET B 216 11.41 67.58 35.24
C MET B 216 12.33 68.66 35.81
N ASN B 217 13.55 68.28 36.17
CA ASN B 217 14.51 69.28 36.61
C ASN B 217 14.84 70.25 35.48
N GLY B 218 15.27 69.72 34.35
CA GLY B 218 15.32 70.46 33.11
C GLY B 218 16.08 69.66 32.08
N CYS B 219 15.51 69.50 30.90
CA CYS B 219 16.08 68.56 29.93
C CYS B 219 15.20 68.58 28.70
N THR B 220 15.83 68.46 27.53
CA THR B 220 15.15 68.87 26.31
C THR B 220 14.25 67.79 25.73
N LYS B 221 14.83 66.68 25.31
CA LYS B 221 14.12 65.68 24.51
C LYS B 221 13.55 64.59 25.42
N ALA B 222 12.26 64.30 25.24
CA ALA B 222 11.57 63.29 26.03
C ALA B 222 11.75 61.88 25.48
N ARG B 223 12.29 61.73 24.26
CA ARG B 223 12.60 60.41 23.74
C ARG B 223 13.56 59.68 24.65
N GLN B 224 14.49 60.41 25.27
CA GLN B 224 15.55 59.83 26.08
C GLN B 224 15.11 59.50 27.50
N CYS B 225 13.88 59.83 27.89
CA CYS B 225 13.39 59.49 29.21
C CYS B 225 12.40 58.34 29.11
N ILE B 226 12.38 57.48 30.13
CA ILE B 226 11.49 56.31 30.16
C ILE B 226 10.72 56.29 31.47
N ALA B 227 9.65 55.50 31.48
CA ALA B 227 8.83 55.31 32.67
C ALA B 227 8.09 53.99 32.55
N TYR B 228 7.89 53.31 33.68
CA TYR B 228 7.17 52.05 33.71
C TYR B 228 6.44 51.91 35.04
N LYS B 229 5.52 50.95 35.10
CA LYS B 229 4.76 50.67 36.31
C LYS B 229 5.56 49.81 37.27
N LEU B 230 5.25 49.94 38.55
CA LEU B 230 5.90 49.16 39.60
C LEU B 230 4.93 48.34 40.44
N ASP B 231 3.61 48.46 40.20
CA ASP B 231 2.61 47.77 40.99
C ASP B 231 2.36 46.34 40.52
N GLN B 232 3.30 45.74 39.79
CA GLN B 232 3.15 44.40 39.26
C GLN B 232 4.14 43.46 39.94
N THR B 233 3.66 42.26 40.29
CA THR B 233 4.52 41.23 40.88
C THR B 233 4.21 39.83 40.37
N LYS B 234 3.30 39.68 39.41
CA LYS B 234 2.92 38.35 38.93
C LYS B 234 4.08 37.71 38.16
N TRP B 235 4.29 36.42 38.40
CA TRP B 235 5.36 35.70 37.74
C TRP B 235 5.06 35.52 36.25
N VAL B 236 6.12 35.42 35.45
CA VAL B 236 6.02 35.15 34.03
C VAL B 236 6.98 34.03 33.68
N PHE B 237 6.74 33.43 32.51
CA PHE B 237 7.60 32.36 32.02
C PHE B 237 8.96 32.91 31.61
N ASN B 238 9.97 32.05 31.65
CA ASN B 238 11.31 32.40 31.21
C ASN B 238 11.35 32.48 29.69
N SER B 239 10.65 33.45 29.12
CA SER B 239 10.62 33.57 27.67
C SER B 239 11.83 34.34 27.17
N PRO B 240 12.29 34.07 25.95
CA PRO B 240 13.36 34.85 25.35
C PRO B 240 12.95 36.21 24.81
N ASP B 241 11.77 36.69 25.18
CA ASP B 241 11.22 37.93 24.64
C ASP B 241 10.81 38.90 25.74
N LEU B 242 11.46 38.84 26.89
CA LEU B 242 11.17 39.70 28.02
C LEU B 242 12.46 40.28 28.58
N ILE B 243 12.35 41.44 29.20
CA ILE B 243 13.48 42.05 29.88
C ILE B 243 13.71 41.35 31.20
N ARG B 244 14.94 40.92 31.44
CA ARG B 244 15.27 40.21 32.67
C ARG B 244 15.23 41.15 33.87
N HIS B 245 14.76 40.64 35.00
CA HIS B 245 14.76 41.40 36.24
C HIS B 245 16.19 41.47 36.79
N THR B 246 16.34 42.18 37.91
CA THR B 246 17.67 42.36 38.49
C THR B 246 18.22 41.06 39.05
N ASP B 247 17.38 40.24 39.68
CA ASP B 247 17.80 39.00 40.30
C ASP B 247 17.58 37.80 39.38
N HIS B 248 16.34 37.60 38.92
CA HIS B 248 15.98 36.51 38.01
C HIS B 248 16.35 35.15 38.62
N SER B 249 15.74 34.86 39.76
CA SER B 249 15.84 33.54 40.37
C SER B 249 14.53 32.80 40.19
N VAL B 250 14.59 31.47 40.35
CA VAL B 250 13.38 30.67 40.25
C VAL B 250 12.47 30.98 41.44
N GLN B 251 11.20 31.21 41.15
CA GLN B 251 10.22 31.54 42.18
C GLN B 251 9.27 30.38 42.47
N GLY B 252 8.64 29.84 41.44
CA GLY B 252 7.76 28.70 41.61
C GLY B 252 7.87 27.76 40.43
N LYS B 253 7.64 26.48 40.72
CA LYS B 253 7.72 25.42 39.72
C LYS B 253 6.32 24.87 39.52
N LEU B 254 5.88 24.80 38.26
CA LEU B 254 4.58 24.23 37.92
C LEU B 254 4.76 23.19 36.80
N HIS B 255 3.71 22.43 36.57
CA HIS B 255 3.78 21.20 35.80
C HIS B 255 3.51 21.43 34.33
N ILE B 256 4.08 20.54 33.50
CA ILE B 256 3.70 20.41 32.10
C ILE B 256 2.76 19.20 32.01
N PRO B 257 1.48 19.39 31.73
CA PRO B 257 0.54 18.26 31.78
C PRO B 257 0.69 17.30 30.60
N PHE B 258 -0.19 16.30 30.55
CA PHE B 258 -0.23 15.32 29.45
C PHE B 258 1.07 14.53 29.35
N ARG B 259 1.35 13.74 30.38
CA ARG B 259 2.54 12.91 30.38
C ARG B 259 2.45 11.82 29.33
N LEU B 260 3.55 11.58 28.62
CA LEU B 260 3.62 10.49 27.66
C LEU B 260 3.50 9.15 28.39
N THR B 261 2.49 8.37 28.04
CA THR B 261 2.16 7.15 28.78
C THR B 261 2.14 5.96 27.82
N PRO B 262 2.82 4.87 28.16
CA PRO B 262 2.77 3.67 27.32
C PRO B 262 1.39 3.05 27.32
N THR B 263 1.04 2.43 26.20
CA THR B 263 -0.25 1.77 26.04
C THR B 263 -0.14 0.78 24.88
N VAL B 264 -1.26 0.12 24.59
CA VAL B 264 -1.35 -0.80 23.47
C VAL B 264 -2.13 -0.15 22.34
N CYS B 265 -1.99 -0.70 21.14
CA CYS B 265 -2.65 -0.16 19.96
C CYS B 265 -2.67 -1.22 18.88
N PRO B 266 -3.73 -1.31 18.09
CA PRO B 266 -3.77 -2.32 17.03
C PRO B 266 -2.96 -1.91 15.82
N VAL B 267 -2.45 -2.91 15.11
CA VAL B 267 -1.73 -2.70 13.85
C VAL B 267 -2.22 -3.73 12.84
N PRO B 268 -2.23 -3.42 11.55
CA PRO B 268 -2.72 -4.39 10.56
C PRO B 268 -1.78 -5.55 10.37
N LEU B 269 -2.34 -6.68 9.96
CA LEU B 269 -1.59 -7.85 9.56
C LEU B 269 -1.67 -8.01 8.04
N ALA B 270 -0.56 -8.41 7.43
CA ALA B 270 -0.50 -8.52 5.98
C ALA B 270 -1.27 -9.75 5.51
N HIS B 271 -1.24 -9.96 4.20
CA HIS B 271 -1.80 -11.17 3.60
C HIS B 271 -0.75 -12.27 3.64
N THR B 272 -1.14 -13.43 4.16
CA THR B 272 -0.19 -14.51 4.35
C THR B 272 0.34 -14.99 2.99
N PRO B 273 1.65 -15.06 2.81
CA PRO B 273 2.18 -15.41 1.49
C PRO B 273 1.93 -16.86 1.13
N THR B 274 1.97 -17.13 -0.16
CA THR B 274 1.90 -18.49 -0.70
C THR B 274 3.30 -18.92 -1.12
N VAL B 275 3.72 -20.09 -0.65
CA VAL B 275 5.11 -20.53 -0.76
C VAL B 275 5.20 -21.65 -1.79
N THR B 276 6.16 -21.52 -2.71
CA THR B 276 6.50 -22.58 -3.65
C THR B 276 7.91 -23.06 -3.35
N LYS B 277 8.07 -24.36 -3.20
CA LYS B 277 9.31 -24.96 -2.74
C LYS B 277 10.05 -25.60 -3.90
N TRP B 278 11.28 -25.14 -4.15
CA TRP B 278 12.16 -25.74 -5.15
C TRP B 278 13.47 -26.11 -4.49
N PHE B 279 14.20 -27.02 -5.13
CA PHE B 279 15.40 -27.61 -4.54
C PHE B 279 16.38 -26.55 -4.06
N LYS B 280 16.66 -26.55 -2.76
CA LYS B 280 17.57 -25.59 -2.13
C LYS B 280 17.19 -24.16 -2.47
N GLY B 281 15.89 -23.87 -2.33
CA GLY B 281 15.39 -22.54 -2.60
C GLY B 281 13.98 -22.39 -2.09
N ILE B 282 13.45 -21.18 -2.24
CA ILE B 282 12.09 -20.86 -1.83
C ILE B 282 11.67 -19.59 -2.55
N THR B 283 10.40 -19.56 -2.99
CA THR B 283 9.83 -18.40 -3.65
C THR B 283 8.59 -17.96 -2.90
N LEU B 284 8.44 -16.65 -2.72
CA LEU B 284 7.34 -16.07 -1.98
C LEU B 284 6.47 -15.26 -2.93
N HIS B 285 5.17 -15.56 -2.94
CA HIS B 285 4.21 -14.79 -3.72
C HIS B 285 3.55 -13.75 -2.82
N LEU B 286 4.34 -12.73 -2.48
CA LEU B 286 3.90 -11.71 -1.54
C LEU B 286 2.87 -10.78 -2.17
N THR B 287 2.15 -10.07 -1.31
CA THR B 287 1.14 -9.12 -1.76
C THR B 287 0.79 -8.18 -0.60
N ALA B 288 0.71 -6.89 -0.90
CA ALA B 288 0.37 -5.89 0.10
C ALA B 288 0.01 -4.60 -0.61
N THR B 289 -1.09 -3.98 -0.19
CA THR B 289 -1.56 -2.75 -0.82
C THR B 289 -0.81 -1.51 -0.35
N ARG B 290 -0.07 -1.60 0.75
CA ARG B 290 0.68 -0.48 1.29
C ARG B 290 2.06 -0.96 1.67
N PRO B 291 3.05 -0.05 1.74
CA PRO B 291 4.43 -0.47 2.04
C PRO B 291 4.55 -1.38 3.24
N THR B 292 5.05 -2.60 3.00
CA THR B 292 5.24 -3.59 4.04
C THR B 292 6.67 -4.11 3.97
N LEU B 293 7.21 -4.52 5.11
CA LEU B 293 8.60 -4.90 5.23
C LEU B 293 8.74 -6.42 5.23
N LEU B 294 9.84 -6.89 4.63
CA LEU B 294 10.15 -8.31 4.55
C LEU B 294 11.64 -8.50 4.83
N THR B 295 11.96 -9.16 5.94
CA THR B 295 13.33 -9.35 6.38
C THR B 295 13.66 -10.83 6.48
N THR B 296 14.81 -11.22 5.93
CA THR B 296 15.28 -12.59 5.98
C THR B 296 16.68 -12.60 6.56
N ARG B 297 17.07 -13.76 7.10
CA ARG B 297 18.43 -13.96 7.59
C ARG B 297 18.69 -15.44 7.71
N LYS B 298 19.93 -15.84 7.43
CA LYS B 298 20.30 -17.24 7.52
C LYS B 298 20.59 -17.63 8.97
N LEU B 299 20.67 -18.94 9.20
CA LEU B 299 20.96 -19.48 10.52
C LEU B 299 22.38 -20.01 10.63
N GLY B 300 23.22 -19.78 9.64
CA GLY B 300 24.58 -20.25 9.63
C GLY B 300 25.53 -19.29 10.32
N LEU B 301 26.80 -19.37 9.93
CA LEU B 301 27.83 -18.51 10.50
C LEU B 301 27.86 -17.13 9.86
N ARG B 302 27.09 -16.91 8.80
CA ARG B 302 26.97 -15.59 8.17
C ARG B 302 25.50 -15.29 7.99
N ALA B 303 25.11 -14.03 8.27
CA ALA B 303 23.70 -13.66 8.31
C ALA B 303 23.21 -13.07 6.99
N ASP B 304 23.93 -12.07 6.48
CA ASP B 304 23.57 -11.32 5.26
C ASP B 304 22.06 -11.05 5.18
N ALA B 305 21.58 -10.36 6.21
CA ALA B 305 20.17 -10.02 6.28
C ALA B 305 19.79 -9.01 5.20
N THR B 306 18.55 -9.11 4.73
CA THR B 306 18.03 -8.22 3.70
C THR B 306 16.70 -7.62 4.17
N ALA B 307 16.52 -6.34 3.90
CA ALA B 307 15.30 -5.63 4.25
C ALA B 307 14.89 -4.77 3.06
N GLU B 308 13.64 -4.93 2.61
CA GLU B 308 13.14 -4.20 1.45
C GLU B 308 11.64 -3.96 1.61
N TRP B 309 11.24 -2.69 1.57
CA TRP B 309 9.84 -2.31 1.68
C TRP B 309 9.15 -2.57 0.35
N ILE B 310 8.50 -3.72 0.22
CA ILE B 310 7.79 -4.07 -1.00
C ILE B 310 6.39 -3.47 -0.95
N THR B 311 5.88 -3.06 -2.12
CA THR B 311 4.62 -2.35 -2.21
C THR B 311 3.60 -2.96 -3.15
N GLY B 312 4.00 -3.78 -4.11
CA GLY B 312 3.06 -4.34 -5.06
C GLY B 312 2.68 -5.77 -4.78
N THR B 313 2.53 -6.56 -5.85
CA THR B 313 2.27 -8.00 -5.75
C THR B 313 3.39 -8.68 -6.53
N THR B 314 4.51 -8.92 -5.86
CA THR B 314 5.74 -9.38 -6.48
C THR B 314 6.00 -10.84 -6.14
N SER B 315 7.15 -11.32 -6.58
CA SER B 315 7.61 -12.68 -6.30
C SER B 315 9.11 -12.65 -6.10
N ARG B 316 9.58 -13.08 -4.94
CA ARG B 316 10.99 -13.02 -4.56
C ARG B 316 11.55 -14.42 -4.46
N ASN B 317 12.75 -14.62 -5.01
CA ASN B 317 13.43 -15.91 -5.01
C ASN B 317 14.54 -15.89 -3.96
N PHE B 318 14.34 -16.61 -2.88
CA PHE B 318 15.33 -16.71 -1.81
C PHE B 318 16.05 -18.05 -1.88
N SER B 319 17.29 -18.07 -1.39
CA SER B 319 18.12 -19.26 -1.38
C SER B 319 18.26 -19.76 0.05
N VAL B 320 17.85 -20.99 0.29
CA VAL B 320 17.90 -21.61 1.61
C VAL B 320 18.74 -22.87 1.52
N GLY B 321 19.75 -22.97 2.39
CA GLY B 321 20.65 -24.10 2.41
C GLY B 321 20.34 -25.09 3.52
N ARG B 322 21.35 -25.89 3.86
CA ARG B 322 21.18 -26.88 4.92
C ARG B 322 21.06 -26.22 6.28
N GLU B 323 21.75 -25.09 6.48
CA GLU B 323 21.73 -24.43 7.78
C GLU B 323 20.31 -23.98 8.14
N GLY B 324 19.66 -23.24 7.25
CA GLY B 324 18.30 -22.79 7.44
C GLY B 324 18.11 -21.36 6.99
N LEU B 325 16.89 -20.87 7.20
CA LEU B 325 16.55 -19.49 6.86
C LEU B 325 15.25 -19.14 7.57
N GLU B 326 15.23 -17.99 8.22
CA GLU B 326 14.03 -17.45 8.85
C GLU B 326 13.67 -16.13 8.17
N TYR B 327 12.36 -15.86 8.11
CA TYR B 327 11.90 -14.63 7.47
C TYR B 327 10.65 -14.14 8.18
N VAL B 328 10.52 -12.82 8.26
CA VAL B 328 9.33 -12.18 8.79
C VAL B 328 8.64 -11.44 7.64
N TRP B 329 7.34 -11.24 7.80
CA TRP B 329 6.55 -10.58 6.76
C TRP B 329 5.48 -9.75 7.45
N GLY B 330 5.66 -8.43 7.44
CA GLY B 330 4.73 -7.58 8.13
C GLY B 330 4.85 -7.77 9.62
N ASN B 331 3.71 -7.88 10.31
CA ASN B 331 3.67 -8.06 11.75
C ASN B 331 3.57 -9.51 12.16
N HIS B 332 3.64 -10.44 11.22
CA HIS B 332 3.50 -11.86 11.56
C HIS B 332 4.70 -12.34 12.36
N GLU B 333 4.51 -13.48 13.03
CA GLU B 333 5.59 -14.09 13.77
C GLU B 333 6.64 -14.63 12.80
N PRO B 334 7.91 -14.69 13.24
CA PRO B 334 8.94 -15.27 12.37
C PRO B 334 8.68 -16.74 12.11
N VAL B 335 9.02 -17.18 10.90
CA VAL B 335 8.86 -18.57 10.49
C VAL B 335 10.17 -19.06 9.93
N ARG B 336 10.53 -20.30 10.25
CA ARG B 336 11.82 -20.86 9.88
C ARG B 336 11.63 -21.98 8.86
N VAL B 337 12.55 -22.05 7.90
CA VAL B 337 12.48 -23.01 6.80
C VAL B 337 13.85 -23.65 6.65
N TRP B 338 13.89 -24.99 6.68
CA TRP B 338 15.12 -25.74 6.55
C TRP B 338 15.07 -26.58 5.28
N ALA B 339 16.15 -26.55 4.50
CA ALA B 339 16.23 -27.27 3.25
C ALA B 339 17.02 -28.56 3.43
N GLN B 340 16.54 -29.62 2.81
CA GLN B 340 17.19 -30.93 2.86
C GLN B 340 17.90 -31.20 1.53
N GLU B 341 18.46 -32.39 1.42
CA GLU B 341 19.20 -32.81 0.23
C GLU B 341 18.31 -33.74 -0.59
N SER B 342 17.70 -33.19 -1.65
CA SER B 342 16.84 -33.96 -2.55
C SER B 342 17.11 -33.45 -3.96
N ALA B 343 18.02 -34.11 -4.65
CA ALA B 343 18.42 -33.73 -6.00
C ALA B 343 17.91 -34.72 -7.03
N PRO B 344 17.70 -34.29 -8.27
CA PRO B 344 17.22 -35.22 -9.29
C PRO B 344 18.23 -36.33 -9.57
N GLY B 345 17.71 -37.50 -9.88
CA GLY B 345 18.55 -38.65 -10.14
C GLY B 345 18.32 -39.79 -9.16
N ASP B 346 19.34 -40.61 -8.97
CA ASP B 346 19.26 -41.73 -8.04
C ASP B 346 20.65 -42.14 -7.61
N PRO B 347 20.89 -42.45 -6.33
CA PRO B 347 22.22 -42.86 -5.89
C PRO B 347 22.44 -44.36 -6.04
N HIS B 348 21.57 -45.02 -6.82
CA HIS B 348 21.69 -46.44 -7.08
C HIS B 348 21.37 -46.68 -8.55
N GLY B 349 21.28 -47.95 -8.92
CA GLY B 349 20.88 -48.32 -10.27
C GLY B 349 22.01 -48.25 -11.29
N TRP B 350 22.39 -47.05 -11.68
CA TRP B 350 23.40 -46.86 -12.71
C TRP B 350 24.31 -45.70 -12.34
N PRO B 351 25.55 -45.67 -12.85
CA PRO B 351 26.42 -44.54 -12.54
C PRO B 351 25.98 -43.23 -13.19
N HIS B 352 25.31 -43.29 -14.34
CA HIS B 352 24.93 -42.07 -15.03
C HIS B 352 23.86 -41.28 -14.29
N GLU B 353 23.14 -41.91 -13.37
CA GLU B 353 22.26 -41.20 -12.46
C GLU B 353 22.91 -40.92 -11.11
N ILE B 354 23.87 -41.74 -10.70
CA ILE B 354 24.62 -41.47 -9.47
C ILE B 354 25.39 -40.16 -9.60
N ILE B 355 26.05 -39.95 -10.74
CA ILE B 355 26.82 -38.72 -10.93
C ILE B 355 25.89 -37.52 -11.01
N ILE B 356 24.72 -37.69 -11.62
CA ILE B 356 23.76 -36.58 -11.68
C ILE B 356 23.29 -36.21 -10.28
N HIS B 357 22.96 -37.22 -9.46
CA HIS B 357 22.53 -36.94 -8.10
C HIS B 357 23.62 -36.28 -7.28
N TYR B 358 24.87 -36.73 -7.43
CA TYR B 358 25.96 -36.19 -6.64
C TYR B 358 26.53 -34.89 -7.20
N TYR B 359 26.09 -34.46 -8.39
CA TYR B 359 26.60 -33.21 -8.94
C TYR B 359 25.91 -32.00 -8.34
N HIS B 360 24.58 -32.04 -8.22
CA HIS B 360 23.85 -30.91 -7.68
C HIS B 360 24.25 -30.63 -6.23
N ARG B 361 24.34 -31.67 -5.41
CA ARG B 361 24.84 -31.52 -4.06
C ARG B 361 26.35 -31.53 -4.07
N HIS B 362 26.96 -30.51 -3.44
CA HIS B 362 28.41 -30.37 -3.40
C HIS B 362 28.99 -30.45 -4.79
N PRO B 363 28.81 -29.41 -5.63
CA PRO B 363 29.21 -29.50 -7.03
C PRO B 363 30.72 -29.43 -7.26
N VAL B 364 31.53 -29.43 -6.21
CA VAL B 364 32.97 -29.44 -6.37
C VAL B 364 33.63 -30.67 -5.76
N TYR B 365 33.00 -31.34 -4.78
CA TYR B 365 33.59 -32.55 -4.21
C TYR B 365 33.54 -33.71 -5.19
N THR B 366 32.46 -33.81 -5.97
CA THR B 366 32.36 -34.88 -6.96
C THR B 366 33.27 -34.63 -8.15
N VAL B 367 33.58 -33.37 -8.44
CA VAL B 367 34.43 -33.06 -9.59
C VAL B 367 35.86 -33.50 -9.34
N ILE B 368 36.39 -33.19 -8.16
CA ILE B 368 37.79 -33.53 -7.86
C ILE B 368 37.95 -35.05 -7.74
N VAL B 369 36.96 -35.72 -7.15
CA VAL B 369 37.03 -37.16 -6.98
C VAL B 369 36.78 -37.87 -8.31
N PHE C 1 -14.48 -14.96 -73.02
CA PHE C 1 -13.05 -14.74 -73.22
C PHE C 1 -12.36 -14.43 -71.91
N GLU C 2 -11.64 -15.40 -71.38
CA GLU C 2 -10.97 -15.28 -70.09
C GLU C 2 -9.57 -14.69 -70.25
N HIS C 3 -9.12 -14.01 -69.20
CA HIS C 3 -7.76 -13.48 -69.14
C HIS C 3 -7.24 -13.64 -67.72
N ALA C 4 -5.98 -14.05 -67.60
CA ALA C 4 -5.35 -14.32 -66.31
C ALA C 4 -4.30 -13.26 -66.02
N THR C 5 -4.32 -12.76 -64.79
CA THR C 5 -3.37 -11.73 -64.36
C THR C 5 -3.28 -11.75 -62.84
N THR C 6 -2.29 -11.03 -62.32
CA THR C 6 -2.08 -10.92 -60.88
C THR C 6 -2.04 -9.45 -60.50
N VAL C 7 -3.06 -8.99 -59.79
CA VAL C 7 -3.09 -7.61 -59.31
C VAL C 7 -2.39 -7.54 -57.96
N PRO C 8 -1.42 -6.64 -57.78
CA PRO C 8 -0.83 -6.48 -56.46
C PRO C 8 -1.87 -6.02 -55.45
N ASN C 9 -1.78 -6.55 -54.23
CA ASN C 9 -2.77 -6.25 -53.19
C ASN C 9 -2.33 -5.00 -52.44
N VAL C 10 -2.59 -3.85 -53.07
CA VAL C 10 -2.32 -2.56 -52.44
C VAL C 10 -3.55 -1.68 -52.68
N PRO C 11 -4.37 -1.44 -51.66
CA PRO C 11 -5.62 -0.69 -51.88
C PRO C 11 -5.34 0.75 -52.26
N GLY C 12 -6.11 1.25 -53.23
CA GLY C 12 -6.01 2.62 -53.67
C GLY C 12 -5.11 2.85 -54.88
N ILE C 13 -4.30 1.88 -55.25
CA ILE C 13 -3.34 2.01 -56.36
C ILE C 13 -3.80 1.09 -57.48
N PRO C 14 -4.38 1.62 -58.56
CA PRO C 14 -4.75 0.79 -59.70
C PRO C 14 -3.53 0.42 -60.53
N TYR C 15 -3.72 -0.60 -61.37
CA TYR C 15 -2.71 -1.00 -62.33
C TYR C 15 -3.38 -1.23 -63.68
N LYS C 16 -2.66 -0.93 -64.76
CA LYS C 16 -3.22 -0.89 -66.09
C LYS C 16 -2.82 -2.11 -66.90
N ALA C 17 -3.76 -2.62 -67.70
CA ALA C 17 -3.51 -3.77 -68.57
C ALA C 17 -4.49 -3.72 -69.73
N LEU C 18 -4.18 -4.49 -70.78
CA LEU C 18 -5.03 -4.61 -71.95
C LEU C 18 -5.27 -6.07 -72.28
N VAL C 19 -6.11 -6.28 -73.29
CA VAL C 19 -6.41 -7.61 -73.83
C VAL C 19 -6.28 -7.56 -75.34
N GLU C 20 -5.63 -8.57 -75.91
CA GLU C 20 -5.43 -8.68 -77.34
C GLU C 20 -6.15 -9.90 -77.88
N ARG C 21 -6.78 -9.75 -79.05
CA ARG C 21 -7.52 -10.85 -79.66
C ARG C 21 -7.24 -10.82 -81.16
N ALA C 22 -8.02 -11.59 -81.91
CA ALA C 22 -7.87 -11.71 -83.36
C ALA C 22 -8.80 -10.72 -84.04
N GLY C 23 -8.22 -9.81 -84.82
CA GLY C 23 -9.02 -8.83 -85.53
C GLY C 23 -9.80 -7.88 -84.66
N TYR C 24 -9.38 -7.70 -83.41
CA TYR C 24 -10.08 -6.84 -82.46
C TYR C 24 -9.07 -5.90 -81.81
N ALA C 25 -9.41 -4.61 -81.79
CA ALA C 25 -8.51 -3.64 -81.18
C ALA C 25 -8.46 -3.84 -79.66
N PRO C 26 -7.31 -3.63 -79.04
CA PRO C 26 -7.22 -3.78 -77.58
C PRO C 26 -8.05 -2.73 -76.86
N LEU C 27 -8.55 -3.11 -75.68
CA LEU C 27 -9.31 -2.23 -74.84
C LEU C 27 -8.68 -2.19 -73.45
N ASN C 28 -8.81 -1.03 -72.80
CA ASN C 28 -8.21 -0.85 -71.48
C ASN C 28 -8.87 -1.76 -70.46
N LEU C 29 -8.05 -2.28 -69.55
CA LEU C 29 -8.55 -3.15 -68.47
C LEU C 29 -7.65 -2.91 -67.26
N GLU C 30 -8.09 -2.04 -66.35
CA GLU C 30 -7.36 -1.75 -65.14
C GLU C 30 -8.14 -2.27 -63.94
N ILE C 31 -7.42 -2.81 -62.96
CA ILE C 31 -8.01 -3.43 -61.79
C ILE C 31 -7.55 -2.67 -60.57
N THR C 32 -8.50 -2.23 -59.74
CA THR C 32 -8.18 -1.50 -58.53
C THR C 32 -9.03 -2.01 -57.38
N VAL C 33 -8.49 -1.90 -56.17
CA VAL C 33 -9.15 -2.38 -54.96
C VAL C 33 -9.34 -1.19 -54.02
N VAL C 34 -10.57 -1.02 -53.52
CA VAL C 34 -10.90 0.09 -52.65
C VAL C 34 -10.91 -0.32 -51.18
N SER C 35 -11.47 -1.48 -50.88
CA SER C 35 -11.54 -1.96 -49.50
C SER C 35 -11.24 -3.46 -49.47
N SER C 36 -10.68 -3.91 -48.34
CA SER C 36 -10.35 -5.32 -48.18
C SER C 36 -10.29 -5.61 -46.68
N GLU C 37 -11.27 -6.34 -46.18
CA GLU C 37 -11.29 -6.75 -44.78
C GLU C 37 -10.79 -8.18 -44.63
N LEU C 38 -10.38 -8.52 -43.43
CA LEU C 38 -9.80 -9.84 -43.11
C LEU C 38 -10.42 -10.30 -41.79
N THR C 39 -11.53 -11.04 -41.90
CA THR C 39 -12.29 -11.43 -40.71
C THR C 39 -11.97 -12.86 -40.32
N PRO C 40 -11.38 -13.09 -39.15
CA PRO C 40 -11.18 -14.46 -38.67
C PRO C 40 -12.32 -14.91 -37.78
N SER C 41 -12.52 -16.23 -37.75
CA SER C 41 -13.57 -16.82 -36.95
C SER C 41 -13.19 -16.78 -35.47
N THR C 42 -14.15 -16.45 -34.62
CA THR C 42 -13.93 -16.28 -33.19
C THR C 42 -14.73 -17.30 -32.39
N ASN C 43 -14.30 -17.50 -31.15
CA ASN C 43 -14.97 -18.45 -30.25
C ASN C 43 -14.83 -17.91 -28.83
N LYS C 44 -15.85 -17.17 -28.37
CA LYS C 44 -15.84 -16.65 -27.01
C LYS C 44 -16.03 -17.78 -26.01
N GLU C 45 -15.31 -17.72 -24.90
CA GLU C 45 -15.46 -18.73 -23.86
C GLU C 45 -15.79 -18.14 -22.49
N TYR C 46 -15.28 -16.94 -22.20
CA TYR C 46 -15.64 -16.32 -20.93
C TYR C 46 -15.42 -14.81 -21.01
N VAL C 47 -16.08 -14.10 -20.09
CA VAL C 47 -15.98 -12.66 -19.97
C VAL C 47 -15.70 -12.32 -18.50
N THR C 48 -14.75 -11.42 -18.28
CA THR C 48 -14.26 -11.14 -16.94
C THR C 48 -14.30 -9.65 -16.63
N CYS C 49 -14.46 -9.34 -15.34
CA CYS C 49 -14.37 -7.97 -14.85
C CYS C 49 -13.94 -8.02 -13.39
N LYS C 50 -13.79 -6.83 -12.79
CA LYS C 50 -13.38 -6.76 -11.38
C LYS C 50 -14.49 -7.25 -10.47
N PHE C 51 -14.12 -8.04 -9.48
CA PHE C 51 -15.11 -8.64 -8.59
C PHE C 51 -15.58 -7.64 -7.54
N HIS C 52 -16.55 -8.09 -6.73
CA HIS C 52 -17.06 -7.31 -5.61
C HIS C 52 -17.56 -8.33 -4.57
N THR C 53 -16.75 -8.56 -3.55
CA THR C 53 -17.07 -9.58 -2.57
C THR C 53 -18.30 -9.19 -1.76
N VAL C 54 -19.25 -10.11 -1.65
CA VAL C 54 -20.46 -9.91 -0.87
C VAL C 54 -20.38 -10.85 0.32
N ILE C 55 -20.13 -10.29 1.50
CA ILE C 55 -19.97 -11.07 2.72
C ILE C 55 -21.29 -11.01 3.48
N PRO C 56 -22.04 -12.11 3.56
CA PRO C 56 -23.31 -12.08 4.28
C PRO C 56 -23.09 -11.93 5.77
N SER C 57 -24.15 -11.48 6.44
CA SER C 57 -24.08 -11.27 7.88
C SER C 57 -23.79 -12.58 8.59
N PRO C 58 -22.90 -12.59 9.59
CA PRO C 58 -22.52 -13.84 10.24
C PRO C 58 -23.68 -14.45 11.02
N GLN C 59 -23.62 -15.76 11.18
CA GLN C 59 -24.63 -16.53 11.90
C GLN C 59 -24.06 -16.97 13.24
N VAL C 60 -24.80 -16.74 14.31
CA VAL C 60 -24.40 -17.13 15.65
C VAL C 60 -25.50 -17.97 16.28
N LYS C 61 -25.11 -19.06 16.93
CA LYS C 61 -26.04 -19.91 17.68
C LYS C 61 -25.63 -19.88 19.14
N CYS C 62 -26.56 -19.48 20.01
CA CYS C 62 -26.26 -19.31 21.42
C CYS C 62 -26.30 -20.65 22.15
N CYS C 63 -25.24 -20.94 22.90
CA CYS C 63 -25.12 -22.18 23.67
C CYS C 63 -25.34 -23.41 22.79
N GLY C 64 -24.50 -23.54 21.77
CA GLY C 64 -24.61 -24.67 20.87
C GLY C 64 -23.45 -24.70 19.90
N SER C 65 -23.63 -25.52 18.86
CA SER C 65 -22.61 -25.66 17.82
C SER C 65 -23.30 -25.94 16.49
N LEU C 66 -22.58 -25.67 15.41
CA LEU C 66 -23.13 -25.87 14.08
C LEU C 66 -22.01 -26.19 13.10
N GLU C 67 -22.39 -26.78 11.98
CA GLU C 67 -21.48 -27.09 10.88
C GLU C 67 -22.04 -26.50 9.60
N CYS C 68 -21.15 -26.18 8.68
CA CYS C 68 -21.53 -25.55 7.42
C CYS C 68 -21.19 -26.47 6.25
N LYS C 69 -22.13 -26.58 5.32
CA LYS C 69 -21.98 -27.41 4.14
C LYS C 69 -21.70 -26.52 2.93
N ALA C 70 -20.82 -26.99 2.05
CA ALA C 70 -20.40 -26.20 0.91
C ALA C 70 -21.53 -26.05 -0.10
N SER C 71 -21.44 -24.99 -0.90
CA SER C 71 -22.39 -24.69 -1.96
C SER C 71 -21.65 -24.59 -3.29
N SER C 72 -22.37 -24.18 -4.33
CA SER C 72 -21.80 -24.09 -5.67
C SER C 72 -21.45 -22.67 -6.08
N LYS C 73 -21.76 -21.68 -5.25
CA LYS C 73 -21.49 -20.29 -5.61
C LYS C 73 -19.99 -20.04 -5.68
N ALA C 74 -19.60 -19.12 -6.55
CA ALA C 74 -18.19 -18.93 -6.90
C ALA C 74 -17.34 -18.64 -5.68
N ASP C 75 -16.34 -19.50 -5.46
CA ASP C 75 -15.36 -19.37 -4.37
C ASP C 75 -16.07 -19.15 -3.03
N TYR C 76 -16.84 -20.16 -2.64
CA TYR C 76 -17.55 -20.14 -1.37
C TYR C 76 -16.62 -20.71 -0.30
N THR C 77 -16.06 -19.83 0.53
CA THR C 77 -15.16 -20.22 1.60
C THR C 77 -15.86 -20.02 2.92
N CYS C 78 -15.92 -21.08 3.73
CA CYS C 78 -16.66 -21.07 4.99
C CYS C 78 -15.78 -21.60 6.12
N ARG C 79 -16.02 -21.07 7.31
CA ARG C 79 -15.32 -21.50 8.52
C ARG C 79 -16.25 -21.34 9.70
N VAL C 80 -15.89 -21.98 10.81
CA VAL C 80 -16.63 -21.86 12.06
C VAL C 80 -15.63 -21.66 13.20
N PHE C 81 -15.90 -20.67 14.05
CA PHE C 81 -15.03 -20.34 15.18
C PHE C 81 -15.81 -20.57 16.47
N GLY C 82 -15.22 -21.31 17.40
CA GLY C 82 -15.87 -21.66 18.65
C GLY C 82 -15.39 -20.77 19.80
N GLY C 83 -16.33 -20.37 20.64
CA GLY C 83 -16.02 -19.56 21.80
C GLY C 83 -15.97 -18.08 21.51
N VAL C 84 -17.06 -17.51 20.99
CA VAL C 84 -17.15 -16.10 20.70
C VAL C 84 -18.30 -15.49 21.49
N TYR C 85 -18.15 -14.21 21.82
CA TYR C 85 -19.13 -13.47 22.61
C TYR C 85 -19.47 -12.19 21.85
N PRO C 86 -20.35 -12.28 20.85
CA PRO C 86 -20.63 -11.12 20.00
C PRO C 86 -21.24 -9.97 20.78
N PHE C 87 -20.88 -8.75 20.38
CA PHE C 87 -21.42 -7.52 20.93
C PHE C 87 -21.89 -6.62 19.81
N MET C 88 -22.89 -5.80 20.11
CA MET C 88 -23.29 -4.71 19.21
C MET C 88 -23.80 -3.57 20.08
N TRP C 89 -24.54 -2.64 19.48
CA TRP C 89 -24.96 -1.45 20.22
C TRP C 89 -25.70 -1.82 21.50
N GLY C 90 -26.50 -2.88 21.45
CA GLY C 90 -27.00 -3.48 22.66
C GLY C 90 -26.15 -4.69 23.02
N GLY C 91 -25.38 -4.59 24.09
CA GLY C 91 -24.44 -5.63 24.44
C GLY C 91 -25.14 -6.93 24.83
N ALA C 92 -24.31 -7.94 25.10
CA ALA C 92 -24.76 -9.27 25.52
C ALA C 92 -25.72 -9.87 24.49
N GLN C 93 -25.15 -10.16 23.32
CA GLN C 93 -25.92 -10.74 22.23
C GLN C 93 -26.08 -12.24 22.34
N CYS C 94 -25.51 -12.88 23.36
CA CYS C 94 -25.59 -14.33 23.51
C CYS C 94 -25.60 -14.66 25.00
N PHE C 95 -26.49 -15.57 25.39
CA PHE C 95 -26.59 -15.98 26.79
C PHE C 95 -25.70 -17.18 27.08
N CYS C 96 -24.43 -17.10 26.68
CA CYS C 96 -23.55 -18.25 26.77
C CYS C 96 -22.11 -17.76 26.73
N ASP C 97 -21.23 -18.44 27.46
CA ASP C 97 -19.83 -18.05 27.57
C ASP C 97 -18.95 -19.22 27.13
N SER C 98 -18.11 -18.96 26.11
CA SER C 98 -17.13 -19.94 25.61
C SER C 98 -17.79 -21.26 25.21
N GLU C 99 -19.06 -21.20 24.80
CA GLU C 99 -19.77 -22.36 24.30
C GLU C 99 -20.57 -22.08 23.03
N ASN C 100 -20.76 -20.83 22.65
CA ASN C 100 -21.51 -20.46 21.46
C ASN C 100 -20.55 -20.09 20.33
N THR C 101 -20.80 -20.64 19.15
CA THR C 101 -19.93 -20.44 18.00
C THR C 101 -20.58 -19.48 17.01
N GLN C 102 -19.78 -19.09 16.02
CA GLN C 102 -20.24 -18.21 14.95
C GLN C 102 -19.82 -18.80 13.61
N LEU C 103 -20.56 -18.41 12.56
CA LEU C 103 -20.32 -18.91 11.22
C LEU C 103 -19.89 -17.75 10.33
N SER C 104 -18.73 -17.90 9.69
CA SER C 104 -18.19 -16.90 8.78
C SER C 104 -18.12 -17.47 7.38
N GLU C 105 -18.60 -16.71 6.40
CA GLU C 105 -18.60 -17.16 5.02
C GLU C 105 -18.42 -15.96 4.11
N ALA C 106 -17.93 -16.23 2.89
CA ALA C 106 -17.73 -15.18 1.91
C ALA C 106 -17.73 -15.79 0.52
N TYR C 107 -18.15 -14.98 -0.46
CA TYR C 107 -18.15 -15.40 -1.86
C TYR C 107 -17.88 -14.19 -2.75
N VAL C 108 -17.86 -14.43 -4.06
CA VAL C 108 -17.49 -13.44 -5.05
C VAL C 108 -18.55 -13.41 -6.14
N GLU C 109 -18.95 -12.21 -6.56
CA GLU C 109 -19.92 -12.05 -7.63
C GLU C 109 -19.59 -10.81 -8.43
N PHE C 110 -20.18 -10.70 -9.61
CA PHE C 110 -19.84 -9.65 -10.55
C PHE C 110 -20.18 -8.27 -9.98
N ALA C 111 -19.36 -7.29 -10.36
CA ALA C 111 -19.56 -5.93 -9.88
C ALA C 111 -20.84 -5.34 -10.48
N PRO C 112 -21.50 -4.43 -9.75
CA PRO C 112 -22.74 -3.84 -10.26
C PRO C 112 -22.53 -2.85 -11.39
N ASP C 113 -21.30 -2.42 -11.66
CA ASP C 113 -21.05 -1.42 -12.68
C ASP C 113 -20.17 -1.92 -13.82
N CYS C 114 -19.67 -3.15 -13.75
CA CYS C 114 -18.76 -3.66 -14.76
C CYS C 114 -19.47 -4.18 -16.01
N THR C 115 -20.75 -3.84 -16.19
CA THR C 115 -21.46 -4.23 -17.40
C THR C 115 -20.98 -3.45 -18.62
N ILE C 116 -20.07 -2.49 -18.45
CA ILE C 116 -19.50 -1.72 -19.56
C ILE C 116 -17.99 -1.95 -19.58
N ASP C 117 -17.42 -2.28 -18.42
CA ASP C 117 -15.98 -2.45 -18.25
C ASP C 117 -15.52 -3.88 -18.45
N HIS C 118 -16.43 -4.77 -18.84
CA HIS C 118 -16.10 -6.18 -18.98
C HIS C 118 -15.11 -6.40 -20.11
N ALA C 119 -14.26 -7.41 -19.95
CA ALA C 119 -13.30 -7.82 -20.96
C ALA C 119 -13.66 -9.21 -21.46
N VAL C 120 -13.75 -9.36 -22.78
CA VAL C 120 -14.16 -10.61 -23.40
C VAL C 120 -12.93 -11.31 -23.96
N ALA C 121 -12.80 -12.61 -23.70
CA ALA C 121 -11.67 -13.39 -24.16
C ALA C 121 -12.08 -14.22 -25.36
N LEU C 122 -11.35 -14.08 -26.46
CA LEU C 122 -11.66 -14.77 -27.71
C LEU C 122 -10.50 -15.70 -28.08
N LYS C 123 -10.72 -16.46 -29.15
CA LYS C 123 -9.72 -17.39 -29.66
C LYS C 123 -9.97 -17.55 -31.16
N VAL C 124 -9.13 -16.93 -31.97
CA VAL C 124 -9.38 -16.80 -33.39
C VAL C 124 -8.50 -17.77 -34.17
N HIS C 125 -8.94 -18.08 -35.38
CA HIS C 125 -8.23 -18.99 -36.28
C HIS C 125 -8.82 -18.83 -37.68
N THR C 126 -8.21 -19.55 -38.64
CA THR C 126 -8.62 -19.60 -40.05
C THR C 126 -9.06 -18.23 -40.57
N ALA C 127 -8.12 -17.29 -40.54
CA ALA C 127 -8.38 -15.94 -41.02
C ALA C 127 -8.61 -15.96 -42.53
N ALA C 128 -9.86 -15.75 -42.94
CA ALA C 128 -10.22 -15.70 -44.34
C ALA C 128 -9.97 -14.29 -44.89
N LEU C 129 -10.44 -14.02 -46.11
CA LEU C 129 -10.28 -12.71 -46.71
C LEU C 129 -11.39 -12.45 -47.72
N LYS C 130 -11.85 -11.20 -47.76
CA LYS C 130 -12.76 -10.73 -48.79
C LYS C 130 -12.31 -9.34 -49.23
N VAL C 131 -12.54 -9.03 -50.51
CA VAL C 131 -12.09 -7.77 -51.08
C VAL C 131 -13.16 -7.21 -52.00
N GLY C 132 -13.38 -5.91 -51.92
CA GLY C 132 -14.24 -5.21 -52.86
C GLY C 132 -13.41 -4.42 -53.85
N LEU C 133 -13.54 -4.73 -55.14
CA LEU C 133 -12.66 -4.16 -56.16
C LEU C 133 -13.50 -3.51 -57.25
N ARG C 134 -12.89 -2.52 -57.91
CA ARG C 134 -13.52 -1.76 -58.98
C ARG C 134 -12.90 -2.17 -60.31
N ILE C 135 -13.75 -2.48 -61.28
CA ILE C 135 -13.32 -2.85 -62.63
C ILE C 135 -13.90 -1.85 -63.61
N VAL C 136 -13.04 -1.32 -64.48
CA VAL C 136 -13.45 -0.43 -65.56
C VAL C 136 -12.98 -1.05 -66.87
N TYR C 137 -13.92 -1.36 -67.76
CA TYR C 137 -13.62 -1.94 -69.06
C TYR C 137 -14.48 -1.24 -70.10
N GLY C 138 -13.86 -0.81 -71.19
CA GLY C 138 -14.60 -0.14 -72.26
C GLY C 138 -15.36 1.08 -71.78
N ASN C 139 -14.74 1.87 -70.91
CA ASN C 139 -15.38 3.07 -70.37
C ASN C 139 -16.67 2.75 -69.60
N THR C 140 -16.67 1.61 -68.91
CA THR C 140 -17.81 1.17 -68.10
C THR C 140 -17.32 0.79 -66.72
N THR C 141 -17.95 1.31 -65.69
CA THR C 141 -17.53 1.11 -64.31
C THR C 141 -18.44 0.11 -63.60
N ALA C 142 -17.82 -0.83 -62.90
CA ALA C 142 -18.55 -1.84 -62.14
C ALA C 142 -17.93 -2.00 -60.76
N HIS C 143 -18.74 -2.45 -59.81
CA HIS C 143 -18.33 -2.62 -58.43
C HIS C 143 -18.66 -4.03 -57.99
N LEU C 144 -17.66 -4.78 -57.52
CA LEU C 144 -17.86 -6.13 -57.02
C LEU C 144 -17.09 -6.31 -55.72
N ASP C 145 -17.58 -7.23 -54.89
CA ASP C 145 -16.95 -7.58 -53.62
C ASP C 145 -16.98 -9.10 -53.46
N THR C 146 -15.92 -9.76 -53.91
CA THR C 146 -15.83 -11.21 -53.95
C THR C 146 -14.87 -11.70 -52.87
N PHE C 147 -14.89 -13.01 -52.66
CA PHE C 147 -13.99 -13.66 -51.71
C PHE C 147 -12.63 -13.87 -52.36
N VAL C 148 -11.76 -14.63 -51.70
CA VAL C 148 -10.40 -14.82 -52.19
C VAL C 148 -10.10 -16.27 -52.59
N ASN C 149 -10.92 -17.24 -52.18
CA ASN C 149 -10.71 -18.60 -52.63
C ASN C 149 -11.06 -18.74 -54.11
N GLY C 150 -10.38 -19.68 -54.78
CA GLY C 150 -10.57 -19.85 -56.20
C GLY C 150 -11.80 -20.64 -56.58
N VAL C 151 -12.86 -20.52 -55.77
CA VAL C 151 -14.09 -21.28 -56.01
C VAL C 151 -15.27 -20.32 -56.16
N THR C 152 -15.53 -19.54 -55.12
CA THR C 152 -16.71 -18.68 -55.11
C THR C 152 -16.55 -17.56 -56.15
N PRO C 153 -17.50 -17.40 -57.06
CA PRO C 153 -17.40 -16.33 -58.05
C PRO C 153 -18.09 -15.04 -57.64
N GLY C 154 -17.85 -13.97 -58.38
CA GLY C 154 -18.56 -12.72 -58.18
C GLY C 154 -19.18 -12.24 -59.47
N SER C 155 -20.51 -12.16 -59.52
CA SER C 155 -21.23 -11.89 -60.75
C SER C 155 -22.12 -10.68 -60.58
N SER C 156 -22.03 -9.73 -61.52
CA SER C 156 -22.95 -8.59 -61.56
C SER C 156 -22.90 -8.03 -62.98
N ARG C 157 -24.01 -8.15 -63.71
CA ARG C 157 -24.15 -7.62 -65.07
C ARG C 157 -23.07 -8.24 -65.97
N ASP C 158 -23.19 -9.55 -66.17
CA ASP C 158 -22.34 -10.31 -67.08
C ASP C 158 -20.85 -10.14 -66.77
N LEU C 159 -20.51 -9.85 -65.53
CA LEU C 159 -19.13 -9.68 -65.10
C LEU C 159 -18.78 -10.76 -64.10
N LYS C 160 -18.05 -11.77 -64.55
CA LYS C 160 -17.59 -12.86 -63.71
C LYS C 160 -16.11 -12.70 -63.46
N VAL C 161 -15.71 -12.75 -62.19
CA VAL C 161 -14.31 -12.65 -61.80
C VAL C 161 -13.98 -13.77 -60.84
N ILE C 162 -12.77 -14.30 -60.93
CA ILE C 162 -12.28 -15.38 -60.08
C ILE C 162 -11.03 -14.89 -59.38
N ALA C 163 -11.02 -15.00 -58.06
CA ALA C 163 -9.88 -14.59 -57.24
C ALA C 163 -9.17 -15.84 -56.72
N GLY C 164 -7.91 -15.98 -57.08
CA GLY C 164 -7.13 -17.11 -56.63
C GLY C 164 -6.57 -16.91 -55.24
N PRO C 165 -6.00 -17.97 -54.69
CA PRO C 165 -5.38 -17.87 -53.37
C PRO C 165 -4.21 -16.90 -53.38
N ILE C 166 -4.05 -16.19 -52.26
CA ILE C 166 -2.98 -15.20 -52.15
C ILE C 166 -1.63 -15.89 -52.12
N SER C 167 -0.62 -15.21 -52.66
CA SER C 167 0.72 -15.78 -52.67
C SER C 167 1.24 -15.98 -51.25
N ALA C 168 1.00 -15.03 -50.36
CA ALA C 168 1.39 -15.12 -48.96
C ALA C 168 0.17 -14.93 -48.09
N ALA C 169 0.05 -15.75 -47.05
CA ALA C 169 -1.09 -15.70 -46.13
C ALA C 169 -0.59 -15.45 -44.71
N PHE C 170 -1.24 -14.52 -44.02
CA PHE C 170 -0.93 -14.27 -42.62
C PHE C 170 -2.17 -13.71 -41.96
N SER C 171 -2.12 -13.61 -40.63
CA SER C 171 -3.14 -12.87 -39.90
C SER C 171 -2.45 -11.96 -38.89
N PRO C 172 -3.00 -10.77 -38.64
CA PRO C 172 -2.39 -9.88 -37.64
C PRO C 172 -2.70 -10.29 -36.21
N PHE C 173 -3.61 -11.25 -36.01
CA PHE C 173 -4.00 -11.71 -34.68
C PHE C 173 -3.23 -12.98 -34.32
N ASP C 174 -2.91 -13.11 -33.05
CA ASP C 174 -2.28 -14.33 -32.55
C ASP C 174 -3.37 -15.38 -32.31
N HIS C 175 -3.00 -16.49 -31.69
CA HIS C 175 -3.98 -17.55 -31.41
C HIS C 175 -5.04 -17.07 -30.41
N LYS C 176 -4.62 -16.34 -29.38
CA LYS C 176 -5.51 -15.90 -28.31
C LYS C 176 -5.57 -14.38 -28.29
N VAL C 177 -6.78 -13.83 -28.31
CA VAL C 177 -7.00 -12.39 -28.32
C VAL C 177 -8.03 -12.06 -27.25
N VAL C 178 -7.97 -10.82 -26.76
CA VAL C 178 -8.85 -10.35 -25.70
C VAL C 178 -9.34 -8.95 -26.03
N ILE C 179 -10.62 -8.70 -25.81
CA ILE C 179 -11.29 -7.46 -26.22
C ILE C 179 -11.83 -6.76 -24.98
N ARG C 180 -11.61 -5.45 -24.89
CA ARG C 180 -12.28 -4.65 -23.88
C ARG C 180 -12.52 -3.24 -24.42
N LYS C 181 -13.74 -2.74 -24.21
CA LYS C 181 -14.10 -1.36 -24.51
C LYS C 181 -13.75 -0.97 -25.95
N GLY C 182 -13.91 -1.91 -26.87
CA GLY C 182 -13.79 -1.61 -28.28
C GLY C 182 -12.40 -1.62 -28.87
N LEU C 183 -11.38 -1.98 -28.09
CA LEU C 183 -10.02 -2.07 -28.61
C LEU C 183 -9.42 -3.42 -28.23
N VAL C 184 -8.69 -4.01 -29.17
CA VAL C 184 -8.21 -5.38 -29.05
C VAL C 184 -6.77 -5.38 -28.56
N TYR C 185 -6.49 -6.18 -27.54
CA TYR C 185 -5.14 -6.44 -27.07
C TYR C 185 -4.64 -7.73 -27.69
N ASN C 186 -3.49 -8.20 -27.25
CA ASN C 186 -2.94 -9.48 -27.70
C ASN C 186 -2.28 -10.14 -26.47
N TYR C 187 -3.05 -10.96 -25.78
CA TYR C 187 -2.62 -11.55 -24.52
C TYR C 187 -2.89 -13.05 -24.53
N ASP C 188 -2.13 -13.77 -23.71
CA ASP C 188 -2.27 -15.22 -23.59
C ASP C 188 -2.94 -15.49 -22.24
N PHE C 189 -4.27 -15.61 -22.27
CA PHE C 189 -5.05 -15.81 -21.06
C PHE C 189 -5.13 -17.29 -20.71
N PRO C 190 -5.35 -17.62 -19.45
CA PRO C 190 -5.47 -19.03 -19.06
C PRO C 190 -6.71 -19.69 -19.63
N GLU C 191 -6.62 -21.01 -19.80
CA GLU C 191 -7.75 -21.79 -20.28
C GLU C 191 -8.92 -21.68 -19.32
N TYR C 192 -10.11 -22.04 -19.81
CA TYR C 192 -11.34 -21.92 -19.04
C TYR C 192 -11.35 -22.98 -17.94
N GLY C 193 -10.95 -22.59 -16.74
CA GLY C 193 -10.99 -23.49 -15.61
C GLY C 193 -9.77 -23.44 -14.72
N ALA C 194 -8.68 -22.89 -15.23
CA ALA C 194 -7.42 -22.78 -14.49
C ALA C 194 -7.17 -21.31 -14.19
N MET C 195 -7.71 -20.83 -13.08
CA MET C 195 -7.53 -19.44 -12.67
C MET C 195 -6.38 -19.33 -11.70
N LYS C 196 -5.68 -18.20 -11.75
CA LYS C 196 -4.60 -17.90 -10.84
C LYS C 196 -4.84 -16.54 -10.20
N PRO C 197 -4.83 -16.43 -8.87
CA PRO C 197 -5.15 -15.16 -8.23
C PRO C 197 -4.15 -14.07 -8.61
N GLY C 198 -4.67 -12.85 -8.76
CA GLY C 198 -3.83 -11.71 -9.05
C GLY C 198 -3.41 -11.55 -10.49
N ALA C 199 -3.95 -12.36 -11.40
CA ALA C 199 -3.62 -12.29 -12.82
C ALA C 199 -4.91 -12.14 -13.62
N PHE C 200 -4.76 -12.03 -14.94
CA PHE C 200 -5.92 -11.92 -15.80
C PHE C 200 -6.76 -13.21 -15.72
N GLY C 201 -8.04 -13.06 -15.99
CA GLY C 201 -8.94 -14.18 -15.88
C GLY C 201 -9.13 -14.69 -14.47
N ASP C 202 -9.17 -13.78 -13.50
CA ASP C 202 -9.43 -14.19 -12.13
C ASP C 202 -10.87 -14.70 -11.99
N ILE C 203 -11.80 -14.12 -12.75
CA ILE C 203 -13.19 -14.54 -12.77
C ILE C 203 -13.52 -15.04 -14.18
N GLN C 204 -14.18 -16.18 -14.27
CA GLN C 204 -14.68 -16.69 -15.53
C GLN C 204 -16.20 -16.86 -15.45
N ALA C 205 -16.85 -16.58 -16.58
CA ALA C 205 -18.30 -16.77 -16.68
C ALA C 205 -18.67 -16.84 -18.15
N SER C 206 -19.68 -17.66 -18.47
CA SER C 206 -20.10 -17.80 -19.85
C SER C 206 -20.61 -16.47 -20.41
N SER C 207 -21.34 -15.72 -19.60
CA SER C 207 -21.86 -14.43 -20.01
C SER C 207 -22.04 -13.55 -18.78
N LEU C 208 -22.17 -12.25 -19.01
CA LEU C 208 -22.28 -11.29 -17.92
C LEU C 208 -23.54 -11.50 -17.09
N ASP C 209 -24.56 -12.15 -17.65
CA ASP C 209 -25.82 -12.39 -16.95
C ASP C 209 -26.01 -13.84 -16.56
N ALA C 210 -24.95 -14.65 -16.65
CA ALA C 210 -25.08 -16.06 -16.32
C ALA C 210 -25.29 -16.25 -14.82
N THR C 211 -25.91 -17.37 -14.48
CA THR C 211 -26.20 -17.70 -13.09
C THR C 211 -25.01 -18.32 -12.39
N ASP C 212 -24.39 -19.33 -13.01
CA ASP C 212 -23.29 -20.07 -12.39
C ASP C 212 -21.97 -19.53 -12.96
N ILE C 213 -21.20 -18.87 -12.11
CA ILE C 213 -19.86 -18.43 -12.47
C ILE C 213 -18.86 -19.16 -11.58
N VAL C 214 -17.60 -19.18 -12.01
CA VAL C 214 -16.54 -19.88 -11.29
C VAL C 214 -15.32 -18.97 -11.22
N ALA C 215 -14.71 -18.92 -10.05
CA ALA C 215 -13.53 -18.09 -9.83
C ALA C 215 -12.88 -18.51 -8.52
N ARG C 216 -11.63 -18.09 -8.33
CA ARG C 216 -10.92 -18.32 -7.08
C ARG C 216 -10.05 -17.11 -6.78
N THR C 217 -10.18 -16.58 -5.56
CA THR C 217 -9.41 -15.43 -5.10
C THR C 217 -8.84 -15.67 -3.71
N ASP C 218 -8.57 -16.94 -3.39
CA ASP C 218 -7.97 -17.38 -2.12
C ASP C 218 -8.48 -16.57 -0.92
N ILE C 219 -9.80 -16.42 -0.85
CA ILE C 219 -10.42 -15.81 0.32
C ILE C 219 -10.09 -16.66 1.53
N ARG C 220 -9.40 -16.07 2.50
CA ARG C 220 -9.05 -16.76 3.74
C ARG C 220 -9.53 -15.93 4.92
N LEU C 221 -10.23 -16.57 5.84
CA LEU C 221 -10.85 -15.89 6.96
C LEU C 221 -9.96 -15.98 8.19
N LEU C 222 -9.76 -14.85 8.86
CA LEU C 222 -8.99 -14.81 10.09
C LEU C 222 -9.90 -15.11 11.28
N LYS C 223 -9.29 -15.16 12.47
CA LYS C 223 -10.05 -15.44 13.68
C LYS C 223 -10.55 -14.14 14.29
N PRO C 224 -11.85 -14.01 14.56
CA PRO C 224 -12.36 -12.76 15.13
C PRO C 224 -11.96 -12.62 16.59
N SER C 225 -11.35 -11.50 16.93
CA SER C 225 -10.91 -11.21 18.29
C SER C 225 -11.39 -9.86 18.81
N VAL C 226 -12.17 -9.12 18.02
CA VAL C 226 -12.61 -7.80 18.45
C VAL C 226 -13.82 -7.93 19.38
N LYS C 227 -14.07 -6.88 20.16
CA LYS C 227 -15.15 -6.87 21.15
C LYS C 227 -16.55 -7.00 20.56
N ASN C 228 -16.82 -6.27 19.49
CA ASN C 228 -18.10 -6.37 18.79
C ASN C 228 -18.04 -7.54 17.81
N ILE C 229 -19.02 -7.64 16.91
CA ILE C 229 -19.09 -8.74 15.96
C ILE C 229 -18.80 -8.19 14.56
N HIS C 230 -17.78 -8.76 13.92
CA HIS C 230 -17.47 -8.44 12.52
C HIS C 230 -16.51 -9.52 12.02
N VAL C 231 -16.75 -10.00 10.81
CA VAL C 231 -15.96 -11.07 10.22
C VAL C 231 -14.72 -10.47 9.59
N PRO C 232 -13.54 -11.03 9.83
CA PRO C 232 -12.34 -10.57 9.13
C PRO C 232 -12.06 -11.39 7.88
N TYR C 233 -11.39 -10.76 6.92
CA TYR C 233 -11.05 -11.46 5.69
C TYR C 233 -9.93 -10.71 4.98
N THR C 234 -9.09 -11.47 4.29
CA THR C 234 -8.07 -10.94 3.41
C THR C 234 -8.23 -11.58 2.04
N GLN C 235 -7.81 -10.85 1.01
CA GLN C 235 -8.04 -11.30 -0.36
C GLN C 235 -6.90 -10.85 -1.25
N ALA C 236 -6.72 -11.57 -2.35
CA ALA C 236 -5.72 -11.20 -3.33
C ALA C 236 -6.16 -9.96 -4.11
N VAL C 237 -5.18 -9.25 -4.64
CA VAL C 237 -5.48 -8.06 -5.44
C VAL C 237 -6.22 -8.48 -6.71
N SER C 238 -7.23 -7.68 -7.08
CA SER C 238 -8.06 -8.01 -8.23
C SER C 238 -7.21 -8.14 -9.48
N GLY C 239 -7.32 -9.29 -10.15
CA GLY C 239 -6.47 -9.57 -11.30
C GLY C 239 -6.79 -8.69 -12.49
N TYR C 240 -8.06 -8.42 -12.74
CA TYR C 240 -8.44 -7.63 -13.91
C TYR C 240 -7.87 -6.21 -13.81
N GLU C 241 -7.94 -5.62 -12.63
CA GLU C 241 -7.37 -4.28 -12.44
C GLU C 241 -5.87 -4.29 -12.68
N MET C 242 -5.17 -5.31 -12.19
CA MET C 242 -3.74 -5.41 -12.40
C MET C 242 -3.41 -5.54 -13.89
N TRP C 243 -4.16 -6.36 -14.62
CA TRP C 243 -3.92 -6.49 -16.05
C TRP C 243 -4.20 -5.18 -16.77
N LYS C 244 -5.26 -4.47 -16.36
CA LYS C 244 -5.56 -3.17 -16.95
C LYS C 244 -4.40 -2.20 -16.72
N ASN C 245 -3.83 -2.23 -15.52
CA ASN C 245 -2.67 -1.38 -15.24
C ASN C 245 -1.48 -1.76 -16.11
N ASN C 246 -1.25 -3.06 -16.30
CA ASN C 246 -0.08 -3.55 -17.03
C ASN C 246 -0.48 -4.14 -18.39
N SER C 247 -1.41 -3.49 -19.08
CA SER C 247 -1.94 -4.04 -20.32
C SER C 247 -0.89 -4.02 -21.43
N GLY C 248 -0.19 -2.91 -21.58
CA GLY C 248 0.67 -2.72 -22.74
C GLY C 248 -0.07 -2.05 -23.87
N ARG C 249 0.61 -1.95 -25.01
CA ARG C 249 0.03 -1.27 -26.16
C ARG C 249 -1.06 -2.13 -26.80
N PRO C 250 -2.19 -1.54 -27.19
CA PRO C 250 -3.22 -2.30 -27.89
C PRO C 250 -2.78 -2.65 -29.30
N LEU C 251 -3.46 -3.64 -29.88
CA LEU C 251 -3.13 -4.09 -31.23
C LEU C 251 -3.48 -3.05 -32.29
N GLN C 252 -4.24 -2.01 -31.95
CA GLN C 252 -4.53 -0.96 -32.92
C GLN C 252 -3.26 -0.26 -33.38
N GLU C 253 -2.28 -0.12 -32.48
CA GLU C 253 -1.04 0.58 -32.76
C GLU C 253 0.16 -0.36 -32.85
N THR C 254 -0.07 -1.63 -33.13
CA THR C 254 1.01 -2.61 -33.24
C THR C 254 0.86 -3.53 -34.44
N ALA C 255 -0.31 -3.59 -35.08
CA ALA C 255 -0.50 -4.49 -36.20
C ALA C 255 0.40 -4.07 -37.37
N PRO C 256 1.05 -5.00 -38.03
CA PRO C 256 1.90 -4.66 -39.18
C PRO C 256 1.07 -4.42 -40.44
N PHE C 257 1.74 -3.87 -41.45
CA PHE C 257 1.18 -3.56 -42.75
C PHE C 257 0.07 -2.51 -42.69
N GLY C 258 -0.19 -1.93 -41.52
CA GLY C 258 -1.17 -0.87 -41.41
C GLY C 258 -2.62 -1.32 -41.38
N CYS C 259 -2.89 -2.55 -40.97
CA CYS C 259 -4.27 -3.03 -40.89
C CYS C 259 -4.96 -2.35 -39.72
N LYS C 260 -5.72 -1.30 -39.98
CA LYS C 260 -6.57 -0.73 -38.95
C LYS C 260 -7.68 -1.71 -38.61
N ILE C 261 -7.97 -1.84 -37.32
CA ILE C 261 -8.74 -2.95 -36.79
C ILE C 261 -10.03 -2.43 -36.19
N GLU C 262 -11.16 -2.97 -36.66
CA GLU C 262 -12.45 -2.73 -36.04
C GLU C 262 -12.72 -3.81 -35.01
N VAL C 263 -13.82 -3.64 -34.27
CA VAL C 263 -14.03 -4.48 -33.10
C VAL C 263 -15.42 -5.11 -33.08
N GLU C 264 -16.32 -4.66 -33.94
CA GLU C 264 -17.66 -5.20 -33.84
C GLU C 264 -17.72 -6.62 -34.41
N PRO C 265 -17.24 -6.88 -35.63
CA PRO C 265 -17.03 -8.27 -36.06
C PRO C 265 -15.60 -8.77 -35.92
N LEU C 266 -14.70 -7.98 -35.35
CA LEU C 266 -13.27 -8.29 -35.27
C LEU C 266 -12.68 -8.50 -36.66
N ARG C 267 -12.68 -7.43 -37.44
CA ARG C 267 -12.12 -7.43 -38.78
C ARG C 267 -10.71 -6.84 -38.77
N ALA C 268 -10.12 -6.73 -39.96
CA ALA C 268 -8.82 -6.09 -40.13
C ALA C 268 -8.77 -5.59 -41.57
N SER C 269 -8.96 -4.28 -41.75
CA SER C 269 -9.28 -3.71 -43.05
C SER C 269 -8.17 -2.78 -43.54
N ASN C 270 -8.09 -2.68 -44.86
CA ASN C 270 -7.31 -1.65 -45.56
C ASN C 270 -5.82 -1.74 -45.23
N CYS C 271 -5.22 -2.87 -45.61
CA CYS C 271 -3.76 -3.02 -45.56
C CYS C 271 -3.29 -3.82 -46.76
N ALA C 272 -2.01 -3.66 -47.08
CA ALA C 272 -1.42 -4.15 -48.31
C ALA C 272 -0.37 -5.21 -48.03
N TYR C 273 -0.47 -6.34 -48.73
CA TYR C 273 0.54 -7.39 -48.63
C TYR C 273 0.34 -8.38 -49.76
N GLY C 274 1.45 -8.85 -50.34
CA GLY C 274 1.40 -9.94 -51.28
C GLY C 274 0.72 -9.61 -52.60
N HIS C 275 0.44 -10.67 -53.36
CA HIS C 275 -0.21 -10.57 -54.66
C HIS C 275 -1.44 -11.48 -54.70
N ILE C 276 -2.51 -10.98 -55.28
CA ILE C 276 -3.77 -11.72 -55.41
C ILE C 276 -4.02 -11.98 -56.89
N PRO C 277 -4.08 -13.22 -57.33
CA PRO C 277 -4.34 -13.51 -58.75
C PRO C 277 -5.81 -13.40 -59.10
N ILE C 278 -6.08 -12.95 -60.33
CA ILE C 278 -7.43 -12.65 -60.78
C ILE C 278 -7.61 -13.21 -62.18
N SER C 279 -8.75 -13.86 -62.42
CA SER C 279 -9.17 -14.30 -63.74
C SER C 279 -10.53 -13.70 -64.03
N ILE C 280 -10.66 -13.04 -65.18
CA ILE C 280 -11.85 -12.28 -65.53
C ILE C 280 -12.21 -12.54 -66.99
N ASP C 281 -13.51 -12.68 -67.26
CA ASP C 281 -14.03 -12.77 -68.61
C ASP C 281 -14.83 -11.52 -68.94
N ILE C 282 -14.78 -11.11 -70.21
CA ILE C 282 -15.41 -9.89 -70.68
C ILE C 282 -16.42 -10.26 -71.76
N PRO C 283 -17.67 -9.82 -71.67
CA PRO C 283 -18.60 -10.01 -72.78
C PRO C 283 -18.18 -9.19 -73.99
N ASP C 284 -18.55 -9.70 -75.18
CA ASP C 284 -18.14 -9.09 -76.42
C ASP C 284 -18.82 -7.75 -76.71
N ALA C 285 -19.83 -7.37 -75.92
CA ALA C 285 -20.52 -6.10 -76.15
C ALA C 285 -19.60 -4.91 -75.99
N ALA C 286 -18.50 -5.04 -75.27
CA ALA C 286 -17.53 -3.97 -75.07
C ALA C 286 -16.33 -4.09 -76.00
N PHE C 287 -16.39 -5.00 -76.97
CA PHE C 287 -15.28 -5.26 -77.88
C PHE C 287 -15.55 -4.60 -79.23
N VAL C 288 -14.50 -4.00 -79.80
CA VAL C 288 -14.57 -3.36 -81.12
C VAL C 288 -13.52 -4.00 -82.00
N ARG C 289 -13.94 -4.45 -83.19
CA ARG C 289 -13.02 -5.09 -84.12
C ARG C 289 -12.19 -4.05 -84.86
N SER C 290 -11.19 -4.54 -85.60
CA SER C 290 -10.23 -3.66 -86.24
C SER C 290 -10.82 -2.85 -87.40
N SER C 291 -12.00 -3.25 -87.91
CA SER C 291 -12.57 -2.57 -89.07
C SER C 291 -12.93 -1.12 -88.74
N GLU C 292 -13.55 -0.88 -87.59
CA GLU C 292 -13.95 0.47 -87.20
C GLU C 292 -12.90 1.17 -86.35
N SER C 293 -11.91 0.45 -85.83
CA SER C 293 -10.86 1.07 -85.04
C SER C 293 -9.87 1.77 -85.96
N PRO C 294 -9.60 3.06 -85.75
CA PRO C 294 -8.62 3.75 -86.57
C PRO C 294 -7.25 3.09 -86.47
N THR C 295 -6.55 3.02 -87.60
CA THR C 295 -5.22 2.43 -87.68
C THR C 295 -4.18 3.54 -87.58
N ILE C 296 -3.18 3.33 -86.74
CA ILE C 296 -2.17 4.35 -86.43
C ILE C 296 -0.81 3.81 -86.85
N LEU C 297 -0.02 4.67 -87.49
CA LEU C 297 1.33 4.31 -87.93
C LEU C 297 2.27 5.48 -87.68
N GLU C 298 3.56 5.21 -87.81
CA GLU C 298 4.61 6.22 -87.66
C GLU C 298 4.58 6.85 -86.27
N VAL C 299 4.81 6.02 -85.27
CA VAL C 299 4.86 6.45 -83.87
C VAL C 299 6.26 6.93 -83.56
N SER C 300 6.36 7.93 -82.68
CA SER C 300 7.65 8.51 -82.33
C SER C 300 7.63 8.95 -80.87
N CYS C 301 8.83 9.05 -80.29
CA CYS C 301 9.01 9.47 -78.92
C CYS C 301 9.90 10.71 -78.81
N THR C 302 9.58 11.52 -77.80
CA THR C 302 10.47 12.54 -77.27
C THR C 302 9.88 13.01 -75.94
N VAL C 303 10.75 13.27 -74.98
CA VAL C 303 10.35 13.65 -73.64
C VAL C 303 11.14 14.88 -73.21
N ALA C 304 10.46 15.80 -72.52
CA ALA C 304 11.13 17.02 -72.06
C ALA C 304 12.06 16.73 -70.89
N ASP C 305 11.50 16.23 -69.78
CA ASP C 305 12.29 15.91 -68.60
C ASP C 305 11.63 14.76 -67.86
N CYS C 306 12.44 13.82 -67.40
CA CYS C 306 11.96 12.68 -66.64
C CYS C 306 12.61 12.67 -65.26
N ILE C 307 11.81 12.36 -64.25
CA ILE C 307 12.28 12.31 -62.86
C ILE C 307 11.50 11.22 -62.15
N TYR C 308 12.22 10.23 -61.63
CA TYR C 308 11.57 9.05 -61.05
C TYR C 308 11.19 9.32 -59.60
N SER C 309 9.94 9.00 -59.27
CA SER C 309 9.39 9.23 -57.94
C SER C 309 8.12 8.40 -57.81
N ALA C 310 7.35 8.65 -56.75
CA ALA C 310 6.09 7.95 -56.57
C ALA C 310 5.00 8.57 -57.45
N ASP C 311 4.84 9.88 -57.38
CA ASP C 311 3.84 10.56 -58.18
C ASP C 311 4.25 10.55 -59.66
N PHE C 312 3.35 11.04 -60.51
CA PHE C 312 3.62 11.09 -61.94
C PHE C 312 4.63 12.20 -62.22
N GLY C 313 5.92 11.84 -62.25
CA GLY C 313 6.97 12.83 -62.39
C GLY C 313 7.36 13.12 -63.81
N GLY C 314 7.66 12.08 -64.58
CA GLY C 314 8.10 12.29 -65.95
C GLY C 314 6.98 12.74 -66.86
N SER C 315 7.36 13.47 -67.91
CA SER C 315 6.42 13.95 -68.91
C SER C 315 6.83 13.41 -70.27
N LEU C 316 5.86 12.91 -71.02
CA LEU C 316 6.11 12.28 -72.32
C LEU C 316 5.22 12.91 -73.37
N THR C 317 5.79 13.18 -74.54
CA THR C 317 5.07 13.74 -75.67
C THR C 317 5.10 12.76 -76.84
N LEU C 318 4.04 12.76 -77.63
CA LEU C 318 3.86 11.79 -78.70
C LEU C 318 3.56 12.51 -80.01
N GLN C 319 4.17 12.00 -81.08
CA GLN C 319 3.91 12.48 -82.44
C GLN C 319 3.50 11.28 -83.31
N TYR C 320 2.49 11.48 -84.14
CA TYR C 320 1.87 10.38 -84.85
C TYR C 320 1.16 10.90 -86.09
N LYS C 321 0.64 9.97 -86.89
CA LYS C 321 -0.26 10.29 -87.99
C LYS C 321 -1.09 9.05 -88.29
N ALA C 322 -2.38 9.26 -88.55
CA ALA C 322 -3.31 8.16 -88.79
C ALA C 322 -4.25 8.54 -89.92
N ASP C 323 -5.25 7.67 -90.16
CA ASP C 323 -6.20 7.86 -91.24
C ASP C 323 -7.59 8.24 -90.77
N ARG C 324 -7.95 7.90 -89.53
CA ARG C 324 -9.30 8.12 -89.03
C ARG C 324 -9.23 8.76 -87.64
N GLU C 325 -10.26 9.53 -87.31
CA GLU C 325 -10.38 10.19 -86.02
C GLU C 325 -11.23 9.35 -85.08
N GLY C 326 -10.73 9.15 -83.86
CA GLY C 326 -11.44 8.35 -82.88
C GLY C 326 -10.75 8.28 -81.54
N HIS C 327 -10.87 7.14 -80.86
CA HIS C 327 -10.25 6.92 -79.56
C HIS C 327 -9.32 5.72 -79.65
N CYS C 328 -8.12 5.86 -79.08
CA CYS C 328 -7.14 4.79 -79.10
C CYS C 328 -6.51 4.62 -77.73
N PRO C 329 -6.68 3.46 -77.10
CA PRO C 329 -6.04 3.23 -75.79
C PRO C 329 -4.52 3.24 -75.90
N VAL C 330 -3.88 3.71 -74.84
CA VAL C 330 -2.43 3.80 -74.77
C VAL C 330 -1.97 3.14 -73.47
N HIS C 331 -0.92 2.33 -73.57
CA HIS C 331 -0.48 1.51 -72.45
C HIS C 331 1.03 1.28 -72.54
N SER C 332 1.64 1.02 -71.40
CA SER C 332 3.06 0.73 -71.30
C SER C 332 3.25 -0.72 -70.90
N HIS C 333 3.97 -1.48 -71.73
CA HIS C 333 4.16 -2.90 -71.48
C HIS C 333 5.15 -3.17 -70.36
N SER C 334 6.10 -2.26 -70.15
CA SER C 334 7.08 -2.46 -69.08
C SER C 334 6.41 -2.36 -67.72
N THR C 335 6.90 -3.17 -66.79
CA THR C 335 6.35 -3.22 -65.44
C THR C 335 6.90 -2.13 -64.53
N THR C 336 7.87 -1.34 -65.01
CA THR C 336 8.42 -0.23 -64.25
C THR C 336 7.96 1.13 -64.79
N ALA C 337 6.84 1.15 -65.52
CA ALA C 337 6.32 2.38 -66.08
C ALA C 337 4.83 2.23 -66.29
N VAL C 338 4.06 3.18 -65.75
CA VAL C 338 2.60 3.18 -65.90
C VAL C 338 2.17 4.54 -66.42
N LEU C 339 1.00 4.57 -67.05
CA LEU C 339 0.45 5.77 -67.66
C LEU C 339 -0.76 6.23 -66.86
N LYS C 340 -0.77 7.52 -66.51
CA LYS C 340 -1.90 8.07 -65.77
C LYS C 340 -3.18 8.02 -66.58
N GLU C 341 -3.11 8.37 -67.86
CA GLU C 341 -4.29 8.43 -68.70
C GLU C 341 -4.62 7.05 -69.27
N ALA C 342 -5.90 6.87 -69.60
CA ALA C 342 -6.40 5.60 -70.11
C ALA C 342 -6.80 5.66 -71.57
N THR C 343 -7.57 6.67 -71.97
CA THR C 343 -8.00 6.84 -73.35
C THR C 343 -7.62 8.23 -73.85
N THR C 344 -7.36 8.32 -75.14
CA THR C 344 -6.98 9.58 -75.77
C THR C 344 -7.73 9.74 -77.09
N HIS C 345 -7.93 10.99 -77.48
CA HIS C 345 -8.60 11.29 -78.74
C HIS C 345 -7.55 11.42 -79.84
N VAL C 346 -7.58 10.50 -80.80
CA VAL C 346 -6.59 10.47 -81.88
C VAL C 346 -7.15 11.24 -83.07
N THR C 347 -6.27 11.95 -83.77
CA THR C 347 -6.64 12.76 -84.91
C THR C 347 -5.81 12.32 -86.11
N ALA C 348 -5.93 13.07 -87.22
CA ALA C 348 -5.24 12.70 -88.44
C ALA C 348 -3.72 12.86 -88.28
N THR C 349 -3.28 14.06 -87.91
CA THR C 349 -1.86 14.37 -87.74
C THR C 349 -1.65 15.19 -86.48
N GLY C 350 -2.32 14.81 -85.40
CA GLY C 350 -2.21 15.53 -84.15
C GLY C 350 -1.00 15.12 -83.33
N SER C 351 -0.93 15.69 -82.13
CA SER C 351 0.14 15.37 -81.19
C SER C 351 -0.42 15.52 -79.78
N ILE C 352 -0.33 14.46 -78.98
CA ILE C 352 -0.88 14.46 -77.63
C ILE C 352 0.26 14.40 -76.63
N THR C 353 -0.02 14.87 -75.41
CA THR C 353 0.92 14.83 -74.30
C THR C 353 0.43 13.85 -73.25
N LEU C 354 1.36 13.13 -72.65
CA LEU C 354 1.01 12.07 -71.72
C LEU C 354 1.87 12.19 -70.47
N HIS C 355 1.32 11.71 -69.35
CA HIS C 355 2.01 11.69 -68.07
C HIS C 355 2.33 10.26 -67.69
N PHE C 356 3.56 10.03 -67.23
CA PHE C 356 3.98 8.70 -66.86
C PHE C 356 4.82 8.77 -65.59
N SER C 357 4.85 7.66 -64.87
CA SER C 357 5.68 7.51 -63.68
C SER C 357 6.54 6.26 -63.83
N THR C 358 7.73 6.31 -63.24
CA THR C 358 8.70 5.23 -63.42
C THR C 358 9.60 5.20 -62.19
N SER C 359 10.04 4.00 -61.83
CA SER C 359 10.92 3.79 -60.69
C SER C 359 12.36 3.49 -61.07
N SER C 360 12.70 3.55 -62.36
CA SER C 360 14.03 3.23 -62.83
C SER C 360 14.77 4.48 -63.26
N PRO C 361 16.10 4.53 -63.10
CA PRO C 361 16.85 5.70 -63.58
C PRO C 361 16.73 5.91 -65.07
N GLN C 362 16.62 4.84 -65.85
CA GLN C 362 16.45 4.93 -67.29
C GLN C 362 14.99 4.70 -67.65
N ALA C 363 14.45 5.58 -68.50
CA ALA C 363 13.07 5.43 -68.95
C ALA C 363 13.00 4.63 -70.25
N ASN C 364 13.62 3.45 -70.25
CA ASN C 364 13.66 2.59 -71.42
C ASN C 364 12.47 1.66 -71.30
N PHE C 365 11.35 2.08 -71.89
CA PHE C 365 10.12 1.30 -71.88
C PHE C 365 9.38 1.53 -73.19
N ILE C 366 8.69 0.49 -73.66
CA ILE C 366 7.95 0.56 -74.91
C ILE C 366 6.49 0.82 -74.60
N VAL C 367 5.78 1.39 -75.57
CA VAL C 367 4.35 1.65 -75.48
C VAL C 367 3.67 1.08 -76.71
N SER C 368 2.36 0.89 -76.61
CA SER C 368 1.56 0.29 -77.68
C SER C 368 0.37 1.19 -77.96
N LEU C 369 0.47 1.98 -79.03
CA LEU C 369 -0.64 2.81 -79.50
C LEU C 369 -1.47 1.96 -80.46
N CYS C 370 -2.58 1.43 -79.96
CA CYS C 370 -3.46 0.56 -80.74
C CYS C 370 -2.71 -0.64 -81.33
N GLY C 371 -1.69 -1.12 -80.62
CA GLY C 371 -0.91 -2.25 -81.07
C GLY C 371 0.39 -1.92 -81.76
N LYS C 372 0.60 -0.65 -82.12
CA LYS C 372 1.84 -0.25 -82.80
C LYS C 372 2.90 0.02 -81.75
N LYS C 373 3.93 -0.82 -81.73
CA LYS C 373 4.99 -0.74 -80.74
C LYS C 373 6.13 0.14 -81.24
N THR C 374 6.85 0.72 -80.27
CA THR C 374 8.04 1.51 -80.58
C THR C 374 8.90 1.60 -79.33
N THR C 375 10.19 1.85 -79.53
CA THR C 375 11.10 2.06 -78.42
C THR C 375 10.97 3.47 -77.87
N CYS C 376 11.37 3.65 -76.62
CA CYS C 376 11.21 4.94 -75.95
C CYS C 376 12.14 4.95 -74.75
N ASN C 377 13.12 5.85 -74.74
CA ASN C 377 14.14 5.84 -73.69
C ASN C 377 14.64 7.26 -73.44
N ALA C 378 15.16 7.46 -72.23
CA ALA C 378 15.72 8.73 -71.80
C ALA C 378 16.41 8.51 -70.46
N GLU C 379 17.00 9.58 -69.92
CA GLU C 379 17.65 9.57 -68.62
C GLU C 379 16.84 10.38 -67.62
N CYS C 380 16.66 9.84 -66.43
CA CYS C 380 15.88 10.48 -65.38
C CYS C 380 16.74 10.75 -64.16
N LYS C 381 16.55 11.93 -63.54
CA LYS C 381 17.28 12.42 -62.39
C LYS C 381 16.55 12.09 -61.09
N PRO C 382 17.28 11.93 -59.98
CA PRO C 382 16.63 11.64 -58.72
C PRO C 382 15.83 12.84 -58.22
N PRO C 383 14.79 12.62 -57.44
CA PRO C 383 13.99 13.75 -56.94
C PRO C 383 14.64 14.42 -55.74
N ALA C 384 14.40 15.74 -55.64
CA ALA C 384 14.94 16.50 -54.53
C ALA C 384 14.16 16.25 -53.24
N ASP C 385 12.84 16.17 -53.34
CA ASP C 385 12.01 15.94 -52.17
C ASP C 385 11.98 14.45 -51.86
N HIS C 386 12.43 14.07 -50.66
CA HIS C 386 12.54 12.67 -50.25
C HIS C 386 11.48 12.29 -49.23
N ILE C 387 10.42 13.08 -49.08
CA ILE C 387 9.32 12.77 -48.19
C ILE C 387 8.03 13.21 -48.87
N ILE C 388 7.08 12.28 -49.02
CA ILE C 388 5.81 12.54 -49.68
C ILE C 388 4.72 11.76 -48.97
N GLY C 389 3.47 12.04 -49.34
CA GLY C 389 2.34 11.35 -48.76
C GLY C 389 1.55 10.54 -49.76
N GLU C 390 2.24 9.97 -50.76
CA GLU C 390 1.60 9.14 -51.78
C GLU C 390 2.44 7.88 -51.97
N PRO C 391 1.84 6.70 -51.85
CA PRO C 391 2.62 5.47 -52.02
C PRO C 391 3.13 5.32 -53.44
N HIS C 392 4.27 4.66 -53.58
CA HIS C 392 4.85 4.41 -54.89
C HIS C 392 3.94 3.50 -55.70
N LYS C 393 3.67 3.89 -56.95
CA LYS C 393 2.75 3.14 -57.79
C LYS C 393 3.37 1.90 -58.42
N VAL C 394 4.70 1.80 -58.42
CA VAL C 394 5.39 0.65 -58.98
C VAL C 394 6.49 0.21 -58.01
N ASP C 395 6.91 -1.04 -58.15
CA ASP C 395 7.89 -1.64 -57.25
C ASP C 395 9.23 -1.78 -57.95
N GLN C 396 10.29 -1.74 -57.15
CA GLN C 396 11.64 -1.82 -57.69
C GLN C 396 11.91 -3.22 -58.25
N GLU C 397 12.59 -3.26 -59.39
CA GLU C 397 12.91 -4.51 -60.07
C GLU C 397 14.37 -4.49 -60.48
N PHE C 398 14.97 -5.69 -60.54
CA PHE C 398 16.35 -5.79 -60.96
C PHE C 398 16.48 -5.65 -62.47
N GLN C 399 17.71 -5.36 -62.90
CA GLN C 399 18.04 -5.14 -64.32
C GLN C 399 17.30 -3.94 -64.88
N ALA C 400 16.62 -3.19 -64.02
CA ALA C 400 15.97 -1.94 -64.37
C ALA C 400 16.38 -0.79 -63.44
N ALA C 401 16.57 -1.08 -62.16
CA ALA C 401 16.98 -0.05 -61.20
C ALA C 401 18.43 0.37 -61.38
N VAL C 402 19.20 -0.34 -62.20
CA VAL C 402 20.61 -0.03 -62.44
C VAL C 402 20.69 0.87 -63.67
N SER C 403 21.41 2.00 -63.53
CA SER C 403 21.53 2.95 -64.62
C SER C 403 22.33 2.35 -65.78
N LYS C 404 22.04 2.84 -66.98
CA LYS C 404 22.73 2.32 -68.16
C LYS C 404 24.21 2.67 -68.16
N THR C 405 24.57 3.85 -67.64
CA THR C 405 25.98 4.23 -67.58
C THR C 405 26.77 3.27 -66.69
N SER C 406 26.27 3.02 -65.48
CA SER C 406 26.94 2.06 -64.61
C SER C 406 26.90 0.65 -65.18
N TRP C 407 25.79 0.30 -65.84
CA TRP C 407 25.69 -1.01 -66.47
C TRP C 407 26.78 -1.21 -67.51
N ASN C 408 27.03 -0.19 -68.33
CA ASN C 408 28.13 -0.27 -69.28
C ASN C 408 29.48 -0.27 -68.56
N TRP C 409 29.60 0.49 -67.47
CA TRP C 409 30.87 0.59 -66.77
C TRP C 409 31.29 -0.75 -66.16
N LEU C 410 30.35 -1.49 -65.59
CA LEU C 410 30.67 -2.77 -64.99
C LEU C 410 30.69 -3.91 -66.01
N LEU C 411 30.38 -3.63 -67.27
CA LEU C 411 30.43 -4.64 -68.32
C LEU C 411 31.65 -4.43 -69.21
N ILE D 1 -38.66 -7.28 -7.66
CA ILE D 1 -38.11 -5.95 -7.44
C ILE D 1 -39.20 -5.00 -6.99
N THR D 2 -38.95 -4.29 -5.89
CA THR D 2 -39.92 -3.37 -5.31
C THR D 2 -39.31 -1.98 -5.19
N ASP D 3 -40.19 -0.97 -5.19
CA ASP D 3 -39.77 0.41 -5.02
C ASP D 3 -40.40 1.11 -3.84
N ASP D 4 -41.32 0.46 -3.13
CA ASP D 4 -41.92 1.07 -1.94
C ASP D 4 -40.95 0.99 -0.77
N PHE D 5 -40.77 2.11 -0.08
CA PHE D 5 -39.85 2.19 1.05
C PHE D 5 -40.57 2.17 2.39
N THR D 6 -41.86 1.82 2.41
CA THR D 6 -42.58 1.64 3.66
C THR D 6 -42.39 0.25 4.26
N LEU D 7 -41.74 -0.66 3.53
CA LEU D 7 -41.49 -2.01 4.00
C LEU D 7 -40.05 -2.24 4.43
N THR D 8 -39.21 -1.22 4.35
CA THR D 8 -37.80 -1.33 4.72
C THR D 8 -37.51 -0.44 5.93
N SER D 9 -36.25 -0.43 6.34
CA SER D 9 -35.82 0.32 7.51
C SER D 9 -34.31 0.49 7.47
N PRO D 10 -33.77 1.54 8.05
CA PRO D 10 -32.32 1.68 8.16
C PRO D 10 -31.79 0.80 9.28
N TYR D 11 -30.45 0.71 9.35
CA TYR D 11 -29.79 -0.13 10.33
C TYR D 11 -28.55 0.59 10.83
N LEU D 12 -28.02 0.09 11.96
CA LEU D 12 -26.84 0.66 12.59
C LEU D 12 -25.61 -0.13 12.18
N GLY D 13 -24.64 0.54 11.56
CA GLY D 13 -23.40 -0.07 11.17
C GLY D 13 -22.28 0.18 12.18
N PHE D 14 -21.09 -0.30 11.83
CA PHE D 14 -19.91 -0.18 12.66
C PHE D 14 -18.82 0.50 11.83
N CYS D 15 -18.82 1.82 11.82
CA CYS D 15 -17.83 2.57 11.06
C CYS D 15 -16.47 2.48 11.75
N PRO D 16 -15.39 2.20 11.02
CA PRO D 16 -14.07 2.11 11.66
C PRO D 16 -13.55 3.42 12.19
N TYR D 17 -14.10 4.56 11.78
CA TYR D 17 -13.50 5.85 12.11
C TYR D 17 -14.62 6.88 12.29
N CYS D 18 -14.98 7.16 13.54
CA CYS D 18 -15.92 8.23 13.83
C CYS D 18 -15.18 9.57 13.91
N ARG D 19 -15.87 10.59 14.42
CA ARG D 19 -15.25 11.91 14.54
C ARG D 19 -14.09 11.90 15.52
N HIS D 20 -14.23 11.20 16.64
CA HIS D 20 -13.22 11.20 17.68
C HIS D 20 -12.12 10.16 17.43
N SER D 21 -11.97 9.71 16.20
CA SER D 21 -10.85 8.87 15.77
C SER D 21 -10.76 7.57 16.58
N ALA D 22 -11.86 6.82 16.57
CA ALA D 22 -11.92 5.55 17.27
C ALA D 22 -13.04 4.72 16.65
N PRO D 23 -12.95 3.39 16.72
CA PRO D 23 -14.06 2.56 16.25
C PRO D 23 -15.33 2.89 17.04
N CYS D 24 -16.46 2.81 16.36
CA CYS D 24 -17.71 3.34 16.91
C CYS D 24 -18.88 2.65 16.25
N PHE D 25 -20.05 2.81 16.86
CA PHE D 25 -21.31 2.41 16.26
C PHE D 25 -21.99 3.67 15.73
N SER D 26 -22.21 3.71 14.41
CA SER D 26 -22.69 4.92 13.76
C SER D 26 -23.87 4.59 12.86
N PRO D 27 -24.80 5.53 12.69
CA PRO D 27 -25.92 5.33 11.78
C PRO D 27 -25.64 5.75 10.35
N ILE D 28 -24.49 6.34 10.07
CA ILE D 28 -24.17 6.87 8.75
C ILE D 28 -23.01 6.04 8.19
N LYS D 29 -22.96 4.76 8.57
CA LYS D 29 -21.92 3.88 8.06
C LYS D 29 -22.05 3.72 6.55
N ILE D 30 -20.93 3.78 5.86
CA ILE D 30 -20.89 3.57 4.42
C ILE D 30 -20.26 2.21 4.14
N GLU D 31 -20.69 1.59 3.06
CA GLU D 31 -20.29 0.22 2.74
C GLU D 31 -19.30 0.16 1.59
N ASN D 32 -19.65 0.74 0.44
CA ASN D 32 -18.81 0.70 -0.74
C ASN D 32 -18.71 2.10 -1.34
N VAL D 33 -17.69 2.27 -2.17
CA VAL D 33 -17.46 3.52 -2.89
C VAL D 33 -17.02 3.14 -4.30
N TRP D 34 -17.89 3.33 -5.28
CA TRP D 34 -17.60 2.96 -6.66
C TRP D 34 -17.05 4.17 -7.39
N ASP D 35 -15.93 3.97 -8.09
CA ASP D 35 -15.21 5.06 -8.76
C ASP D 35 -14.85 4.62 -10.19
N GLU D 36 -15.86 4.19 -10.94
CA GLU D 36 -15.68 3.78 -12.32
C GLU D 36 -16.29 4.79 -13.30
N SER D 37 -16.33 6.06 -12.93
CA SER D 37 -16.87 7.11 -13.77
C SER D 37 -15.75 7.71 -14.63
N ASP D 38 -16.04 8.84 -15.28
CA ASP D 38 -15.04 9.55 -16.06
C ASP D 38 -15.01 11.05 -15.81
N ASP D 39 -15.93 11.60 -15.02
CA ASP D 39 -15.87 12.98 -14.60
C ASP D 39 -15.65 13.12 -13.10
N GLY D 40 -15.27 12.05 -12.41
CA GLY D 40 -15.06 12.08 -10.98
C GLY D 40 -16.28 11.74 -10.15
N SER D 41 -17.39 11.37 -10.77
CA SER D 41 -18.60 11.03 -10.02
C SER D 41 -18.37 9.79 -9.16
N ILE D 42 -19.02 9.77 -8.00
CA ILE D 42 -18.85 8.71 -7.01
C ILE D 42 -20.23 8.29 -6.51
N ARG D 43 -20.46 6.99 -6.41
CA ARG D 43 -21.72 6.45 -5.92
C ARG D 43 -21.51 5.87 -4.53
N ILE D 44 -21.69 6.72 -3.52
CA ILE D 44 -21.54 6.29 -2.13
C ILE D 44 -22.83 5.61 -1.67
N GLN D 45 -22.69 4.46 -1.02
CA GLN D 45 -23.81 3.76 -0.40
C GLN D 45 -23.64 3.80 1.11
N VAL D 46 -24.64 4.33 1.81
CA VAL D 46 -24.57 4.45 3.26
C VAL D 46 -25.68 3.61 3.89
N SER D 47 -25.72 3.59 5.23
CA SER D 47 -26.70 2.80 5.97
C SER D 47 -27.88 3.64 6.44
N ALA D 48 -28.28 4.64 5.66
CA ALA D 48 -29.42 5.49 5.98
C ALA D 48 -30.17 5.79 4.69
N GLN D 49 -31.48 5.63 4.70
CA GLN D 49 -32.28 5.87 3.51
C GLN D 49 -32.52 7.37 3.31
N PHE D 50 -32.17 7.87 2.14
CA PHE D 50 -32.37 9.27 1.79
C PHE D 50 -33.59 9.43 0.90
N GLY D 51 -34.14 10.63 0.90
CA GLY D 51 -35.28 10.94 0.07
C GLY D 51 -36.61 10.41 0.55
N TYR D 52 -36.69 9.95 1.79
CA TYR D 52 -37.94 9.44 2.35
C TYR D 52 -38.09 9.93 3.78
N ASN D 53 -39.34 10.13 4.19
CA ASN D 53 -39.63 10.53 5.56
C ASN D 53 -39.66 9.29 6.46
N GLN D 54 -40.16 9.45 7.68
CA GLN D 54 -40.17 8.33 8.62
C GLN D 54 -41.02 7.18 8.10
N ALA D 55 -42.18 7.48 7.53
CA ALA D 55 -43.04 6.45 6.95
C ALA D 55 -42.64 6.09 5.52
N GLY D 56 -41.76 6.86 4.89
CA GLY D 56 -41.32 6.57 3.54
C GLY D 56 -42.32 6.97 2.47
N THR D 57 -42.60 8.26 2.36
CA THR D 57 -43.52 8.79 1.36
C THR D 57 -42.82 9.63 0.30
N ALA D 58 -41.52 9.38 0.10
CA ALA D 58 -40.74 10.01 -0.98
C ALA D 58 -40.76 11.54 -0.89
N ASP D 59 -40.16 12.04 0.18
CA ASP D 59 -39.98 13.48 0.38
C ASP D 59 -38.55 13.85 -0.01
N VAL D 60 -38.41 14.92 -0.80
CA VAL D 60 -37.11 15.26 -1.35
C VAL D 60 -36.13 15.68 -0.25
N THR D 61 -36.59 16.51 0.68
CA THR D 61 -35.70 17.11 1.68
C THR D 61 -35.81 16.46 3.05
N LYS D 62 -35.98 15.14 3.10
CA LYS D 62 -35.98 14.41 4.37
C LYS D 62 -35.24 13.09 4.17
N PHE D 63 -34.70 12.57 5.27
CA PHE D 63 -33.99 11.30 5.24
C PHE D 63 -34.14 10.60 6.59
N ARG D 64 -34.01 9.28 6.56
CA ARG D 64 -34.20 8.45 7.75
C ARG D 64 -32.86 8.03 8.34
N TYR D 65 -32.90 7.68 9.63
CA TYR D 65 -31.75 7.13 10.34
C TYR D 65 -32.22 6.60 11.68
N MET D 66 -31.65 5.48 12.11
CA MET D 66 -32.04 4.89 13.38
C MET D 66 -31.60 5.75 14.56
N SER D 67 -32.35 5.66 15.65
CA SER D 67 -32.09 6.46 16.83
C SER D 67 -31.21 5.70 17.82
N TYR D 68 -30.39 6.44 18.54
CA TYR D 68 -29.51 5.85 19.54
C TYR D 68 -30.25 5.44 20.80
N ASP D 69 -31.48 5.91 21.00
CA ASP D 69 -32.23 5.59 22.20
C ASP D 69 -32.60 4.11 22.22
N HIS D 70 -32.77 3.59 23.45
CA HIS D 70 -32.97 2.16 23.63
C HIS D 70 -34.30 1.69 23.05
N ASP D 71 -35.33 2.53 23.07
CA ASP D 71 -36.57 2.27 22.34
C ASP D 71 -36.37 2.71 20.90
N HIS D 72 -35.52 1.96 20.19
CA HIS D 72 -35.00 2.38 18.90
C HIS D 72 -36.12 2.47 17.87
N ASP D 73 -36.39 3.69 17.41
CA ASP D 73 -37.34 3.95 16.33
C ASP D 73 -36.63 4.80 15.28
N ILE D 74 -37.21 4.80 14.07
CA ILE D 74 -36.66 5.59 12.99
C ILE D 74 -37.04 7.04 13.21
N LYS D 75 -36.05 7.93 13.17
CA LYS D 75 -36.25 9.35 13.40
C LYS D 75 -36.01 10.12 12.10
N GLU D 76 -36.09 11.45 12.20
CA GLU D 76 -36.06 12.33 11.04
C GLU D 76 -35.03 13.42 11.24
N ASP D 77 -34.55 13.96 10.12
CA ASP D 77 -33.68 15.12 10.15
C ASP D 77 -33.74 15.81 8.80
N SER D 78 -33.42 17.10 8.79
CA SER D 78 -33.41 17.86 7.56
C SER D 78 -32.30 17.37 6.63
N MET D 79 -32.55 17.49 5.33
CA MET D 79 -31.64 16.91 4.34
C MET D 79 -30.37 17.73 4.17
N GLU D 80 -30.44 19.04 4.36
CA GLU D 80 -29.30 19.91 4.08
C GLU D 80 -28.19 19.81 5.13
N LYS D 81 -28.26 18.85 6.05
CA LYS D 81 -27.21 18.62 7.03
C LYS D 81 -26.25 17.53 6.61
N ILE D 82 -26.38 17.00 5.40
CA ILE D 82 -25.54 15.91 4.91
C ILE D 82 -24.46 16.50 4.00
N ALA D 83 -23.19 16.22 4.32
CA ALA D 83 -22.06 16.74 3.57
C ALA D 83 -21.10 15.61 3.24
N ILE D 84 -20.43 15.76 2.10
CA ILE D 84 -19.47 14.78 1.60
C ILE D 84 -18.13 15.49 1.40
N SER D 85 -17.06 14.85 1.82
CA SER D 85 -15.73 15.44 1.72
C SER D 85 -14.67 14.36 1.67
N THR D 86 -13.68 14.55 0.80
CA THR D 86 -12.49 13.71 0.77
C THR D 86 -11.24 14.50 1.16
N SER D 87 -10.94 15.57 0.43
CA SER D 87 -9.94 16.55 0.83
C SER D 87 -10.53 17.95 0.90
N GLY D 88 -11.33 18.33 -0.08
CA GLY D 88 -12.21 19.47 0.03
C GLY D 88 -13.64 18.99 0.06
N PRO D 89 -14.59 19.90 0.29
CA PRO D 89 -16.00 19.48 0.33
C PRO D 89 -16.48 19.04 -1.04
N CYS D 90 -17.25 17.95 -1.04
CA CYS D 90 -17.89 17.48 -2.26
C CYS D 90 -19.26 18.12 -2.40
N ARG D 91 -19.73 18.21 -3.64
CA ARG D 91 -21.05 18.77 -3.95
C ARG D 91 -21.98 17.62 -4.32
N ARG D 92 -23.06 17.49 -3.55
CA ARG D 92 -24.01 16.41 -3.77
C ARG D 92 -24.73 16.56 -5.11
N LEU D 93 -25.02 15.43 -5.74
CA LEU D 93 -25.70 15.43 -7.03
C LEU D 93 -27.01 14.66 -7.03
N GLY D 94 -27.29 13.87 -6.00
CA GLY D 94 -28.54 13.12 -5.95
C GLY D 94 -28.57 12.24 -4.73
N HIS D 95 -29.72 11.62 -4.52
CA HIS D 95 -29.92 10.73 -3.37
C HIS D 95 -31.19 9.93 -3.58
N LYS D 96 -31.11 8.63 -3.30
CA LYS D 96 -32.28 7.76 -3.40
C LYS D 96 -32.01 6.53 -2.56
N GLY D 97 -32.77 6.35 -1.48
CA GLY D 97 -32.54 5.22 -0.61
C GLY D 97 -31.18 5.29 0.05
N TYR D 98 -30.46 4.16 0.03
CA TYR D 98 -29.15 4.10 0.66
C TYR D 98 -28.14 4.98 -0.06
N PHE D 99 -28.23 5.04 -1.39
CA PHE D 99 -27.16 5.61 -2.21
C PHE D 99 -27.27 7.13 -2.31
N LEU D 100 -26.16 7.74 -2.71
CA LEU D 100 -26.11 9.15 -3.06
C LEU D 100 -24.87 9.40 -3.90
N LEU D 101 -25.00 10.27 -4.89
CA LEU D 101 -23.91 10.55 -5.83
C LEU D 101 -23.22 11.85 -5.43
N ALA D 102 -21.93 11.94 -5.76
CA ALA D 102 -21.13 13.11 -5.42
C ALA D 102 -20.06 13.33 -6.49
N GLN D 103 -19.28 14.39 -6.30
CA GLN D 103 -18.17 14.71 -7.20
C GLN D 103 -17.26 15.68 -6.48
N CYS D 104 -15.98 15.34 -6.34
CA CYS D 104 -15.04 16.17 -5.60
C CYS D 104 -13.62 15.70 -5.89
N PRO D 105 -12.61 16.55 -5.64
CA PRO D 105 -11.27 16.27 -6.14
C PRO D 105 -10.64 15.08 -5.46
N PRO D 106 -9.58 14.51 -6.04
CA PRO D 106 -9.00 13.27 -5.49
C PRO D 106 -8.39 13.48 -4.12
N GLY D 107 -8.42 12.41 -3.34
CA GLY D 107 -7.81 12.39 -2.01
C GLY D 107 -7.37 11.00 -1.67
N ASP D 108 -7.61 10.58 -0.43
CA ASP D 108 -7.33 9.21 -0.04
C ASP D 108 -8.40 8.60 0.86
N SER D 109 -9.49 9.31 1.14
CA SER D 109 -10.55 8.78 1.99
C SER D 109 -11.84 9.51 1.67
N VAL D 110 -12.95 8.81 1.83
CA VAL D 110 -14.28 9.35 1.54
C VAL D 110 -15.08 9.41 2.82
N THR D 111 -15.63 10.59 3.12
CA THR D 111 -16.35 10.82 4.37
C THR D 111 -17.70 11.45 4.08
N VAL D 112 -18.71 11.01 4.83
CA VAL D 112 -20.01 11.68 4.87
C VAL D 112 -20.35 11.94 6.33
N SER D 113 -20.95 13.09 6.61
CA SER D 113 -21.15 13.52 7.99
C SER D 113 -22.42 14.34 8.12
N ILE D 114 -23.08 14.19 9.25
CA ILE D 114 -24.20 15.03 9.62
C ILE D 114 -23.65 16.18 10.47
N THR D 115 -23.77 17.41 9.95
CA THR D 115 -23.21 18.59 10.60
C THR D 115 -24.24 19.34 11.43
N SER D 116 -25.19 18.62 12.03
CA SER D 116 -26.22 19.23 12.85
C SER D 116 -25.67 19.49 14.25
N GLY D 117 -26.54 19.83 15.19
CA GLY D 117 -26.13 20.09 16.55
C GLY D 117 -26.48 18.98 17.52
N ALA D 118 -27.57 18.27 17.26
CA ALA D 118 -28.02 17.23 18.18
C ALA D 118 -27.18 15.96 18.02
N SER D 119 -27.22 15.36 16.84
CA SER D 119 -26.42 14.17 16.53
C SER D 119 -25.43 14.53 15.44
N GLU D 120 -24.14 14.28 15.70
CA GLU D 120 -23.08 14.69 14.78
C GLU D 120 -22.06 13.57 14.71
N ASN D 121 -22.08 12.82 13.61
CA ASN D 121 -21.12 11.77 13.36
C ASN D 121 -20.47 11.98 12.00
N SER D 122 -19.35 11.31 11.78
CA SER D 122 -18.61 11.45 10.52
C SER D 122 -17.90 10.13 10.25
N CYS D 123 -18.51 9.28 9.44
CA CYS D 123 -17.88 8.02 9.06
C CYS D 123 -16.77 8.28 8.04
N THR D 124 -15.88 7.31 7.89
CA THR D 124 -14.75 7.46 6.99
C THR D 124 -14.19 6.09 6.65
N VAL D 125 -13.86 5.89 5.36
CA VAL D 125 -13.20 4.67 4.91
C VAL D 125 -12.02 5.07 4.02
N GLU D 126 -11.11 4.13 3.83
CA GLU D 126 -9.91 4.35 3.04
C GLU D 126 -10.17 3.91 1.60
N LYS D 127 -10.27 4.88 0.69
CA LYS D 127 -10.46 4.61 -0.73
C LYS D 127 -9.49 5.45 -1.54
N LYS D 128 -8.76 4.81 -2.44
CA LYS D 128 -7.80 5.50 -3.29
C LYS D 128 -8.55 6.14 -4.46
N ILE D 129 -8.56 7.47 -4.48
CA ILE D 129 -9.23 8.22 -5.54
C ILE D 129 -8.18 9.05 -6.27
N ARG D 130 -8.08 8.86 -7.58
CA ARG D 130 -7.16 9.59 -8.43
C ARG D 130 -7.92 10.11 -9.64
N ARG D 131 -7.59 11.32 -10.07
CA ARG D 131 -8.29 11.90 -11.21
C ARG D 131 -8.02 11.10 -12.48
N LYS D 132 -9.04 11.00 -13.33
CA LYS D 132 -8.97 10.20 -14.54
C LYS D 132 -9.32 11.06 -15.74
N PHE D 133 -8.51 10.97 -16.78
CA PHE D 133 -8.79 11.63 -18.05
C PHE D 133 -9.15 10.58 -19.10
N VAL D 134 -9.61 11.06 -20.25
CA VAL D 134 -10.13 10.21 -21.32
C VAL D 134 -9.30 10.45 -22.57
N GLY D 135 -8.88 9.36 -23.21
CA GLY D 135 -8.04 9.49 -24.38
C GLY D 135 -6.63 9.89 -23.98
N ARG D 136 -5.97 10.61 -24.88
CA ARG D 136 -4.61 11.09 -24.65
C ARG D 136 -4.66 12.59 -24.32
N GLU D 137 -3.48 13.19 -24.23
CA GLU D 137 -3.34 14.62 -23.94
C GLU D 137 -4.02 14.95 -22.60
N GLU D 138 -3.42 14.43 -21.53
CA GLU D 138 -3.94 14.61 -20.18
C GLU D 138 -4.27 16.06 -19.91
N TYR D 139 -5.45 16.30 -19.35
CA TYR D 139 -5.97 17.63 -19.13
C TYR D 139 -6.53 17.72 -17.71
N LEU D 140 -6.78 18.95 -17.27
CA LEU D 140 -7.37 19.19 -15.96
C LEU D 140 -8.87 19.47 -16.05
N PHE D 141 -9.26 20.46 -16.85
CA PHE D 141 -10.65 20.79 -17.11
C PHE D 141 -11.02 20.48 -18.56
N PRO D 142 -12.24 20.04 -18.83
CA PRO D 142 -12.65 19.79 -20.21
C PRO D 142 -12.61 21.06 -21.03
N PRO D 143 -11.82 21.09 -22.11
CA PRO D 143 -11.69 22.31 -22.91
C PRO D 143 -12.98 22.63 -23.64
N VAL D 144 -13.11 23.90 -24.02
CA VAL D 144 -14.34 24.38 -24.65
C VAL D 144 -14.52 23.74 -26.02
N GLN D 145 -13.46 23.72 -26.84
CA GLN D 145 -13.55 23.23 -28.21
C GLN D 145 -12.53 22.12 -28.43
N GLY D 146 -12.99 21.03 -29.01
CA GLY D 146 -12.12 19.91 -29.33
C GLY D 146 -12.93 18.80 -29.95
N LYS D 147 -12.22 17.73 -30.32
CA LYS D 147 -12.91 16.58 -30.88
C LYS D 147 -13.72 15.87 -29.79
N LEU D 148 -14.71 15.10 -30.22
CA LEU D 148 -15.65 14.46 -29.32
C LEU D 148 -15.46 12.95 -29.36
N VAL D 149 -15.26 12.34 -28.19
CA VAL D 149 -15.04 10.91 -28.07
C VAL D 149 -16.10 10.32 -27.14
N LYS D 150 -15.99 9.02 -26.91
CA LYS D 150 -16.96 8.28 -26.11
C LYS D 150 -16.50 8.22 -24.65
N CYS D 151 -17.10 9.05 -23.81
CA CYS D 151 -16.92 8.97 -22.37
C CYS D 151 -17.99 8.06 -21.77
N HIS D 152 -17.80 7.71 -20.50
CA HIS D 152 -18.78 6.94 -19.74
C HIS D 152 -18.94 7.62 -18.38
N VAL D 153 -20.12 8.20 -18.15
CA VAL D 153 -20.36 9.03 -16.98
C VAL D 153 -21.71 8.66 -16.37
N TYR D 154 -21.75 8.63 -15.04
CA TYR D 154 -23.03 8.45 -14.35
C TYR D 154 -23.97 9.59 -14.69
N ASP D 155 -25.25 9.28 -14.81
CA ASP D 155 -26.28 10.28 -15.08
C ASP D 155 -26.99 10.65 -13.79
N ARG D 156 -27.17 11.96 -13.58
CA ARG D 156 -27.71 12.45 -12.32
C ARG D 156 -29.15 12.02 -12.08
N LEU D 157 -29.88 11.62 -13.13
CA LEU D 157 -31.26 11.23 -12.96
C LEU D 157 -31.36 9.98 -12.10
N LYS D 158 -32.21 10.05 -11.06
CA LYS D 158 -32.31 8.96 -10.10
C LYS D 158 -33.19 7.82 -10.57
N GLU D 159 -33.90 7.97 -11.68
CA GLU D 159 -34.86 6.96 -12.10
C GLU D 159 -34.21 5.79 -12.85
N THR D 160 -32.91 5.83 -13.09
CA THR D 160 -32.23 4.75 -13.76
C THR D 160 -31.95 3.61 -12.78
N SER D 161 -31.27 2.57 -13.25
CA SER D 161 -31.00 1.41 -12.42
C SER D 161 -29.94 0.55 -13.07
N ALA D 162 -28.91 0.19 -12.30
CA ALA D 162 -27.90 -0.77 -12.76
C ALA D 162 -27.38 -1.50 -11.53
N GLY D 163 -27.96 -2.65 -11.24
CA GLY D 163 -27.55 -3.42 -10.09
C GLY D 163 -28.70 -4.26 -9.57
N TYR D 164 -28.40 -4.98 -8.48
CA TYR D 164 -29.36 -5.92 -7.91
C TYR D 164 -29.01 -6.10 -6.43
N ILE D 165 -29.73 -5.41 -5.57
CA ILE D 165 -29.47 -5.45 -4.13
C ILE D 165 -30.56 -6.29 -3.46
N THR D 166 -30.24 -6.80 -2.28
CA THR D 166 -31.12 -7.70 -1.56
C THR D 166 -31.33 -7.23 -0.13
N MET D 167 -32.44 -7.66 0.46
CA MET D 167 -32.73 -7.46 1.87
C MET D 167 -33.22 -8.77 2.47
N HIS D 168 -33.06 -8.90 3.79
CA HIS D 168 -33.42 -10.11 4.51
C HIS D 168 -34.20 -9.73 5.78
N ARG D 169 -34.63 -10.75 6.51
CA ARG D 169 -35.34 -10.51 7.75
C ARG D 169 -34.43 -9.87 8.78
N PRO D 170 -34.91 -8.88 9.53
CA PRO D 170 -34.08 -8.29 10.59
C PRO D 170 -33.89 -9.28 11.74
N GLY D 171 -32.64 -9.50 12.10
CA GLY D 171 -32.31 -10.47 13.11
C GLY D 171 -32.60 -9.96 14.52
N PRO D 172 -32.34 -10.83 15.50
CA PRO D 172 -32.55 -10.43 16.90
C PRO D 172 -31.60 -9.31 17.30
N HIS D 173 -32.08 -8.47 18.23
CA HIS D 173 -31.31 -7.34 18.72
C HIS D 173 -31.61 -7.20 20.21
N ALA D 174 -30.68 -7.64 21.05
CA ALA D 174 -30.86 -7.61 22.49
C ALA D 174 -30.30 -6.31 23.06
N TYR D 175 -30.92 -5.85 24.15
CA TYR D 175 -30.51 -4.63 24.84
C TYR D 175 -30.16 -4.97 26.27
N LYS D 176 -29.01 -4.46 26.74
CA LYS D 176 -28.58 -4.73 28.09
C LYS D 176 -29.44 -4.01 29.13
N SER D 177 -30.23 -3.02 28.72
CA SER D 177 -31.09 -2.29 29.64
C SER D 177 -32.45 -2.95 29.83
N TYR D 178 -32.65 -4.14 29.30
CA TYR D 178 -33.87 -4.91 29.55
C TYR D 178 -33.71 -5.88 30.71
N LEU D 179 -32.59 -5.82 31.43
CA LEU D 179 -32.32 -6.69 32.55
C LEU D 179 -32.07 -5.86 33.80
N LYS D 180 -32.33 -6.47 34.96
CA LYS D 180 -32.09 -5.83 36.25
C LYS D 180 -31.40 -6.82 37.17
N GLU D 181 -30.72 -6.29 38.18
CA GLU D 181 -29.94 -7.07 39.13
C GLU D 181 -30.22 -6.60 40.55
N ALA D 182 -31.51 -6.55 40.90
CA ALA D 182 -31.97 -5.82 42.08
C ALA D 182 -31.28 -6.27 43.38
N SER D 183 -31.56 -7.48 43.84
CA SER D 183 -30.92 -7.96 45.07
C SER D 183 -30.04 -9.19 44.82
N GLY D 184 -30.61 -10.30 44.36
CA GLY D 184 -29.83 -11.47 44.06
C GLY D 184 -30.16 -12.08 42.71
N GLU D 185 -31.33 -11.75 42.19
CA GLU D 185 -31.88 -12.34 40.98
C GLU D 185 -32.05 -11.26 39.92
N VAL D 186 -32.59 -11.67 38.77
CA VAL D 186 -32.73 -10.79 37.61
C VAL D 186 -34.19 -10.44 37.41
N TYR D 187 -34.40 -9.21 36.95
CA TYR D 187 -35.73 -8.71 36.61
C TYR D 187 -35.72 -8.29 35.15
N ILE D 188 -36.58 -8.91 34.34
CA ILE D 188 -36.72 -8.56 32.94
C ILE D 188 -37.79 -7.48 32.85
N LYS D 189 -37.38 -6.29 32.42
CA LYS D 189 -38.27 -5.12 32.40
C LYS D 189 -38.51 -4.65 30.98
N PRO D 190 -39.66 -4.95 30.40
CA PRO D 190 -39.97 -4.48 29.04
C PRO D 190 -40.19 -2.99 29.01
N PRO D 191 -40.12 -2.36 27.83
CA PRO D 191 -40.42 -0.93 27.73
C PRO D 191 -41.90 -0.63 27.95
N SER D 192 -42.26 0.65 27.85
CA SER D 192 -43.63 1.06 28.09
C SER D 192 -44.51 0.72 26.88
N GLY D 193 -45.51 -0.14 27.09
CA GLY D 193 -46.46 -0.46 26.05
C GLY D 193 -45.87 -1.19 24.85
N LYS D 194 -44.97 -2.12 25.10
CA LYS D 194 -44.39 -2.93 24.03
C LYS D 194 -44.11 -4.33 24.55
N ASN D 195 -43.98 -5.27 23.62
CA ASN D 195 -43.74 -6.67 23.97
C ASN D 195 -42.35 -7.15 23.59
N VAL D 196 -41.68 -7.75 24.56
CA VAL D 196 -40.33 -8.29 24.38
C VAL D 196 -40.37 -9.77 24.72
N THR D 197 -39.40 -10.50 24.18
CA THR D 197 -39.29 -11.93 24.41
C THR D 197 -37.93 -12.26 24.99
N TYR D 198 -37.91 -13.12 26.00
CA TYR D 198 -36.65 -13.50 26.63
C TYR D 198 -36.38 -14.98 26.48
N GLU D 199 -35.20 -15.31 25.96
CA GLU D 199 -34.79 -16.70 25.81
C GLU D 199 -33.51 -16.83 26.62
N CYS D 200 -33.50 -17.77 27.57
CA CYS D 200 -32.32 -17.95 28.40
C CYS D 200 -32.15 -19.36 28.95
N LYS D 201 -30.91 -19.67 29.30
CA LYS D 201 -30.55 -20.96 29.88
C LYS D 201 -30.27 -20.73 31.37
N CYS D 202 -31.20 -20.04 32.04
CA CYS D 202 -31.10 -19.84 33.48
C CYS D 202 -31.43 -21.17 34.16
N GLY D 203 -30.39 -21.90 34.55
CA GLY D 203 -30.56 -23.23 35.09
C GLY D 203 -30.84 -24.24 33.98
N ASP D 204 -31.94 -24.05 33.27
CA ASP D 204 -32.25 -24.84 32.09
C ASP D 204 -32.83 -23.90 31.03
N TYR D 205 -32.78 -24.35 29.78
CA TYR D 205 -33.27 -23.54 28.67
C TYR D 205 -34.75 -23.25 28.84
N SER D 206 -35.12 -21.98 28.66
CA SER D 206 -36.50 -21.55 28.84
C SER D 206 -36.75 -20.32 27.99
N THR D 207 -38.03 -20.06 27.71
CA THR D 207 -38.43 -18.90 26.93
C THR D 207 -39.83 -18.48 27.33
N GLY D 208 -40.16 -17.23 27.05
CA GLY D 208 -41.48 -16.71 27.36
C GLY D 208 -41.69 -15.34 26.73
N ILE D 209 -42.95 -14.96 26.63
CA ILE D 209 -43.36 -13.69 26.06
C ILE D 209 -44.17 -12.93 27.10
N VAL D 210 -43.78 -11.69 27.37
CA VAL D 210 -44.44 -10.85 28.37
C VAL D 210 -44.22 -9.39 28.00
N SER D 211 -45.07 -8.52 28.55
CA SER D 211 -44.98 -7.09 28.32
C SER D 211 -44.75 -6.28 29.59
N THR D 212 -44.68 -6.94 30.74
CA THR D 212 -44.44 -6.25 32.01
C THR D 212 -43.36 -7.00 32.79
N GLN D 213 -42.76 -6.30 33.74
CA GLN D 213 -41.67 -6.89 34.51
C GLN D 213 -42.14 -8.11 35.29
N THR D 214 -41.31 -9.14 35.26
CA THR D 214 -41.61 -10.39 35.96
C THR D 214 -40.36 -10.87 36.69
N LYS D 215 -40.53 -11.94 37.46
CA LYS D 215 -39.45 -12.52 38.25
C LYS D 215 -39.03 -13.87 37.68
N MET D 216 -37.74 -14.01 37.40
CA MET D 216 -37.19 -15.25 36.90
C MET D 216 -36.94 -16.24 38.05
N ASN D 217 -36.80 -17.51 37.68
CA ASN D 217 -36.57 -18.59 38.63
C ASN D 217 -35.16 -19.15 38.43
N GLY D 218 -34.39 -19.21 39.51
CA GLY D 218 -33.08 -19.79 39.47
C GLY D 218 -31.99 -18.92 38.89
N CYS D 219 -32.25 -17.62 38.73
CA CYS D 219 -31.27 -16.69 38.17
C CYS D 219 -30.50 -16.01 39.29
N THR D 220 -29.21 -15.77 39.05
CA THR D 220 -28.35 -15.12 40.02
C THR D 220 -27.55 -13.95 39.46
N LYS D 221 -27.33 -13.93 38.15
CA LYS D 221 -26.59 -12.88 37.48
C LYS D 221 -27.38 -12.27 36.33
N ALA D 222 -27.30 -10.95 36.19
CA ALA D 222 -28.00 -10.22 35.13
C ALA D 222 -27.51 -10.62 33.74
N ARG D 223 -26.23 -10.87 33.61
CA ARG D 223 -25.64 -11.21 32.32
C ARG D 223 -26.20 -12.50 31.74
N GLN D 224 -26.44 -13.49 32.60
CA GLN D 224 -26.92 -14.79 32.14
C GLN D 224 -28.21 -14.73 31.30
N CYS D 225 -29.14 -13.86 31.66
CA CYS D 225 -30.39 -13.78 30.92
C CYS D 225 -30.53 -12.49 30.12
N ILE D 226 -30.85 -12.64 28.83
CA ILE D 226 -31.03 -11.50 27.94
C ILE D 226 -32.39 -11.53 27.25
N ALA D 227 -33.07 -10.38 27.24
CA ALA D 227 -34.39 -10.27 26.61
C ALA D 227 -34.41 -9.23 25.49
N TYR D 228 -34.97 -9.62 24.34
CA TYR D 228 -35.05 -8.73 23.19
C TYR D 228 -36.51 -8.57 22.78
N LYS D 229 -36.77 -7.54 21.98
CA LYS D 229 -38.11 -7.24 21.52
C LYS D 229 -38.44 -7.99 20.23
N LEU D 230 -39.73 -8.02 19.90
CA LEU D 230 -40.22 -8.74 18.73
C LEU D 230 -40.99 -7.85 17.77
N ASP D 231 -40.76 -6.53 17.82
CA ASP D 231 -41.48 -5.58 16.98
C ASP D 231 -40.65 -5.13 15.78
N GLN D 232 -39.82 -6.02 15.24
CA GLN D 232 -38.98 -5.73 14.09
C GLN D 232 -39.42 -6.63 12.94
N THR D 233 -39.96 -6.03 11.88
CA THR D 233 -40.43 -6.77 10.72
C THR D 233 -39.98 -6.20 9.39
N LYS D 234 -39.64 -4.91 9.32
CA LYS D 234 -39.25 -4.30 8.06
C LYS D 234 -37.92 -4.85 7.58
N TRP D 235 -37.79 -4.98 6.26
CA TRP D 235 -36.63 -5.62 5.67
C TRP D 235 -35.38 -4.76 5.82
N VAL D 236 -34.24 -5.42 5.98
CA VAL D 236 -32.95 -4.76 6.20
C VAL D 236 -31.90 -5.40 5.30
N PHE D 237 -30.93 -4.59 4.88
CA PHE D 237 -29.82 -5.07 4.07
C PHE D 237 -28.97 -6.06 4.85
N ASN D 238 -28.28 -6.95 4.13
CA ASN D 238 -27.47 -7.98 4.77
C ASN D 238 -26.02 -7.53 4.96
N SER D 239 -25.83 -6.40 5.64
CA SER D 239 -24.49 -5.91 5.90
C SER D 239 -23.73 -6.87 6.80
N PRO D 240 -22.41 -6.93 6.69
CA PRO D 240 -21.62 -7.87 7.51
C PRO D 240 -21.46 -7.47 8.97
N ASP D 241 -22.22 -6.49 9.45
CA ASP D 241 -22.19 -6.10 10.86
C ASP D 241 -23.52 -6.35 11.55
N LEU D 242 -24.37 -7.19 10.98
CA LEU D 242 -25.66 -7.55 11.56
C LEU D 242 -25.65 -9.02 11.96
N ILE D 243 -26.78 -9.46 12.52
CA ILE D 243 -26.98 -10.85 12.91
C ILE D 243 -28.08 -11.42 12.04
N ARG D 244 -27.78 -12.50 11.32
CA ARG D 244 -28.73 -13.08 10.39
C ARG D 244 -29.88 -13.75 11.15
N HIS D 245 -31.05 -13.77 10.50
CA HIS D 245 -32.20 -14.43 11.06
C HIS D 245 -32.05 -15.94 10.95
N THR D 246 -33.07 -16.67 11.43
CA THR D 246 -32.99 -18.13 11.42
C THR D 246 -33.08 -18.72 10.02
N ASP D 247 -33.64 -17.99 9.06
CA ASP D 247 -33.76 -18.46 7.68
C ASP D 247 -32.91 -17.66 6.72
N HIS D 248 -33.01 -16.33 6.76
CA HIS D 248 -32.18 -15.44 5.94
C HIS D 248 -32.33 -15.75 4.45
N SER D 249 -33.55 -15.56 3.95
CA SER D 249 -33.84 -15.71 2.53
C SER D 249 -34.00 -14.34 1.89
N VAL D 250 -33.80 -14.31 0.57
CA VAL D 250 -34.00 -13.07 -0.17
C VAL D 250 -35.50 -12.79 -0.25
N GLN D 251 -35.91 -11.64 0.29
CA GLN D 251 -37.32 -11.29 0.43
C GLN D 251 -37.57 -9.88 -0.05
N GLY D 252 -37.05 -9.56 -1.24
CA GLY D 252 -37.24 -8.24 -1.80
C GLY D 252 -35.96 -7.66 -2.38
N LYS D 253 -36.10 -6.72 -3.31
CA LYS D 253 -34.95 -6.15 -4.00
C LYS D 253 -35.22 -4.68 -4.26
N LEU D 254 -34.14 -3.92 -4.45
CA LEU D 254 -34.23 -2.52 -4.84
C LEU D 254 -33.13 -2.23 -5.85
N HIS D 255 -33.30 -1.12 -6.57
CA HIS D 255 -32.39 -0.76 -7.64
C HIS D 255 -31.16 -0.05 -7.08
N ILE D 256 -30.11 -0.02 -7.90
CA ILE D 256 -28.94 0.79 -7.62
C ILE D 256 -28.96 1.96 -8.60
N PRO D 257 -29.36 3.16 -8.17
CA PRO D 257 -29.55 4.26 -9.11
C PRO D 257 -28.26 4.76 -9.74
N PHE D 258 -28.39 5.71 -10.67
CA PHE D 258 -27.26 6.33 -11.35
C PHE D 258 -26.46 5.30 -12.15
N ARG D 259 -27.13 4.71 -13.13
CA ARG D 259 -26.49 3.75 -14.01
C ARG D 259 -25.41 4.42 -14.86
N LEU D 260 -24.53 3.61 -15.41
CA LEU D 260 -23.47 4.10 -16.28
C LEU D 260 -23.96 4.11 -17.73
N THR D 261 -23.79 5.24 -18.40
CA THR D 261 -24.27 5.41 -19.77
C THR D 261 -23.20 6.05 -20.63
N PRO D 262 -23.18 5.73 -21.93
CA PRO D 262 -22.29 6.45 -22.84
C PRO D 262 -22.78 7.86 -23.09
N THR D 263 -21.84 8.76 -23.41
CA THR D 263 -22.16 10.16 -23.59
C THR D 263 -21.05 10.83 -24.38
N VAL D 264 -21.43 11.65 -25.35
CA VAL D 264 -20.46 12.41 -26.14
C VAL D 264 -19.66 13.31 -25.20
N CYS D 265 -18.37 13.46 -25.51
CA CYS D 265 -17.43 13.97 -24.52
C CYS D 265 -16.26 14.71 -25.15
N PRO D 266 -15.90 15.89 -24.67
CA PRO D 266 -14.80 16.65 -25.27
C PRO D 266 -13.44 16.18 -24.79
N VAL D 267 -12.42 16.60 -25.53
CA VAL D 267 -11.03 16.24 -25.24
C VAL D 267 -10.12 17.19 -26.04
N PRO D 268 -9.05 17.69 -25.45
CA PRO D 268 -8.24 18.70 -26.14
C PRO D 268 -7.46 18.15 -27.32
N LEU D 269 -7.07 19.06 -28.20
CA LEU D 269 -6.22 18.76 -29.35
C LEU D 269 -4.84 19.39 -29.12
N ALA D 270 -3.80 18.58 -29.30
CA ALA D 270 -2.45 19.04 -29.07
C ALA D 270 -1.98 19.95 -30.19
N HIS D 271 -0.87 20.65 -29.94
CA HIS D 271 -0.27 21.52 -30.95
C HIS D 271 0.25 20.69 -32.11
N THR D 272 -0.02 21.16 -33.33
CA THR D 272 0.38 20.42 -34.53
C THR D 272 1.89 20.35 -34.62
N PRO D 273 2.47 19.18 -34.87
CA PRO D 273 3.94 19.08 -34.96
C PRO D 273 4.48 19.76 -36.19
N THR D 274 5.72 20.22 -36.09
CA THR D 274 6.43 20.83 -37.21
C THR D 274 7.44 19.79 -37.73
N VAL D 275 7.28 19.39 -38.99
CA VAL D 275 8.10 18.34 -39.58
C VAL D 275 9.21 18.96 -40.41
N THR D 276 10.40 18.38 -40.31
CA THR D 276 11.51 18.70 -41.19
C THR D 276 11.92 17.43 -41.93
N LYS D 277 12.21 17.57 -43.22
CA LYS D 277 12.45 16.44 -44.09
C LYS D 277 13.95 16.27 -44.32
N TRP D 278 14.46 15.07 -44.02
CA TRP D 278 15.83 14.71 -44.32
C TRP D 278 15.82 13.31 -44.93
N PHE D 279 16.90 12.99 -45.64
CA PHE D 279 16.94 11.76 -46.44
C PHE D 279 16.67 10.53 -45.57
N LYS D 280 15.67 9.75 -45.97
CA LYS D 280 15.30 8.51 -45.28
C LYS D 280 15.09 8.73 -43.79
N GLY D 281 14.34 9.78 -43.46
CA GLY D 281 14.08 10.07 -42.07
C GLY D 281 13.06 11.19 -41.91
N ILE D 282 12.67 11.40 -40.66
CA ILE D 282 11.73 12.46 -40.28
C ILE D 282 12.19 13.03 -38.94
N THR D 283 12.10 14.34 -38.80
CA THR D 283 12.46 15.02 -37.56
C THR D 283 11.25 15.83 -37.12
N LEU D 284 10.43 15.24 -36.25
CA LEU D 284 9.30 15.97 -35.69
C LEU D 284 9.79 16.97 -34.65
N HIS D 285 9.14 18.14 -34.62
CA HIS D 285 9.45 19.18 -33.65
C HIS D 285 8.22 19.37 -32.76
N LEU D 286 8.16 18.60 -31.69
CA LEU D 286 6.97 18.53 -30.86
C LEU D 286 6.98 19.63 -29.79
N THR D 287 5.82 19.80 -29.15
CA THR D 287 5.69 20.68 -28.00
C THR D 287 4.40 20.32 -27.27
N ALA D 288 4.45 20.36 -25.94
CA ALA D 288 3.28 20.04 -25.12
C ALA D 288 3.58 20.47 -23.69
N THR D 289 2.60 21.12 -23.07
CA THR D 289 2.72 21.55 -21.68
C THR D 289 2.22 20.51 -20.70
N ARG D 290 1.62 19.43 -21.17
CA ARG D 290 1.09 18.36 -20.33
C ARG D 290 1.36 17.04 -21.02
N PRO D 291 1.40 15.93 -20.25
CA PRO D 291 1.73 14.62 -20.84
C PRO D 291 0.91 14.28 -22.08
N THR D 292 1.58 14.14 -23.22
CA THR D 292 0.96 13.81 -24.49
C THR D 292 1.62 12.55 -25.04
N LEU D 293 0.81 11.69 -25.65
CA LEU D 293 1.29 10.42 -26.18
C LEU D 293 1.51 10.53 -27.68
N LEU D 294 2.69 10.12 -28.13
CA LEU D 294 3.01 10.01 -29.55
C LEU D 294 3.34 8.55 -29.86
N THR D 295 2.67 7.99 -30.85
CA THR D 295 2.87 6.59 -31.22
C THR D 295 3.12 6.48 -32.72
N THR D 296 4.06 5.60 -33.09
CA THR D 296 4.43 5.38 -34.47
C THR D 296 4.43 3.89 -34.76
N ARG D 297 4.46 3.55 -36.05
CA ARG D 297 4.63 2.18 -36.47
C ARG D 297 5.03 2.17 -37.94
N LYS D 298 5.60 1.05 -38.37
CA LYS D 298 6.01 0.89 -39.75
C LYS D 298 4.87 0.32 -40.58
N LEU D 299 5.09 0.21 -41.89
CA LEU D 299 4.14 -0.40 -42.80
C LEU D 299 4.65 -1.70 -43.39
N GLY D 300 5.82 -2.16 -43.00
CA GLY D 300 6.39 -3.40 -43.50
C GLY D 300 5.95 -4.60 -42.70
N LEU D 301 6.71 -5.69 -42.84
CA LEU D 301 6.36 -6.93 -42.15
C LEU D 301 6.59 -6.82 -40.64
N ARG D 302 7.57 -6.02 -40.22
CA ARG D 302 7.87 -5.83 -38.81
C ARG D 302 7.42 -4.45 -38.37
N ALA D 303 6.64 -4.41 -37.29
CA ALA D 303 5.99 -3.18 -36.86
C ALA D 303 6.90 -2.25 -36.07
N ASP D 304 7.76 -2.80 -35.20
CA ASP D 304 8.62 -2.07 -34.28
C ASP D 304 7.96 -0.81 -33.73
N ALA D 305 6.73 -0.95 -33.27
CA ALA D 305 5.94 0.19 -32.81
C ALA D 305 6.57 0.81 -31.56
N THR D 306 6.30 2.09 -31.37
CA THR D 306 6.83 2.86 -30.26
C THR D 306 5.78 3.82 -29.75
N ALA D 307 5.56 3.81 -28.44
CA ALA D 307 4.64 4.75 -27.80
C ALA D 307 5.31 5.32 -26.57
N GLU D 308 5.26 6.64 -26.44
CA GLU D 308 6.01 7.32 -25.38
C GLU D 308 5.29 8.59 -24.98
N TRP D 309 5.14 8.79 -23.67
CA TRP D 309 4.53 10.01 -23.14
C TRP D 309 5.59 11.09 -23.02
N ILE D 310 5.40 12.20 -23.70
CA ILE D 310 6.31 13.34 -23.61
C ILE D 310 5.60 14.47 -22.88
N THR D 311 6.40 15.33 -22.24
CA THR D 311 5.84 16.43 -21.46
C THR D 311 6.51 17.77 -21.66
N GLY D 312 7.65 17.84 -22.36
CA GLY D 312 8.34 19.09 -22.57
C GLY D 312 8.27 19.56 -24.01
N THR D 313 9.25 20.38 -24.39
CA THR D 313 9.42 20.83 -25.77
C THR D 313 10.68 20.16 -26.30
N THR D 314 10.50 19.06 -27.02
CA THR D 314 11.60 18.23 -27.47
C THR D 314 11.36 17.82 -28.92
N SER D 315 12.36 17.15 -29.49
CA SER D 315 12.30 16.68 -30.87
C SER D 315 12.71 15.23 -30.93
N ARG D 316 11.98 14.44 -31.72
CA ARG D 316 12.26 13.02 -31.90
C ARG D 316 12.60 12.75 -33.36
N ASN D 317 13.54 11.84 -33.58
CA ASN D 317 13.98 11.45 -34.91
C ASN D 317 13.47 10.05 -35.22
N PHE D 318 12.88 9.90 -36.40
CA PHE D 318 12.37 8.62 -36.87
C PHE D 318 12.98 8.28 -38.21
N SER D 319 12.98 7.00 -38.54
CA SER D 319 13.49 6.50 -39.82
C SER D 319 12.33 5.96 -40.63
N VAL D 320 12.23 6.41 -41.88
CA VAL D 320 11.17 6.00 -42.78
C VAL D 320 11.79 5.32 -43.99
N GLY D 321 11.29 4.13 -44.33
CA GLY D 321 11.77 3.37 -45.46
C GLY D 321 10.97 3.65 -46.71
N ARG D 322 11.10 2.73 -47.68
CA ARG D 322 10.33 2.85 -48.91
C ARG D 322 8.86 2.58 -48.68
N GLU D 323 8.53 1.65 -47.79
CA GLU D 323 7.14 1.33 -47.52
C GLU D 323 6.47 2.36 -46.62
N GLY D 324 7.24 3.19 -45.93
CA GLY D 324 6.70 4.31 -45.18
C GLY D 324 6.26 3.94 -43.78
N LEU D 325 6.00 4.97 -42.99
CA LEU D 325 5.53 4.82 -41.61
C LEU D 325 4.34 5.74 -41.40
N GLU D 326 3.65 5.52 -40.27
CA GLU D 326 2.58 6.41 -39.84
C GLU D 326 2.81 6.75 -38.37
N TYR D 327 2.52 8.00 -38.01
CA TYR D 327 2.66 8.45 -36.63
C TYR D 327 1.39 9.16 -36.20
N VAL D 328 0.93 8.86 -34.99
CA VAL D 328 -0.32 9.42 -34.50
C VAL D 328 0.00 10.28 -33.29
N TRP D 329 0.14 11.59 -33.49
CA TRP D 329 0.51 12.48 -32.41
C TRP D 329 -0.73 13.01 -31.70
N GLY D 330 -0.75 12.85 -30.38
CA GLY D 330 -1.87 13.37 -29.60
C GLY D 330 -3.19 12.73 -30.01
N ASN D 331 -4.23 13.55 -30.11
CA ASN D 331 -5.56 13.11 -30.48
C ASN D 331 -5.81 13.14 -31.98
N HIS D 332 -4.89 13.68 -32.77
CA HIS D 332 -5.14 13.88 -34.19
C HIS D 332 -5.18 12.55 -34.93
N GLU D 333 -5.74 12.59 -36.15
CA GLU D 333 -5.89 11.41 -36.95
C GLU D 333 -4.54 10.92 -37.48
N PRO D 334 -4.42 9.63 -37.78
CA PRO D 334 -3.15 9.12 -38.32
C PRO D 334 -2.79 9.78 -39.64
N VAL D 335 -1.49 9.99 -39.84
CA VAL D 335 -0.96 10.51 -41.08
C VAL D 335 0.16 9.58 -41.55
N ARG D 336 0.20 9.31 -42.85
CA ARG D 336 1.13 8.37 -43.42
C ARG D 336 2.13 9.10 -44.32
N VAL D 337 3.40 8.74 -44.20
CA VAL D 337 4.48 9.39 -44.94
C VAL D 337 5.33 8.31 -45.61
N TRP D 338 5.52 8.45 -46.91
CA TRP D 338 6.38 7.56 -47.68
C TRP D 338 7.65 8.28 -48.10
N ALA D 339 8.76 7.55 -48.10
CA ALA D 339 10.06 8.08 -48.45
C ALA D 339 10.54 7.47 -49.76
N GLN D 340 11.21 8.28 -50.57
CA GLN D 340 11.77 7.86 -51.84
C GLN D 340 13.29 7.99 -51.78
N GLU D 341 13.93 7.78 -52.93
CA GLU D 341 15.38 7.83 -53.02
C GLU D 341 15.83 9.21 -53.46
N SER D 342 16.66 9.86 -52.63
CA SER D 342 17.21 11.17 -52.95
C SER D 342 18.68 11.22 -52.55
N ALA D 343 19.39 10.11 -52.75
CA ALA D 343 20.79 10.05 -52.36
C ALA D 343 21.62 11.03 -53.19
N PRO D 344 22.64 11.66 -52.60
CA PRO D 344 23.46 12.60 -53.37
C PRO D 344 24.23 11.90 -54.48
N GLY D 345 24.50 12.65 -55.54
CA GLY D 345 25.25 12.14 -56.66
C GLY D 345 24.38 11.78 -57.85
N ASP D 346 24.85 12.13 -59.05
CA ASP D 346 24.09 11.85 -60.26
C ASP D 346 24.30 10.40 -60.68
N PRO D 347 23.22 9.64 -60.92
CA PRO D 347 23.36 8.28 -61.44
C PRO D 347 23.94 8.21 -62.84
N HIS D 348 24.19 9.34 -63.49
CA HIS D 348 24.79 9.40 -64.82
C HIS D 348 26.05 10.25 -64.78
N GLY D 349 26.76 10.22 -63.67
CA GLY D 349 27.95 11.07 -63.50
C GLY D 349 29.08 10.63 -64.40
N TRP D 350 29.67 11.60 -65.11
CA TRP D 350 30.84 11.33 -65.94
C TRP D 350 32.02 10.81 -65.13
N PRO D 351 32.39 11.38 -63.96
CA PRO D 351 33.45 10.77 -63.16
C PRO D 351 32.98 9.50 -62.48
N HIS D 352 33.85 8.89 -61.65
CA HIS D 352 33.58 7.61 -61.04
C HIS D 352 32.75 7.71 -59.77
N GLU D 353 31.99 8.79 -59.61
CA GLU D 353 31.13 8.99 -58.46
C GLU D 353 29.76 8.33 -58.62
N ILE D 354 29.67 7.31 -59.48
CA ILE D 354 28.43 6.53 -59.57
C ILE D 354 28.22 5.71 -58.31
N ILE D 355 29.30 5.33 -57.63
CA ILE D 355 29.20 4.42 -56.49
C ILE D 355 28.53 5.12 -55.30
N ILE D 356 28.85 6.40 -55.08
CA ILE D 356 28.41 7.07 -53.86
C ILE D 356 26.88 7.17 -53.81
N HIS D 357 26.25 7.48 -54.95
CA HIS D 357 24.79 7.47 -54.98
C HIS D 357 24.25 6.07 -54.77
N TYR D 358 24.89 5.07 -55.35
CA TYR D 358 24.51 3.67 -55.16
C TYR D 358 25.04 3.10 -53.85
N TYR D 359 25.64 3.93 -53.00
CA TYR D 359 26.14 3.50 -51.71
C TYR D 359 25.16 3.80 -50.57
N HIS D 360 24.58 5.00 -50.54
CA HIS D 360 23.56 5.30 -49.55
C HIS D 360 22.36 4.37 -49.72
N ARG D 361 21.85 4.26 -50.95
CA ARG D 361 20.90 3.21 -51.27
C ARG D 361 21.64 1.89 -51.38
N HIS D 362 21.09 0.84 -50.77
CA HIS D 362 21.68 -0.49 -50.80
C HIS D 362 23.10 -0.45 -50.25
N PRO D 363 23.28 -0.19 -48.96
CA PRO D 363 24.64 -0.03 -48.42
C PRO D 363 25.52 -1.26 -48.56
N VAL D 364 24.94 -2.45 -48.46
CA VAL D 364 25.72 -3.69 -48.49
C VAL D 364 25.76 -4.31 -49.88
N TYR D 365 24.62 -4.28 -50.60
CA TYR D 365 24.52 -4.94 -51.90
C TYR D 365 25.36 -4.27 -52.97
N THR D 366 25.90 -3.08 -52.73
CA THR D 366 26.77 -2.43 -53.70
C THR D 366 28.25 -2.68 -53.44
N VAL D 367 28.62 -3.09 -52.22
CA VAL D 367 30.02 -3.36 -51.93
C VAL D 367 30.49 -4.62 -52.65
N ILE D 368 29.68 -5.68 -52.62
CA ILE D 368 30.08 -6.93 -53.24
C ILE D 368 30.11 -6.80 -54.76
N VAL D 369 29.20 -6.04 -55.34
CA VAL D 369 29.14 -5.88 -56.79
C VAL D 369 29.97 -4.67 -57.21
N LYS E 1 -1.13 -21.01 33.18
CA LYS E 1 0.20 -20.41 33.03
C LYS E 1 0.24 -19.01 33.62
N THR E 2 1.41 -18.39 33.56
CA THR E 2 1.56 -17.03 34.07
C THR E 2 0.82 -16.04 33.16
N CYS E 3 0.03 -15.17 33.78
CA CYS E 3 -0.72 -14.19 33.02
C CYS E 3 0.21 -13.12 32.46
N ALA E 4 -0.12 -12.64 31.26
CA ALA E 4 0.70 -11.64 30.60
C ALA E 4 0.64 -10.31 31.33
N GLU E 5 1.78 -9.60 31.34
CA GLU E 5 1.82 -8.28 31.96
C GLU E 5 1.07 -7.25 31.12
N SER E 6 0.88 -7.52 29.84
CA SER E 6 0.16 -6.61 28.97
C SER E 6 -1.34 -6.64 29.18
N ASP E 7 -1.87 -7.72 29.76
CA ASP E 7 -3.29 -7.88 29.98
C ASP E 7 -3.66 -7.55 31.42
N PHE E 8 -4.93 -7.23 31.63
CA PHE E 8 -5.44 -6.88 32.95
C PHE E 8 -5.71 -8.16 33.75
N VAL E 9 -5.59 -8.04 35.07
CA VAL E 9 -5.80 -9.16 35.99
C VAL E 9 -7.07 -8.90 36.78
N CYS E 10 -8.05 -9.78 36.63
CA CYS E 10 -9.28 -9.69 37.42
C CYS E 10 -9.07 -10.30 38.79
N ASN E 11 -10.06 -10.10 39.67
CA ASN E 11 -10.04 -10.79 40.95
C ASN E 11 -10.11 -12.30 40.76
N ASN E 12 -10.72 -12.75 39.68
CA ASN E 12 -10.70 -14.15 39.28
C ASN E 12 -9.43 -14.53 38.52
N GLY E 13 -8.58 -13.56 38.20
CA GLY E 13 -7.36 -13.82 37.48
C GLY E 13 -7.51 -13.90 35.97
N GLN E 14 -8.71 -13.69 35.44
CA GLN E 14 -8.93 -13.75 34.00
C GLN E 14 -8.13 -12.65 33.32
N CYS E 15 -7.45 -13.01 32.23
CA CYS E 15 -6.58 -12.08 31.52
C CYS E 15 -7.32 -11.51 30.31
N VAL E 16 -7.49 -10.20 30.29
CA VAL E 16 -8.17 -9.50 29.20
C VAL E 16 -7.34 -8.30 28.78
N PRO E 17 -7.44 -7.85 27.53
CA PRO E 17 -6.66 -6.67 27.10
C PRO E 17 -7.03 -5.43 27.89
N SER E 18 -6.03 -4.55 28.06
CA SER E 18 -6.21 -3.35 28.86
C SER E 18 -7.23 -2.38 28.26
N ARG E 19 -7.50 -2.47 26.96
CA ARG E 19 -8.45 -1.57 26.33
C ARG E 19 -9.85 -1.74 26.90
N TRP E 20 -10.22 -2.99 27.23
CA TRP E 20 -11.57 -3.27 27.71
C TRP E 20 -11.81 -2.74 29.12
N LYS E 21 -10.78 -2.28 29.81
CA LYS E 21 -10.94 -1.74 31.15
C LYS E 21 -11.47 -0.32 31.09
N CYS E 22 -12.39 0.01 32.00
CA CYS E 22 -12.99 1.34 32.12
C CYS E 22 -13.69 1.74 30.83
N ASP E 23 -14.73 0.98 30.48
CA ASP E 23 -15.54 1.28 29.30
C ASP E 23 -17.04 1.16 29.58
N GLY E 24 -17.44 0.98 30.83
CA GLY E 24 -18.85 0.82 31.16
C GLY E 24 -19.47 -0.43 30.59
N ASP E 25 -18.71 -1.53 30.53
CA ASP E 25 -19.19 -2.78 29.96
C ASP E 25 -18.49 -3.95 30.63
N PRO E 26 -19.23 -4.86 31.27
CA PRO E 26 -18.58 -5.97 31.97
C PRO E 26 -17.96 -6.98 31.02
N ASP E 27 -16.64 -6.97 30.92
CA ASP E 27 -15.89 -7.88 30.08
C ASP E 27 -15.30 -9.06 30.84
N CYS E 28 -15.57 -9.17 32.14
CA CYS E 28 -14.93 -10.15 32.99
C CYS E 28 -15.97 -10.70 33.95
N GLU E 29 -15.73 -11.94 34.43
CA GLU E 29 -16.80 -12.71 35.06
C GLU E 29 -17.30 -12.03 36.34
N ASP E 30 -16.39 -11.65 37.23
CA ASP E 30 -16.81 -11.09 38.51
C ASP E 30 -17.11 -9.60 38.45
N GLY E 31 -16.91 -8.96 37.28
CA GLY E 31 -17.25 -7.56 37.15
C GLY E 31 -16.24 -6.59 37.71
N SER E 32 -15.05 -7.06 38.08
CA SER E 32 -14.03 -6.16 38.61
C SER E 32 -13.46 -5.23 37.55
N ASP E 33 -13.72 -5.52 36.27
CA ASP E 33 -13.22 -4.67 35.19
C ASP E 33 -13.90 -3.31 35.18
N GLU E 34 -15.14 -3.20 35.66
CA GLU E 34 -15.84 -1.92 35.72
C GLU E 34 -16.25 -1.55 37.13
N SER E 35 -15.73 -2.24 38.14
CA SER E 35 -16.03 -1.89 39.52
C SER E 35 -15.40 -0.55 39.87
N PRO E 36 -16.03 0.21 40.79
CA PRO E 36 -15.45 1.51 41.18
C PRO E 36 -14.10 1.38 41.87
N GLU E 37 -13.75 0.20 42.39
CA GLU E 37 -12.47 0.04 43.07
C GLU E 37 -11.30 0.11 42.08
N GLN E 38 -11.43 -0.55 40.93
CA GLN E 38 -10.36 -0.59 39.94
C GLN E 38 -10.39 0.59 38.98
N CYS E 39 -11.47 1.37 38.96
CA CYS E 39 -11.58 2.52 38.07
C CYS E 39 -12.14 3.69 38.86
N HIS E 40 -11.43 4.80 38.91
CA HIS E 40 -11.92 5.98 39.63
C HIS E 40 -13.12 6.58 38.91
N MET E 41 -14.14 6.97 39.68
CA MET E 41 -15.35 7.57 39.11
C MET E 41 -15.88 8.71 39.97
N ARG E 42 -16.51 9.70 39.35
CA ARG E 42 -17.37 10.64 40.07
C ARG E 42 -18.77 10.73 39.44
N THR E 43 -18.86 11.48 38.34
CA THR E 43 -20.13 11.65 37.63
C THR E 43 -20.51 10.35 36.94
N CYS E 44 -21.81 10.09 36.80
CA CYS E 44 -22.20 8.84 36.16
C CYS E 44 -22.14 8.99 34.64
N ARG E 45 -22.53 7.91 33.95
CA ARG E 45 -22.53 7.90 32.50
C ARG E 45 -23.64 8.81 31.96
N ILE E 46 -23.62 8.99 30.63
CA ILE E 46 -24.62 9.85 30.00
C ILE E 46 -26.00 9.20 30.07
N HIS E 47 -26.08 7.89 29.93
CA HIS E 47 -27.35 7.18 29.89
C HIS E 47 -27.81 6.72 31.27
N GLU E 48 -27.09 7.04 32.33
CA GLU E 48 -27.43 6.59 33.68
C GLU E 48 -27.33 7.75 34.65
N ILE E 49 -28.27 7.83 35.59
CA ILE E 49 -28.37 8.93 36.54
C ILE E 49 -28.23 8.37 37.95
N SER E 50 -27.48 9.09 38.79
CA SER E 50 -27.32 8.70 40.17
C SER E 50 -28.65 8.79 40.91
N CYS E 51 -28.87 7.86 41.83
CA CYS E 51 -30.14 7.73 42.55
C CYS E 51 -29.89 7.79 44.05
N GLY E 52 -30.54 8.74 44.73
CA GLY E 52 -30.52 8.82 46.17
C GLY E 52 -29.45 9.71 46.76
N ALA E 53 -28.40 10.03 46.00
CA ALA E 53 -27.28 10.85 46.43
C ALA E 53 -26.55 10.26 47.63
N HIS E 54 -26.87 9.03 48.03
CA HIS E 54 -26.19 8.33 49.11
C HIS E 54 -25.58 7.02 48.66
N SER E 55 -26.34 6.19 47.95
CA SER E 55 -25.83 4.93 47.42
C SER E 55 -25.16 5.09 46.06
N THR E 56 -25.36 6.22 45.39
CA THR E 56 -24.79 6.49 44.07
C THR E 56 -25.14 5.39 43.08
N GLN E 57 -26.40 4.95 43.12
CA GLN E 57 -26.88 3.94 42.20
C GLN E 57 -27.23 4.58 40.86
N CYS E 58 -26.76 3.97 39.77
CA CYS E 58 -27.01 4.48 38.42
C CYS E 58 -27.97 3.55 37.70
N ILE E 59 -29.02 4.13 37.13
CA ILE E 59 -30.03 3.38 36.38
C ILE E 59 -30.29 4.10 35.07
N PRO E 60 -30.74 3.38 34.05
CA PRO E 60 -31.01 4.02 32.75
C PRO E 60 -32.05 5.13 32.88
N VAL E 61 -31.86 6.20 32.10
CA VAL E 61 -32.71 7.37 32.20
C VAL E 61 -34.15 7.08 31.79
N SER E 62 -34.39 6.00 31.05
CA SER E 62 -35.76 5.64 30.67
C SER E 62 -36.56 5.09 31.84
N TRP E 63 -35.92 4.81 32.97
CA TRP E 63 -36.61 4.25 34.14
C TRP E 63 -36.99 5.37 35.11
N ARG E 64 -37.95 6.20 34.65
CA ARG E 64 -38.46 7.29 35.46
C ARG E 64 -39.97 7.35 35.34
N CYS E 65 -40.63 7.60 36.47
CA CYS E 65 -42.08 7.73 36.61
C CYS E 65 -42.83 6.71 35.76
N ASP E 66 -42.35 5.46 35.77
CA ASP E 66 -42.99 4.38 35.02
C ASP E 66 -44.04 3.63 35.82
N GLY E 67 -44.16 3.93 37.12
CA GLY E 67 -45.10 3.23 37.99
C GLY E 67 -44.47 2.17 38.86
N GLU E 68 -43.19 1.83 38.64
CA GLU E 68 -42.51 0.81 39.42
C GLU E 68 -41.19 1.37 39.95
N ASN E 69 -40.89 1.07 41.20
CA ASN E 69 -39.65 1.54 41.82
C ASN E 69 -38.46 0.79 41.23
N ASP E 70 -37.33 1.50 41.10
CA ASP E 70 -36.11 0.92 40.57
C ASP E 70 -34.90 1.34 41.40
N CYS E 71 -35.08 1.54 42.70
CA CYS E 71 -34.00 1.92 43.59
C CYS E 71 -34.22 1.30 44.96
N ASP E 72 -33.17 1.29 45.77
CA ASP E 72 -33.29 0.86 47.15
C ASP E 72 -34.04 1.87 48.01
N SER E 73 -34.29 3.07 47.50
CA SER E 73 -35.07 4.10 48.16
C SER E 73 -36.36 4.34 47.38
N GLY E 74 -37.13 5.32 47.85
CA GLY E 74 -38.41 5.63 47.23
C GLY E 74 -38.44 6.95 46.49
N GLU E 75 -37.35 7.29 45.79
CA GLU E 75 -37.26 8.52 45.03
C GLU E 75 -37.31 8.27 43.53
N ASP E 76 -38.10 7.28 43.10
CA ASP E 76 -38.19 6.91 41.69
C ASP E 76 -39.50 7.31 41.03
N GLU E 77 -40.56 7.51 41.81
CA GLU E 77 -41.88 7.78 41.22
C GLU E 77 -42.41 9.14 41.63
N GLU E 78 -41.57 10.17 41.55
CA GLU E 78 -41.97 11.52 41.90
C GLU E 78 -41.16 12.51 41.07
N ASN E 79 -41.61 13.77 41.08
CA ASN E 79 -40.97 14.87 40.35
C ASN E 79 -40.96 14.61 38.85
N CYS E 80 -41.92 13.83 38.35
CA CYS E 80 -42.08 13.60 36.92
C CYS E 80 -43.39 14.22 36.45
N GLY E 81 -43.36 14.80 35.26
CA GLY E 81 -44.54 15.45 34.72
C GLY E 81 -45.60 14.45 34.30
N ASN E 82 -46.78 14.99 34.01
CA ASN E 82 -47.92 14.17 33.59
C ASN E 82 -47.68 13.59 32.19
#